data_7U7H
#
_entry.id   7U7H
#
_cell.length_a   127.516
_cell.length_b   127.516
_cell.length_c   177.300
_cell.angle_alpha   90.000
_cell.angle_beta   90.000
_cell.angle_gamma   120.000
#
_symmetry.space_group_name_H-M   'P 31'
#
loop_
_entity.id
_entity.type
_entity.pdbx_description
1 polymer '7-keto-8-aminopelargonate synthetase-like enzyme'
2 non-polymer "PYRIDOXAL-5'-PHOSPHATE"
#
_entity_poly.entity_id   1
_entity_poly.type   'polypeptide(L)'
_entity_poly.pdbx_seq_one_letter_code
;(MSE)GSSHHHHHHSSGLVPRGSH(MSE)VDIFARLEKNAGGPIGQY(MSE)SYAHGYFAFPKLEGEIGPH(MSE)VFRG
KK(MSE)LNWSLNNYLGLANHPEVRKADAEGAAKFG(MSE)AAP(MSE)GAR(MSE)(MSE)SGQTVYHEQLERELAEFV
GKEDAFLLNFGYQG(MSE)ISIIDCLLTPRDVVVYDAEAHACIIDGLRLHKGKRFVYGHND(MSE)DSLRLQLQHATDLA
EEQKGGVLVITEGVFG(MSE)KGDLGKLDEIVALKKDFQFRLLVDDAHGFGT(MSE)GEGGRGTASHFGVTDGVDVLFNT
FAKS(MSE)AGIGAFVCGPRWLVNLLRYN(MSE)RSQLYAKSLP(MSE)P(MSE)V(MSE)GALKRLELIRNHPEYQQKL
WEIVRALQNGLKENGFEIGVTNSPVTPVF(MSE)KGGIPEATNLIVDLRENHGIFCSIVIYPVIPKGEIILRVIPTAAHT
LDDVNYTIAAFKSVRDKLEGGIYAQ(MSE)PIPVRADEGFKVR
;
_entity_poly.pdbx_strand_id   A,B,C,D,E,F
#
# COMPACT_ATOMS: atom_id res chain seq x y z
N VAL A 22 32.07 32.86 22.29
CA VAL A 22 31.94 33.72 21.12
C VAL A 22 30.71 33.25 20.35
N ASP A 23 29.69 34.10 20.30
CA ASP A 23 28.47 33.78 19.58
C ASP A 23 28.78 33.53 18.10
N ILE A 24 28.15 32.49 17.54
CA ILE A 24 28.46 32.09 16.17
C ILE A 24 28.24 33.25 15.21
N PHE A 25 27.09 33.92 15.30
CA PHE A 25 26.81 35.05 14.43
C PHE A 25 27.84 36.15 14.62
N ALA A 26 28.26 36.40 15.86
CA ALA A 26 29.23 37.46 16.12
C ALA A 26 30.55 37.18 15.43
N ARG A 27 31.04 35.94 15.51
CA ARG A 27 32.30 35.59 14.86
C ARG A 27 32.20 35.74 13.35
N LEU A 28 31.12 35.22 12.76
CA LEU A 28 30.93 35.34 11.32
C LEU A 28 30.63 36.78 10.92
N GLU A 29 30.02 37.56 11.81
CA GLU A 29 29.56 38.91 11.47
C GLU A 29 30.71 39.78 11.01
N LYS A 30 31.61 40.12 11.93
CA LYS A 30 32.69 41.04 11.63
C LYS A 30 34.05 40.36 11.59
N ASN A 31 34.33 39.47 12.55
CA ASN A 31 35.62 38.81 12.58
C ASN A 31 35.86 37.99 11.31
N ALA A 32 34.81 37.38 10.78
CA ALA A 32 34.92 36.65 9.52
C ALA A 32 34.42 37.47 8.32
N GLY A 33 33.56 38.46 8.55
CA GLY A 33 33.04 39.25 7.43
C GLY A 33 34.02 40.27 6.89
N GLY A 34 34.94 40.75 7.72
CA GLY A 34 35.88 41.78 7.34
C GLY A 34 36.92 41.41 6.29
N PRO A 35 37.63 40.29 6.48
CA PRO A 35 38.70 39.95 5.52
C PRO A 35 38.22 39.75 4.09
N ILE A 36 37.21 38.89 3.88
CA ILE A 36 36.69 38.64 2.54
C ILE A 36 35.67 39.68 2.10
N GLY A 37 35.21 40.53 3.01
CA GLY A 37 34.23 41.54 2.64
C GLY A 37 34.77 42.54 1.64
N GLN A 38 36.08 42.80 1.67
CA GLN A 38 36.66 43.73 0.71
C GLN A 38 36.53 43.21 -0.71
N TYR A 39 36.79 41.92 -0.92
CA TYR A 39 36.62 41.31 -2.24
C TYR A 39 35.20 41.51 -2.75
N SER A 41 33.09 43.75 -1.97
CA SER A 41 32.80 45.15 -2.20
C SER A 41 33.01 45.54 -3.66
N TYR A 42 34.16 45.16 -4.22
CA TYR A 42 34.52 45.59 -5.56
C TYR A 42 34.29 44.53 -6.64
N ALA A 43 33.96 43.28 -6.26
CA ALA A 43 33.89 42.21 -7.24
C ALA A 43 32.48 41.77 -7.60
N HIS A 44 31.50 42.01 -6.72
CA HIS A 44 30.17 41.46 -6.95
C HIS A 44 29.51 42.06 -8.18
N GLY A 45 29.35 41.26 -9.23
CA GLY A 45 28.78 41.69 -10.47
C GLY A 45 29.77 41.71 -11.61
N TYR A 46 31.07 41.77 -11.30
CA TYR A 46 32.11 41.86 -12.31
C TYR A 46 33.10 40.72 -12.18
N PHE A 47 33.90 40.69 -11.10
CA PHE A 47 34.88 39.63 -10.91
C PHE A 47 34.31 38.42 -10.19
N ALA A 48 33.27 38.63 -9.40
CA ALA A 48 32.47 37.54 -8.86
C ALA A 48 31.03 37.73 -9.34
N PHE A 49 30.34 36.61 -9.55
CA PHE A 49 28.93 36.61 -9.94
C PHE A 49 28.60 37.51 -11.13
N PRO A 50 29.36 37.41 -12.24
CA PRO A 50 28.99 38.17 -13.43
C PRO A 50 27.63 37.73 -13.98
N LYS A 51 26.98 38.62 -14.72
CA LYS A 51 25.67 38.34 -15.31
C LYS A 51 25.80 38.34 -16.83
N LEU A 52 26.11 37.18 -17.41
CA LEU A 52 26.11 37.01 -18.86
C LEU A 52 24.67 36.87 -19.37
N GLU A 53 24.33 37.65 -20.39
CA GLU A 53 22.97 37.70 -20.92
C GLU A 53 22.92 37.15 -22.33
N GLY A 54 21.84 36.43 -22.64
CA GLY A 54 21.56 35.96 -23.99
C GLY A 54 21.56 34.45 -24.07
N GLU A 55 21.37 33.94 -25.29
CA GLU A 55 21.51 32.52 -25.55
C GLU A 55 22.92 32.06 -25.20
N ILE A 56 23.06 30.77 -24.91
CA ILE A 56 24.31 30.24 -24.40
C ILE A 56 25.26 29.96 -25.56
N GLY A 57 26.42 30.61 -25.54
CA GLY A 57 27.41 30.43 -26.58
C GLY A 57 28.58 31.37 -26.42
N PRO A 58 29.60 31.19 -27.25
CA PRO A 58 30.77 32.08 -27.21
C PRO A 58 30.44 33.56 -27.29
N HIS A 59 29.32 33.94 -27.89
CA HIS A 59 28.98 35.35 -28.09
C HIS A 59 27.76 35.71 -27.24
N VAL A 61 26.19 38.89 -24.14
CA VAL A 61 26.21 40.30 -23.73
C VAL A 61 26.58 40.39 -22.26
N PHE A 62 27.49 41.32 -21.93
CA PHE A 62 27.82 41.64 -20.56
C PHE A 62 27.74 43.15 -20.40
N ARG A 63 26.91 43.61 -19.47
CA ARG A 63 26.82 45.02 -19.10
C ARG A 63 26.62 45.90 -20.34
N GLY A 64 25.65 45.53 -21.17
CA GLY A 64 25.26 46.31 -22.31
C GLY A 64 26.04 46.05 -23.58
N LYS A 65 27.17 45.36 -23.50
CA LYS A 65 28.05 45.17 -24.64
C LYS A 65 28.13 43.69 -25.01
N LYS A 66 28.02 43.40 -26.30
CA LYS A 66 28.25 42.05 -26.79
C LYS A 66 29.72 41.68 -26.62
N LEU A 68 32.87 38.21 -26.48
CA LEU A 68 33.30 36.85 -26.73
C LEU A 68 33.87 36.28 -25.44
N ASN A 69 33.24 35.21 -24.95
CA ASN A 69 33.65 34.62 -23.69
C ASN A 69 34.37 33.30 -23.93
N TRP A 70 35.19 32.92 -22.95
CA TRP A 70 35.79 31.60 -22.91
C TRP A 70 35.56 30.97 -21.54
N SER A 71 34.43 31.32 -20.90
CA SER A 71 34.17 30.96 -19.51
C SER A 71 33.24 29.78 -19.33
N LEU A 72 32.49 29.40 -20.37
CA LEU A 72 31.54 28.29 -20.27
C LEU A 72 32.25 26.96 -20.36
N ASN A 73 31.78 25.98 -19.61
CA ASN A 73 32.39 24.65 -19.67
C ASN A 73 31.71 23.74 -20.70
N ASN A 74 30.91 24.31 -21.59
CA ASN A 74 30.10 23.59 -22.58
C ASN A 74 31.00 23.20 -23.74
N TYR A 75 31.73 22.09 -23.58
CA TYR A 75 32.77 21.74 -24.54
C TYR A 75 32.20 21.43 -25.93
N LEU A 76 31.13 20.65 -26.01
CA LEU A 76 30.66 20.15 -27.29
C LEU A 76 29.66 21.08 -27.98
N GLY A 77 29.42 22.28 -27.42
CA GLY A 77 28.47 23.19 -28.01
C GLY A 77 27.03 22.72 -27.98
N LEU A 78 26.69 21.84 -27.04
CA LEU A 78 25.35 21.27 -27.04
C LEU A 78 24.31 22.20 -26.43
N ALA A 79 24.73 23.21 -25.67
CA ALA A 79 23.79 24.00 -24.88
C ALA A 79 22.73 24.64 -25.75
N ASN A 80 23.14 25.39 -26.77
CA ASN A 80 22.19 26.03 -27.67
C ASN A 80 21.95 25.24 -28.96
N HIS A 81 22.38 23.98 -29.00
CA HIS A 81 22.07 23.14 -30.14
C HIS A 81 20.57 23.13 -30.39
N PRO A 82 20.12 23.44 -31.62
CA PRO A 82 18.67 23.49 -31.88
C PRO A 82 17.94 22.23 -31.49
N GLU A 83 18.54 21.06 -31.75
CA GLU A 83 17.92 19.81 -31.36
C GLU A 83 17.83 19.69 -29.84
N VAL A 84 18.87 20.14 -29.13
CA VAL A 84 18.84 20.14 -27.67
C VAL A 84 17.79 21.11 -27.16
N ARG A 85 17.65 22.26 -27.80
CA ARG A 85 16.67 23.23 -27.35
C ARG A 85 15.25 22.73 -27.58
N LYS A 86 15.03 21.93 -28.62
CA LYS A 86 13.72 21.33 -28.86
C LYS A 86 13.40 20.31 -27.78
N ALA A 87 14.29 19.32 -27.60
CA ALA A 87 14.09 18.30 -26.59
C ALA A 87 13.83 18.90 -25.21
N ASP A 88 14.59 19.94 -24.85
CA ASP A 88 14.35 20.60 -23.57
C ASP A 88 12.96 21.22 -23.54
N ALA A 89 12.60 21.97 -24.58
CA ALA A 89 11.29 22.60 -24.62
C ALA A 89 10.17 21.56 -24.68
N GLU A 90 10.42 20.44 -25.35
CA GLU A 90 9.38 19.43 -25.51
C GLU A 90 9.16 18.67 -24.20
N GLY A 91 10.24 18.26 -23.54
CA GLY A 91 10.10 17.53 -22.29
C GLY A 91 9.41 18.36 -21.21
N ALA A 92 9.75 19.64 -21.12
CA ALA A 92 9.11 20.50 -20.13
C ALA A 92 7.64 20.67 -20.44
N ALA A 93 7.28 20.76 -21.71
CA ALA A 93 5.87 20.89 -22.08
C ALA A 93 5.09 19.63 -21.73
N LYS A 94 5.70 18.46 -21.91
CA LYS A 94 5.01 17.20 -21.65
C LYS A 94 4.90 16.90 -20.16
N PHE A 95 5.97 17.11 -19.40
CA PHE A 95 6.06 16.65 -18.03
C PHE A 95 6.12 17.79 -17.01
N GLY A 96 6.35 19.02 -17.44
CA GLY A 96 6.61 20.08 -16.48
C GLY A 96 7.87 19.86 -15.67
N ALA A 98 7.82 19.96 -12.41
CA ALA A 98 7.42 19.19 -11.22
C ALA A 98 8.07 17.84 -11.45
N ALA A 99 7.77 17.22 -12.61
CA ALA A 99 8.51 16.00 -13.04
C ALA A 99 8.29 14.84 -12.04
N PRO A 100 9.13 13.77 -11.94
CA PRO A 100 8.87 12.71 -10.94
C PRO A 100 8.93 13.27 -9.52
N GLY A 102 9.14 13.55 -5.59
CA GLY A 102 9.74 12.74 -4.54
C GLY A 102 10.96 11.95 -4.97
N ALA A 103 11.60 11.28 -4.02
CA ALA A 103 12.84 10.55 -4.29
C ALA A 103 12.58 9.34 -5.18
N ARG A 104 13.66 8.82 -5.76
CA ARG A 104 13.54 7.75 -6.73
C ARG A 104 12.96 6.49 -6.11
N SER A 107 8.75 7.63 -5.12
CA SER A 107 7.77 7.86 -6.16
C SER A 107 8.36 8.41 -7.45
N GLY A 108 9.65 8.75 -7.47
CA GLY A 108 10.23 9.47 -8.60
C GLY A 108 10.89 8.59 -9.65
N GLN A 109 10.50 7.32 -9.74
CA GLN A 109 11.10 6.39 -10.69
C GLN A 109 10.29 6.37 -11.98
N THR A 110 10.98 6.51 -13.11
CA THR A 110 10.36 6.40 -14.42
C THR A 110 11.18 5.47 -15.31
N VAL A 111 10.54 4.92 -16.33
CA VAL A 111 11.25 4.12 -17.31
C VAL A 111 12.24 4.97 -18.09
N TYR A 112 11.99 6.28 -18.19
CA TYR A 112 12.93 7.17 -18.87
C TYR A 112 14.23 7.30 -18.08
N HIS A 113 14.14 7.35 -16.74
CA HIS A 113 15.34 7.32 -15.92
C HIS A 113 16.13 6.05 -16.14
N GLU A 114 15.43 4.95 -16.43
CA GLU A 114 16.11 3.69 -16.64
C GLU A 114 16.70 3.58 -18.04
N GLN A 115 16.03 4.18 -19.03
CA GLN A 115 16.57 4.18 -20.38
C GLN A 115 17.89 4.94 -20.44
N LEU A 116 17.94 6.11 -19.80
CA LEU A 116 19.16 6.90 -19.83
C LEU A 116 20.30 6.19 -19.12
N GLU A 117 20.00 5.46 -18.04
CA GLU A 117 21.03 4.69 -17.37
C GLU A 117 21.57 3.60 -18.27
N ARG A 118 20.68 2.93 -19.02
CA ARG A 118 21.10 1.87 -19.91
C ARG A 118 21.98 2.41 -21.03
N GLU A 119 21.64 3.59 -21.55
CA GLU A 119 22.42 4.16 -22.65
C GLU A 119 23.74 4.74 -22.17
N LEU A 120 23.75 5.35 -20.98
CA LEU A 120 24.99 5.85 -20.41
C LEU A 120 25.96 4.71 -20.11
N ALA A 121 25.47 3.67 -19.45
CA ALA A 121 26.32 2.53 -19.15
C ALA A 121 26.87 1.91 -20.42
N GLU A 122 26.05 1.82 -21.46
CA GLU A 122 26.51 1.26 -22.74
C GLU A 122 27.61 2.12 -23.35
N PHE A 123 27.49 3.44 -23.22
CA PHE A 123 28.44 4.34 -23.86
C PHE A 123 29.83 4.19 -23.26
N VAL A 124 29.95 4.38 -21.94
CA VAL A 124 31.25 4.34 -21.28
C VAL A 124 31.76 2.93 -21.03
N GLY A 125 30.94 1.91 -21.28
CA GLY A 125 31.41 0.54 -21.20
C GLY A 125 31.50 -0.07 -19.81
N LYS A 126 30.43 0.07 -19.02
CA LYS A 126 30.29 -0.63 -17.75
C LYS A 126 28.91 -1.28 -17.70
N GLU A 127 28.71 -2.13 -16.70
CA GLU A 127 27.49 -2.95 -16.61
C GLU A 127 26.25 -2.09 -16.43
N ASP A 128 26.31 -1.13 -15.51
CA ASP A 128 25.12 -0.44 -15.02
C ASP A 128 25.47 1.00 -14.68
N ALA A 129 24.43 1.83 -14.63
CA ALA A 129 24.58 3.23 -14.25
C ALA A 129 23.39 3.64 -13.38
N PHE A 130 23.63 4.57 -12.46
CA PHE A 130 22.59 5.16 -11.63
C PHE A 130 22.53 6.65 -11.93
N LEU A 131 21.43 7.09 -12.54
CA LEU A 131 21.20 8.52 -12.76
C LEU A 131 21.04 9.24 -11.43
N LEU A 132 21.88 10.22 -11.18
CA LEU A 132 21.89 10.98 -9.93
C LEU A 132 21.23 12.33 -10.13
N ASN A 133 20.70 12.87 -9.02
CA ASN A 133 20.05 14.17 -9.10
C ASN A 133 21.04 15.32 -9.21
N PHE A 134 22.27 15.13 -8.76
CA PHE A 134 23.29 16.18 -8.79
C PHE A 134 24.66 15.57 -8.54
N GLY A 135 25.67 16.13 -9.18
CA GLY A 135 27.02 15.63 -9.03
C GLY A 135 27.60 15.71 -7.64
N TYR A 136 27.61 16.92 -7.05
CA TYR A 136 28.20 17.12 -5.74
C TYR A 136 27.64 16.15 -4.71
N GLN A 137 26.30 16.09 -4.62
CA GLN A 137 25.64 15.14 -3.72
C GLN A 137 26.05 13.72 -4.03
N GLY A 138 25.99 13.33 -5.31
CA GLY A 138 26.28 11.96 -5.68
C GLY A 138 27.64 11.51 -5.21
N ILE A 140 29.42 12.68 -2.74
CA ILE A 140 29.46 12.58 -1.28
C ILE A 140 28.95 11.23 -0.83
N SER A 141 27.93 10.71 -1.49
CA SER A 141 27.32 9.46 -1.05
C SER A 141 27.91 8.22 -1.71
N ILE A 142 28.58 8.31 -2.85
CA ILE A 142 29.35 7.15 -3.31
C ILE A 142 30.55 6.92 -2.39
N ILE A 143 31.27 7.98 -2.05
CA ILE A 143 32.37 7.86 -1.10
C ILE A 143 31.83 7.35 0.24
N ASP A 144 30.66 7.84 0.64
CA ASP A 144 30.05 7.38 1.88
C ASP A 144 29.73 5.88 1.80
N CYS A 145 29.21 5.42 0.66
CA CYS A 145 28.76 4.04 0.54
C CYS A 145 29.94 3.07 0.41
N LEU A 146 31.01 3.47 -0.28
CA LEU A 146 32.09 2.54 -0.52
C LEU A 146 32.91 2.29 0.73
N LEU A 147 33.08 3.31 1.56
CA LEU A 147 34.07 3.31 2.62
C LEU A 147 33.48 2.88 3.95
N THR A 148 34.30 2.19 4.74
CA THR A 148 34.06 1.84 6.12
C THR A 148 35.28 2.25 6.94
N PRO A 149 35.10 2.55 8.23
CA PRO A 149 36.24 3.03 9.04
C PRO A 149 37.44 2.09 9.04
N ARG A 150 37.25 0.82 8.67
CA ARG A 150 38.40 -0.08 8.53
C ARG A 150 39.23 0.28 7.31
N ASP A 151 38.58 0.72 6.23
CA ASP A 151 39.24 0.93 4.96
C ASP A 151 40.06 2.23 4.97
N VAL A 152 40.85 2.43 3.91
CA VAL A 152 41.81 3.52 3.83
C VAL A 152 41.78 4.14 2.44
N VAL A 153 41.80 5.47 2.38
CA VAL A 153 41.72 6.20 1.12
C VAL A 153 43.09 6.76 0.77
N VAL A 154 43.35 6.86 -0.54
CA VAL A 154 44.51 7.54 -1.09
C VAL A 154 44.00 8.40 -2.24
N TYR A 155 44.05 9.73 -2.05
CA TYR A 155 43.42 10.65 -2.98
C TYR A 155 44.41 11.68 -3.47
N ASP A 156 44.20 12.10 -4.72
CA ASP A 156 45.03 13.14 -5.33
C ASP A 156 44.84 14.47 -4.61
N ALA A 157 45.95 15.17 -4.38
CA ALA A 157 45.89 16.40 -3.60
C ALA A 157 44.98 17.44 -4.24
N GLU A 158 44.82 17.40 -5.56
CA GLU A 158 44.01 18.38 -6.29
C GLU A 158 42.55 17.96 -6.42
N ALA A 159 42.06 17.09 -5.53
CA ALA A 159 40.73 16.54 -5.66
C ALA A 159 39.67 17.63 -5.57
N HIS A 160 38.60 17.45 -6.35
CA HIS A 160 37.49 18.40 -6.34
C HIS A 160 36.86 18.46 -4.95
N ALA A 161 36.16 19.57 -4.70
CA ALA A 161 35.62 19.83 -3.37
C ALA A 161 34.67 18.74 -2.91
N CYS A 162 33.81 18.26 -3.81
CA CYS A 162 32.85 17.22 -3.44
C CYS A 162 33.55 15.95 -2.97
N ILE A 163 34.70 15.64 -3.56
CA ILE A 163 35.49 14.50 -3.08
C ILE A 163 36.00 14.78 -1.68
N ILE A 164 36.55 15.98 -1.45
CA ILE A 164 37.03 16.35 -0.13
C ILE A 164 35.90 16.27 0.89
N ASP A 165 34.74 16.83 0.53
CA ASP A 165 33.59 16.80 1.43
C ASP A 165 33.13 15.37 1.70
N GLY A 166 33.13 14.53 0.66
CA GLY A 166 32.83 13.13 0.87
C GLY A 166 33.85 12.42 1.74
N LEU A 167 35.12 12.82 1.63
CA LEU A 167 36.14 12.21 2.47
C LEU A 167 35.97 12.59 3.93
N ARG A 168 35.45 13.79 4.21
CA ARG A 168 35.19 14.19 5.59
C ARG A 168 34.05 13.42 6.22
N LEU A 169 33.24 12.73 5.42
CA LEU A 169 32.26 11.78 5.95
C LEU A 169 32.92 10.54 6.54
N HIS A 170 34.17 10.28 6.18
CA HIS A 170 34.86 9.05 6.58
C HIS A 170 35.50 9.25 7.94
N LYS A 171 35.21 8.35 8.87
CA LYS A 171 35.87 8.33 10.17
C LYS A 171 37.18 7.54 10.13
N GLY A 172 37.60 7.06 8.96
CA GLY A 172 38.79 6.26 8.84
C GLY A 172 40.02 7.08 8.47
N LYS A 173 41.06 6.37 8.05
CA LYS A 173 42.35 6.98 7.73
C LYS A 173 42.41 7.37 6.26
N ARG A 174 42.97 8.55 5.99
CA ARG A 174 43.08 9.09 4.64
C ARG A 174 44.51 9.53 4.39
N PHE A 175 45.06 9.16 3.25
CA PHE A 175 46.41 9.53 2.84
C PHE A 175 46.34 10.33 1.54
N VAL A 176 47.02 11.47 1.51
CA VAL A 176 47.00 12.34 0.34
C VAL A 176 48.32 12.20 -0.41
N TYR A 177 48.23 11.90 -1.70
CA TYR A 177 49.42 11.78 -2.54
C TYR A 177 49.56 13.01 -3.42
N GLY A 178 50.80 13.41 -3.67
CA GLY A 178 51.06 14.62 -4.44
C GLY A 178 50.53 14.51 -5.85
N HIS A 179 50.07 15.65 -6.37
CA HIS A 179 49.32 15.70 -7.62
C HIS A 179 50.00 14.92 -8.74
N ASN A 180 49.31 13.90 -9.24
CA ASN A 180 49.74 13.11 -10.41
C ASN A 180 51.16 12.58 -10.26
N ASP A 181 51.62 12.41 -9.01
CA ASP A 181 52.97 11.95 -8.70
C ASP A 181 52.92 10.47 -8.36
N ASP A 183 55.27 8.51 -7.57
CA ASP A 183 56.18 8.13 -6.51
C ASP A 183 55.53 8.28 -5.14
N SER A 184 54.93 9.44 -4.88
CA SER A 184 54.18 9.62 -3.63
C SER A 184 52.99 8.67 -3.57
N LEU A 185 52.39 8.36 -4.73
CA LEU A 185 51.28 7.42 -4.77
C LEU A 185 51.74 6.04 -4.30
N ARG A 186 52.69 5.48 -5.05
CA ARG A 186 53.23 4.14 -4.71
C ARG A 186 53.64 4.19 -3.24
N LEU A 187 54.30 5.28 -2.86
CA LEU A 187 54.73 5.42 -1.45
C LEU A 187 53.48 5.32 -0.58
N GLN A 188 52.50 6.23 -0.72
CA GLN A 188 51.36 6.31 0.23
C GLN A 188 50.56 5.01 0.14
N LEU A 189 50.57 4.37 -1.02
CA LEU A 189 49.92 3.08 -1.19
C LEU A 189 50.47 2.06 -0.20
N GLN A 190 51.79 2.08 0.02
CA GLN A 190 52.40 1.15 0.96
C GLN A 190 51.89 1.39 2.38
N HIS A 191 51.71 2.65 2.74
CA HIS A 191 51.16 3.00 4.06
C HIS A 191 49.72 2.56 4.18
N ALA A 192 48.95 2.74 3.12
CA ALA A 192 47.59 2.24 3.07
C ALA A 192 47.55 0.73 3.24
N THR A 193 48.30 0.01 2.40
CA THR A 193 48.28 -1.44 2.43
C THR A 193 48.76 -1.98 3.78
N ASP A 194 49.76 -1.33 4.38
CA ASP A 194 50.19 -1.71 5.72
C ASP A 194 49.07 -1.52 6.72
N LEU A 195 48.44 -0.34 6.72
CA LEU A 195 47.32 -0.08 7.62
C LEU A 195 46.11 -0.95 7.27
N ALA A 196 46.01 -1.41 6.03
CA ALA A 196 44.83 -2.16 5.61
C ALA A 196 44.83 -3.57 6.18
N GLU A 197 46.00 -4.22 6.22
CA GLU A 197 46.05 -5.56 6.82
C GLU A 197 45.96 -5.49 8.33
N GLU A 198 46.52 -4.44 8.94
CA GLU A 198 46.42 -4.29 10.39
C GLU A 198 44.97 -4.06 10.82
N GLN A 199 44.24 -3.25 10.07
CA GLN A 199 42.86 -2.92 10.38
C GLN A 199 41.87 -3.88 9.73
N LYS A 200 42.33 -4.82 8.92
CA LYS A 200 41.47 -5.75 8.19
C LYS A 200 40.48 -4.99 7.30
N GLY A 201 41.02 -4.19 6.38
CA GLY A 201 40.23 -3.36 5.51
C GLY A 201 40.79 -3.34 4.10
N GLY A 202 40.05 -2.67 3.21
CA GLY A 202 40.49 -2.45 1.85
C GLY A 202 40.99 -1.03 1.63
N VAL A 203 41.48 -0.80 0.42
CA VAL A 203 42.08 0.48 0.06
C VAL A 203 41.37 1.02 -1.18
N LEU A 204 41.19 2.33 -1.22
CA LEU A 204 40.51 3.01 -2.31
C LEU A 204 41.35 4.19 -2.76
N VAL A 205 41.51 4.32 -4.07
CA VAL A 205 42.23 5.43 -4.68
C VAL A 205 41.22 6.27 -5.45
N ILE A 206 41.20 7.57 -5.18
CA ILE A 206 40.32 8.51 -5.88
C ILE A 206 41.21 9.51 -6.60
N THR A 207 40.99 9.65 -7.91
CA THR A 207 41.60 10.68 -8.72
C THR A 207 40.58 11.16 -9.74
N GLU A 208 40.96 12.14 -10.53
CA GLU A 208 40.08 12.69 -11.55
C GLU A 208 40.60 12.31 -12.93
N GLY A 209 39.68 12.28 -13.90
CA GLY A 209 40.10 12.07 -15.28
C GLY A 209 40.76 13.32 -15.85
N VAL A 210 40.11 14.46 -15.68
CA VAL A 210 40.63 15.76 -16.14
C VAL A 210 40.53 16.73 -14.97
N PHE A 211 41.68 17.23 -14.51
CA PHE A 211 41.69 18.20 -13.42
C PHE A 211 41.42 19.59 -13.99
N GLY A 212 40.39 20.27 -13.46
CA GLY A 212 39.92 21.49 -14.08
C GLY A 212 40.74 22.72 -13.81
N LYS A 214 44.46 23.14 -13.31
CA LYS A 214 45.63 23.21 -14.17
C LYS A 214 45.40 22.64 -15.57
N GLY A 215 44.39 21.78 -15.73
CA GLY A 215 44.05 21.22 -17.02
C GLY A 215 44.72 19.89 -17.33
N ASP A 216 45.60 19.41 -16.47
CA ASP A 216 46.29 18.14 -16.74
C ASP A 216 45.33 16.97 -16.58
N LEU A 217 45.63 15.89 -17.29
CA LEU A 217 44.83 14.68 -17.26
C LEU A 217 45.40 13.72 -16.23
N GLY A 218 44.51 13.08 -15.46
CA GLY A 218 44.93 12.07 -14.52
C GLY A 218 45.63 10.92 -15.20
N LYS A 219 46.78 10.49 -14.66
CA LYS A 219 47.57 9.43 -15.27
C LYS A 219 46.94 8.07 -14.94
N LEU A 220 45.76 7.83 -15.53
CA LEU A 220 44.99 6.63 -15.21
C LEU A 220 45.76 5.36 -15.58
N ASP A 221 46.41 5.37 -16.75
CA ASP A 221 47.12 4.18 -17.21
C ASP A 221 48.21 3.77 -16.23
N GLU A 222 48.94 4.74 -15.69
CA GLU A 222 49.98 4.40 -14.72
C GLU A 222 49.39 4.04 -13.36
N ILE A 223 48.12 4.40 -13.12
CA ILE A 223 47.50 4.08 -11.83
C ILE A 223 47.00 2.64 -11.83
N VAL A 224 46.37 2.20 -12.92
CA VAL A 224 45.99 0.80 -13.05
C VAL A 224 47.24 -0.08 -13.13
N ALA A 225 48.32 0.45 -13.70
CA ALA A 225 49.57 -0.29 -13.70
C ALA A 225 50.02 -0.62 -12.29
N LEU A 226 49.75 0.28 -11.34
CA LEU A 226 50.09 0.02 -9.95
C LEU A 226 49.18 -1.00 -9.30
N LYS A 227 48.05 -1.33 -9.92
CA LYS A 227 47.18 -2.40 -9.41
C LYS A 227 47.88 -3.74 -9.41
N LYS A 228 48.94 -3.90 -10.21
CA LYS A 228 49.73 -5.13 -10.18
C LYS A 228 50.44 -5.31 -8.85
N ASP A 229 50.78 -4.21 -8.17
CA ASP A 229 51.60 -4.27 -6.98
C ASP A 229 50.81 -4.17 -5.69
N PHE A 230 49.76 -3.35 -5.65
CA PHE A 230 49.13 -3.00 -4.39
C PHE A 230 47.72 -3.50 -4.09
N GLN A 231 47.01 -4.02 -5.09
CA GLN A 231 45.64 -4.58 -4.92
C GLN A 231 44.69 -3.52 -4.33
N PHE A 232 44.22 -2.58 -5.14
CA PHE A 232 43.35 -1.50 -4.71
C PHE A 232 42.10 -1.34 -5.59
N ARG A 233 41.19 -0.49 -5.14
CA ARG A 233 40.00 -0.11 -5.88
C ARG A 233 40.12 1.33 -6.34
N LEU A 234 39.69 1.61 -7.57
CA LEU A 234 39.94 2.89 -8.22
C LEU A 234 38.62 3.59 -8.51
N LEU A 235 38.49 4.83 -8.02
CA LEU A 235 37.36 5.70 -8.28
C LEU A 235 37.85 6.91 -9.07
N VAL A 236 37.16 7.24 -10.16
CA VAL A 236 37.60 8.28 -11.08
C VAL A 236 36.45 9.25 -11.34
N ASP A 237 36.74 10.55 -11.20
CA ASP A 237 35.79 11.62 -11.47
C ASP A 237 36.13 12.20 -12.85
N ASP A 238 35.35 11.83 -13.85
CA ASP A 238 35.57 12.26 -15.23
C ASP A 238 34.68 13.43 -15.62
N ALA A 239 34.38 14.32 -14.67
CA ALA A 239 33.46 15.43 -14.93
C ALA A 239 33.88 16.25 -16.13
N HIS A 240 35.18 16.54 -16.26
CA HIS A 240 35.74 17.32 -17.36
C HIS A 240 36.19 16.45 -18.52
N GLY A 241 36.08 15.13 -18.41
CA GLY A 241 36.56 14.24 -19.45
C GLY A 241 35.46 13.68 -20.32
N PHE A 242 34.25 13.57 -19.78
CA PHE A 242 33.15 13.04 -20.56
C PHE A 242 32.85 13.98 -21.73
N GLY A 243 32.56 13.38 -22.88
CA GLY A 243 32.32 14.12 -24.09
C GLY A 243 33.54 14.75 -24.71
N THR A 244 34.68 14.71 -24.02
CA THR A 244 35.84 15.51 -24.41
C THR A 244 37.10 14.66 -24.60
N GLY A 246 38.85 10.40 -24.89
CA GLY A 246 38.53 9.05 -25.28
C GLY A 246 37.77 8.98 -26.59
N GLU A 247 37.39 7.75 -26.95
CA GLU A 247 36.76 7.50 -28.24
C GLU A 247 35.38 8.13 -28.27
N GLY A 248 35.19 9.12 -29.14
CA GLY A 248 33.88 9.71 -29.28
C GLY A 248 33.42 10.50 -28.08
N GLY A 249 34.34 10.83 -27.18
CA GLY A 249 33.98 11.54 -25.97
C GLY A 249 33.68 10.65 -24.78
N ARG A 250 34.01 9.36 -24.86
CA ARG A 250 33.68 8.42 -23.79
C ARG A 250 34.45 8.70 -22.50
N GLY A 251 35.48 9.54 -22.55
CA GLY A 251 36.12 10.05 -21.35
C GLY A 251 37.56 9.60 -21.23
N THR A 252 38.17 10.04 -20.12
CA THR A 252 39.61 9.84 -19.93
C THR A 252 39.94 8.36 -19.81
N ALA A 253 39.05 7.58 -19.18
CA ALA A 253 39.30 6.14 -19.06
C ALA A 253 39.49 5.50 -20.43
N SER A 254 38.58 5.77 -21.37
CA SER A 254 38.73 5.27 -22.73
C SER A 254 40.00 5.80 -23.38
N HIS A 255 40.36 7.05 -23.09
CA HIS A 255 41.54 7.66 -23.70
C HIS A 255 42.80 6.86 -23.37
N PHE A 256 42.89 6.33 -22.16
CA PHE A 256 44.01 5.47 -21.76
C PHE A 256 43.71 3.98 -21.94
N GLY A 257 42.52 3.62 -22.40
CA GLY A 257 42.17 2.22 -22.55
C GLY A 257 42.14 1.47 -21.24
N VAL A 258 41.59 2.10 -20.19
CA VAL A 258 41.58 1.56 -18.83
C VAL A 258 40.16 1.36 -18.31
N THR A 259 39.16 1.39 -19.19
CA THR A 259 37.77 1.33 -18.74
C THR A 259 37.56 0.18 -17.75
N ASP A 260 38.22 -0.97 -17.98
CA ASP A 260 38.12 -2.10 -17.07
C ASP A 260 38.94 -1.90 -15.79
N GLY A 261 39.97 -1.05 -15.82
CA GLY A 261 40.76 -0.81 -14.63
C GLY A 261 40.05 0.08 -13.62
N VAL A 262 39.17 0.95 -14.10
CA VAL A 262 38.42 1.85 -13.22
C VAL A 262 37.19 1.11 -12.70
N ASP A 263 37.13 0.92 -11.38
CA ASP A 263 36.02 0.16 -10.80
C ASP A 263 34.74 0.98 -10.79
N VAL A 264 34.81 2.20 -10.28
CA VAL A 264 33.65 3.09 -10.15
C VAL A 264 33.95 4.36 -10.94
N LEU A 265 33.08 4.69 -11.89
CA LEU A 265 33.27 5.84 -12.78
C LEU A 265 32.17 6.85 -12.54
N PHE A 266 32.54 8.00 -11.98
CA PHE A 266 31.63 9.10 -11.71
C PHE A 266 31.66 10.12 -12.84
N ASN A 267 30.52 10.74 -13.10
CA ASN A 267 30.39 11.67 -14.22
C ASN A 267 29.25 12.64 -13.93
N THR A 268 29.34 13.83 -14.53
CA THR A 268 28.35 14.88 -14.32
C THR A 268 27.84 15.40 -15.65
N PHE A 269 26.59 15.85 -15.65
CA PHE A 269 25.96 16.44 -16.83
C PHE A 269 26.26 17.93 -16.96
N ALA A 270 26.97 18.51 -15.99
CA ALA A 270 27.15 19.96 -15.98
C ALA A 270 28.06 20.42 -17.11
N LYS A 271 29.17 19.71 -17.33
CA LYS A 271 30.22 20.23 -18.19
C LYS A 271 29.87 20.05 -19.66
N SER A 272 30.20 18.89 -20.23
CA SER A 272 29.97 18.70 -21.66
C SER A 272 28.48 18.60 -21.97
N ALA A 274 25.93 19.88 -20.86
CA ALA A 274 25.15 21.11 -20.76
C ALA A 274 23.83 20.86 -20.03
N GLY A 275 23.95 20.56 -18.74
CA GLY A 275 22.77 20.27 -17.98
C GLY A 275 22.97 19.97 -16.52
N ILE A 276 22.01 19.26 -15.94
CA ILE A 276 21.90 19.06 -14.50
C ILE A 276 21.85 17.56 -14.24
N GLY A 277 22.46 17.13 -13.15
CA GLY A 277 22.45 15.72 -12.79
C GLY A 277 23.81 15.08 -12.99
N ALA A 278 23.84 13.78 -12.77
CA ALA A 278 25.09 13.03 -12.77
C ALA A 278 24.76 11.55 -12.88
N PHE A 279 25.79 10.73 -13.08
CA PHE A 279 25.59 9.30 -13.12
C PHE A 279 26.87 8.60 -12.68
N VAL A 280 26.72 7.48 -11.99
CA VAL A 280 27.83 6.64 -11.57
C VAL A 280 27.72 5.29 -12.26
N CYS A 281 28.85 4.74 -12.67
CA CYS A 281 28.87 3.52 -13.46
C CYS A 281 29.72 2.45 -12.80
N GLY A 282 29.36 1.20 -13.03
CA GLY A 282 30.06 0.07 -12.48
C GLY A 282 29.24 -1.19 -12.62
N PRO A 283 29.66 -2.25 -11.95
CA PRO A 283 28.93 -3.53 -12.06
C PRO A 283 27.53 -3.42 -11.49
N ARG A 284 26.64 -4.31 -11.97
CA ARG A 284 25.24 -4.24 -11.60
C ARG A 284 25.04 -4.42 -10.10
N TRP A 285 25.78 -5.34 -9.48
CA TRP A 285 25.60 -5.57 -8.05
C TRP A 285 25.93 -4.32 -7.25
N LEU A 286 26.95 -3.56 -7.67
CA LEU A 286 27.33 -2.36 -6.93
C LEU A 286 26.40 -1.19 -7.22
N VAL A 287 26.01 -1.00 -8.49
CA VAL A 287 25.08 0.06 -8.82
C VAL A 287 23.75 -0.16 -8.11
N ASN A 288 23.35 -1.43 -7.96
CA ASN A 288 22.13 -1.73 -7.21
C ASN A 288 22.24 -1.42 -5.72
N LEU A 289 23.38 -1.74 -5.11
CA LEU A 289 23.64 -1.32 -3.74
C LEU A 289 23.54 0.20 -3.58
N LEU A 290 24.19 0.93 -4.49
CA LEU A 290 24.16 2.39 -4.43
C LEU A 290 22.73 2.86 -4.60
N ARG A 291 21.94 2.15 -5.39
CA ARG A 291 20.54 2.52 -5.58
C ARG A 291 19.78 2.48 -4.25
N TYR A 292 20.10 1.52 -3.39
CA TYR A 292 19.37 1.31 -2.15
C TYR A 292 20.08 1.87 -0.92
N ASN A 293 21.24 2.52 -1.09
CA ASN A 293 22.00 2.99 0.06
C ASN A 293 22.47 4.43 -0.02
N ARG A 295 22.44 7.96 0.44
CA ARG A 295 21.55 8.84 1.20
C ARG A 295 21.15 10.07 0.39
N SER A 296 22.08 10.62 -0.38
CA SER A 296 21.81 11.79 -1.19
C SER A 296 20.76 11.52 -2.26
N GLN A 297 20.51 10.25 -2.58
CA GLN A 297 19.46 9.90 -3.54
C GLN A 297 18.23 9.30 -2.86
N LEU A 298 18.40 8.62 -1.73
CA LEU A 298 17.24 8.14 -0.98
C LEU A 298 16.43 9.30 -0.41
N TYR A 299 17.08 10.40 -0.02
CA TYR A 299 16.46 11.43 0.78
C TYR A 299 16.51 12.79 0.09
N ALA A 300 16.34 12.80 -1.23
CA ALA A 300 16.27 14.03 -2.02
C ALA A 300 15.58 13.72 -3.34
N LYS A 301 15.08 14.77 -3.99
CA LYS A 301 14.20 14.59 -5.14
C LYS A 301 14.93 13.99 -6.32
N SER A 302 14.16 13.35 -7.20
CA SER A 302 14.67 12.70 -8.38
C SER A 302 14.96 13.74 -9.47
N LEU A 303 15.87 13.38 -10.38
CA LEU A 303 16.21 14.27 -11.48
C LEU A 303 14.97 14.55 -12.32
N PRO A 304 14.67 15.82 -12.61
CA PRO A 304 13.44 16.13 -13.35
C PRO A 304 13.41 15.48 -14.73
N PRO A 306 12.22 16.71 -17.68
CA PRO A 306 12.78 17.54 -18.77
C PRO A 306 14.28 17.41 -18.93
N VAL A 308 15.94 14.64 -17.93
CA VAL A 308 16.08 13.26 -18.41
C VAL A 308 15.89 13.20 -19.92
N GLY A 310 16.02 15.71 -22.09
CA GLY A 310 17.08 16.47 -22.75
C GLY A 310 18.40 15.74 -22.74
N ALA A 311 18.73 15.09 -21.63
CA ALA A 311 19.97 14.31 -21.57
C ALA A 311 19.94 13.16 -22.56
N LEU A 312 18.77 12.56 -22.77
CA LEU A 312 18.66 11.52 -23.79
C LEU A 312 19.01 12.07 -25.16
N LYS A 313 18.53 13.28 -25.49
CA LYS A 313 18.87 13.88 -26.77
C LYS A 313 20.34 14.21 -26.86
N ARG A 314 20.89 14.83 -25.81
CA ARG A 314 22.31 15.14 -25.77
C ARG A 314 23.17 13.90 -25.99
N LEU A 315 22.84 12.80 -25.30
CA LEU A 315 23.59 11.57 -25.49
C LEU A 315 23.42 11.01 -26.89
N GLU A 316 22.25 11.23 -27.50
CA GLU A 316 22.05 10.82 -28.88
C GLU A 316 23.00 11.58 -29.81
N LEU A 317 23.10 12.90 -29.61
CA LEU A 317 23.92 13.72 -30.49
C LEU A 317 25.40 13.37 -30.36
N ILE A 318 25.88 13.18 -29.11
CA ILE A 318 27.27 12.80 -28.91
C ILE A 318 27.58 11.48 -29.62
N ARG A 319 26.65 10.53 -29.58
CA ARG A 319 26.85 9.27 -30.29
C ARG A 319 26.82 9.50 -31.80
N ASN A 320 25.85 10.28 -32.29
CA ASN A 320 25.68 10.43 -33.73
C ASN A 320 26.68 11.40 -34.34
N HIS A 321 27.21 12.34 -33.56
CA HIS A 321 28.10 13.38 -34.07
C HIS A 321 29.44 13.32 -33.34
N PRO A 322 30.32 12.40 -33.71
CA PRO A 322 31.71 12.47 -33.23
C PRO A 322 32.47 13.65 -33.80
N GLU A 323 31.89 14.36 -34.78
CA GLU A 323 32.52 15.57 -35.30
C GLU A 323 32.61 16.66 -34.23
N TYR A 324 31.65 16.69 -33.29
CA TYR A 324 31.67 17.74 -32.28
C TYR A 324 32.95 17.68 -31.47
N GLN A 325 33.35 16.48 -31.05
CA GLN A 325 34.58 16.32 -30.29
C GLN A 325 35.79 16.73 -31.14
N GLN A 326 35.79 16.36 -32.42
CA GLN A 326 36.91 16.73 -33.28
C GLN A 326 37.04 18.26 -33.39
N LYS A 327 35.95 18.92 -33.77
CA LYS A 327 35.96 20.37 -33.91
C LYS A 327 36.45 21.06 -32.63
N LEU A 328 36.02 20.56 -31.47
CA LEU A 328 36.51 21.11 -30.21
C LEU A 328 38.03 21.03 -30.14
N TRP A 329 38.59 19.87 -30.45
CA TRP A 329 40.04 19.70 -30.32
C TRP A 329 40.78 20.45 -31.41
N GLU A 330 40.14 20.69 -32.56
CA GLU A 330 40.73 21.58 -33.53
C GLU A 330 40.87 23.00 -32.97
N ILE A 331 39.85 23.46 -32.24
CA ILE A 331 39.95 24.75 -31.59
C ILE A 331 40.99 24.69 -30.47
N VAL A 332 41.08 23.55 -29.77
CA VAL A 332 42.03 23.41 -28.68
C VAL A 332 43.45 23.57 -29.19
N ARG A 333 43.82 22.76 -30.19
CA ARG A 333 45.20 22.80 -30.69
C ARG A 333 45.52 24.14 -31.34
N ALA A 334 44.54 24.74 -32.02
CA ALA A 334 44.75 26.05 -32.63
C ALA A 334 45.00 27.10 -31.55
N LEU A 335 44.13 27.15 -30.55
CA LEU A 335 44.29 28.13 -29.48
C LEU A 335 45.57 27.87 -28.69
N GLN A 336 45.80 26.62 -28.30
CA GLN A 336 46.95 26.32 -27.45
C GLN A 336 48.26 26.55 -28.19
N ASN A 337 48.37 26.04 -29.43
CA ASN A 337 49.60 26.27 -30.18
C ASN A 337 49.76 27.75 -30.52
N GLY A 338 48.67 28.42 -30.91
CA GLY A 338 48.76 29.83 -31.20
C GLY A 338 49.26 30.65 -30.02
N LEU A 339 48.74 30.36 -28.83
CA LEU A 339 49.19 31.07 -27.64
C LEU A 339 50.65 30.75 -27.35
N LYS A 340 51.03 29.47 -27.43
CA LYS A 340 52.42 29.10 -27.20
C LYS A 340 53.35 29.63 -28.28
N GLU A 341 52.84 29.86 -29.49
CA GLU A 341 53.63 30.51 -30.53
C GLU A 341 54.10 31.88 -30.08
N ASN A 342 53.23 32.61 -29.37
CA ASN A 342 53.51 33.97 -28.93
C ASN A 342 53.96 34.02 -27.47
N GLY A 343 54.66 32.99 -27.02
CA GLY A 343 55.29 33.01 -25.71
C GLY A 343 54.36 33.05 -24.52
N PHE A 344 53.07 32.80 -24.73
CA PHE A 344 52.15 32.70 -23.61
C PHE A 344 52.36 31.39 -22.88
N GLU A 345 52.27 31.42 -21.55
CA GLU A 345 52.52 30.26 -20.72
C GLU A 345 51.20 29.54 -20.46
N ILE A 346 50.93 28.51 -21.23
CA ILE A 346 49.86 27.56 -20.93
C ILE A 346 50.43 26.54 -19.96
N GLY A 347 49.64 26.13 -18.98
CA GLY A 347 50.14 25.18 -17.98
C GLY A 347 50.41 23.80 -18.55
N VAL A 348 50.58 22.83 -17.68
CA VAL A 348 50.81 21.45 -18.12
C VAL A 348 49.42 20.84 -18.33
N THR A 349 48.86 21.07 -19.51
CA THR A 349 47.50 20.65 -19.81
C THR A 349 47.47 19.76 -21.05
N ASN A 350 46.88 18.57 -20.91
CA ASN A 350 46.61 17.71 -22.06
C ASN A 350 45.14 17.70 -22.43
N SER A 351 44.35 18.63 -21.90
CA SER A 351 42.90 18.68 -22.08
C SER A 351 42.52 20.02 -22.67
N PRO A 352 41.25 20.22 -23.01
CA PRO A 352 40.86 21.54 -23.54
C PRO A 352 41.11 22.69 -22.58
N VAL A 353 41.14 22.45 -21.27
CA VAL A 353 41.37 23.52 -20.30
C VAL A 353 42.65 24.26 -20.66
N THR A 354 42.53 25.55 -20.95
CA THR A 354 43.65 26.38 -21.38
C THR A 354 43.80 27.51 -20.38
N PRO A 355 44.61 27.33 -19.34
CA PRO A 355 44.92 28.44 -18.44
C PRO A 355 46.20 29.17 -18.85
N VAL A 356 46.13 30.50 -18.83
CA VAL A 356 47.23 31.36 -19.25
C VAL A 356 47.85 31.97 -18.01
N PHE A 357 49.08 31.56 -17.70
CA PHE A 357 49.78 31.99 -16.50
C PHE A 357 50.50 33.30 -16.75
N LYS A 359 52.03 37.17 -14.39
CA LYS A 359 52.52 37.70 -13.12
C LYS A 359 51.96 39.11 -12.90
N GLY A 360 51.60 39.41 -11.67
CA GLY A 360 51.08 40.72 -11.33
C GLY A 360 50.23 40.67 -10.08
N GLY A 361 49.86 41.87 -9.61
CA GLY A 361 49.04 42.02 -8.43
C GLY A 361 47.58 42.26 -8.75
N ILE A 362 46.80 42.43 -7.69
CA ILE A 362 45.35 42.62 -7.79
C ILE A 362 45.04 43.82 -8.68
N PRO A 363 45.60 45.01 -8.42
CA PRO A 363 45.27 46.15 -9.30
C PRO A 363 45.65 45.90 -10.74
N GLU A 364 46.65 45.06 -10.98
CA GLU A 364 47.03 44.78 -12.36
C GLU A 364 46.03 43.82 -13.01
N ALA A 365 45.75 42.70 -12.33
CA ALA A 365 44.84 41.71 -12.89
C ALA A 365 43.43 42.28 -13.06
N THR A 366 42.97 43.07 -12.10
CA THR A 366 41.64 43.66 -12.22
C THR A 366 41.58 44.60 -13.42
N ASN A 367 42.51 45.57 -13.47
CA ASN A 367 42.53 46.51 -14.59
C ASN A 367 42.79 45.80 -15.92
N LEU A 368 43.61 44.75 -15.89
CA LEU A 368 43.80 43.93 -17.08
C LEU A 368 42.47 43.48 -17.65
N ILE A 369 41.57 43.01 -16.77
CA ILE A 369 40.33 42.40 -17.22
C ILE A 369 39.39 43.44 -17.80
N VAL A 370 39.19 44.56 -17.10
CA VAL A 370 38.30 45.59 -17.65
C VAL A 370 38.86 46.13 -18.96
N ASP A 371 40.17 46.09 -19.14
CA ASP A 371 40.73 46.39 -20.46
C ASP A 371 40.30 45.35 -21.47
N LEU A 372 40.36 44.07 -21.09
CA LEU A 372 39.94 43.01 -22.01
C LEU A 372 38.46 43.11 -22.35
N ARG A 373 37.63 43.51 -21.40
CA ARG A 373 36.18 43.51 -21.60
C ARG A 373 35.70 44.79 -22.26
N GLU A 374 35.94 45.94 -21.61
CA GLU A 374 35.41 47.21 -22.08
C GLU A 374 36.12 47.75 -23.31
N ASN A 375 37.30 47.23 -23.65
CA ASN A 375 38.04 47.69 -24.81
C ASN A 375 38.18 46.64 -25.90
N HIS A 376 38.51 45.41 -25.54
CA HIS A 376 38.68 44.34 -26.51
C HIS A 376 37.47 43.41 -26.62
N GLY A 377 36.49 43.52 -25.74
CA GLY A 377 35.33 42.64 -25.80
C GLY A 377 35.67 41.19 -25.60
N ILE A 378 36.54 40.90 -24.64
CA ILE A 378 36.94 39.53 -24.31
C ILE A 378 36.55 39.28 -22.87
N PHE A 379 35.76 38.23 -22.63
CA PHE A 379 35.27 37.90 -21.30
C PHE A 379 35.92 36.60 -20.82
N CYS A 380 36.59 36.68 -19.67
CA CYS A 380 37.14 35.50 -19.02
C CYS A 380 37.28 35.82 -17.54
N SER A 381 37.26 34.78 -16.72
CA SER A 381 37.53 34.96 -15.31
C SER A 381 39.03 34.96 -15.05
N ILE A 382 39.41 35.32 -13.83
CA ILE A 382 40.79 35.28 -13.42
C ILE A 382 40.87 34.59 -12.07
N VAL A 383 41.96 33.87 -11.86
CA VAL A 383 42.30 33.30 -10.56
C VAL A 383 43.37 34.19 -9.93
N ILE A 384 43.04 34.73 -8.74
CA ILE A 384 43.90 35.77 -8.12
C ILE A 384 44.31 35.38 -6.68
N TYR A 385 44.71 36.32 -5.83
CA TYR A 385 45.32 36.00 -4.51
C TYR A 385 44.46 35.13 -3.56
N PRO A 386 43.14 35.35 -3.33
CA PRO A 386 42.39 34.45 -2.43
C PRO A 386 42.61 32.95 -2.73
N VAL A 387 43.03 32.60 -3.95
CA VAL A 387 43.18 31.21 -4.34
C VAL A 387 44.63 30.85 -4.67
N ILE A 388 45.35 31.77 -5.29
CA ILE A 388 46.68 31.51 -5.84
C ILE A 388 47.64 32.51 -5.20
N PRO A 389 48.90 32.16 -4.96
CA PRO A 389 49.84 33.11 -4.34
C PRO A 389 49.78 34.50 -4.96
N LYS A 390 49.92 35.52 -4.12
CA LYS A 390 49.95 36.89 -4.60
C LYS A 390 51.12 37.07 -5.55
N GLY A 391 50.85 37.70 -6.69
CA GLY A 391 51.79 37.79 -7.78
C GLY A 391 51.43 36.95 -8.98
N GLU A 392 50.63 35.90 -8.81
CA GLU A 392 50.21 35.04 -9.90
C GLU A 392 48.88 35.50 -10.48
N ILE A 393 48.73 35.35 -11.79
CA ILE A 393 47.51 35.73 -12.51
C ILE A 393 47.22 34.65 -13.55
N ILE A 394 46.06 34.01 -13.43
CA ILE A 394 45.65 32.97 -14.37
C ILE A 394 44.39 33.44 -15.08
N LEU A 395 44.46 33.56 -16.40
CA LEU A 395 43.27 33.72 -17.22
C LEU A 395 42.74 32.33 -17.53
N ARG A 396 41.45 32.10 -17.27
CA ARG A 396 40.84 30.79 -17.50
C ARG A 396 40.13 30.81 -18.84
N VAL A 397 40.73 30.17 -19.84
CA VAL A 397 40.24 30.13 -21.21
C VAL A 397 39.73 28.73 -21.47
N ILE A 398 38.44 28.61 -21.79
CA ILE A 398 37.85 27.30 -22.01
C ILE A 398 37.30 27.22 -23.43
N PRO A 399 37.99 26.53 -24.34
CA PRO A 399 37.50 26.41 -25.70
C PRO A 399 36.35 25.42 -25.79
N THR A 400 35.41 25.74 -26.68
CA THR A 400 34.22 24.95 -26.93
C THR A 400 34.14 24.70 -28.44
N ALA A 401 33.47 23.61 -28.80
CA ALA A 401 33.28 23.32 -30.22
C ALA A 401 32.44 24.39 -30.92
N ALA A 402 31.83 25.31 -30.18
CA ALA A 402 31.09 26.41 -30.78
C ALA A 402 31.97 27.59 -31.17
N HIS A 403 33.22 27.62 -30.72
CA HIS A 403 34.14 28.69 -31.06
C HIS A 403 34.60 28.56 -32.50
N THR A 404 34.85 29.70 -33.13
CA THR A 404 35.41 29.77 -34.48
C THR A 404 36.91 30.02 -34.41
N LEU A 405 37.56 30.04 -35.57
CA LEU A 405 38.99 30.38 -35.60
C LEU A 405 39.19 31.87 -35.57
N ASP A 406 38.25 32.64 -36.16
CA ASP A 406 38.24 34.08 -35.94
C ASP A 406 38.16 34.39 -34.46
N ASP A 407 37.40 33.58 -33.70
CA ASP A 407 37.38 33.73 -32.26
C ASP A 407 38.78 33.54 -31.68
N VAL A 408 39.46 32.46 -32.07
CA VAL A 408 40.79 32.18 -31.54
C VAL A 408 41.75 33.32 -31.89
N ASN A 409 41.74 33.75 -33.15
CA ASN A 409 42.69 34.78 -33.58
C ASN A 409 42.44 36.09 -32.86
N TYR A 410 41.18 36.54 -32.81
CA TYR A 410 40.85 37.78 -32.12
C TYR A 410 41.30 37.74 -30.67
N THR A 411 41.13 36.60 -30.01
CA THR A 411 41.46 36.50 -28.59
C THR A 411 42.97 36.55 -28.38
N ILE A 412 43.72 35.77 -29.15
CA ILE A 412 45.18 35.79 -29.01
C ILE A 412 45.72 37.18 -29.31
N ALA A 413 45.15 37.85 -30.31
CA ALA A 413 45.54 39.22 -30.61
C ALA A 413 45.27 40.14 -29.42
N ALA A 414 44.05 40.09 -28.88
CA ALA A 414 43.72 40.94 -27.75
C ALA A 414 44.56 40.59 -26.53
N PHE A 415 44.83 39.30 -26.33
CA PHE A 415 45.74 38.88 -25.26
C PHE A 415 47.11 39.52 -25.44
N LYS A 416 47.60 39.57 -26.68
CA LYS A 416 48.92 40.11 -26.94
C LYS A 416 49.00 41.59 -26.60
N SER A 417 47.97 42.36 -26.97
CA SER A 417 47.92 43.76 -26.59
C SER A 417 47.91 43.91 -25.08
N VAL A 418 47.04 43.16 -24.42
CA VAL A 418 46.87 43.24 -22.98
C VAL A 418 48.18 42.93 -22.26
N ARG A 419 48.96 41.99 -22.80
CA ARG A 419 50.22 41.63 -22.14
C ARG A 419 51.26 42.74 -22.24
N ASP A 420 51.31 43.45 -23.38
CA ASP A 420 52.27 44.55 -23.51
C ASP A 420 52.05 45.61 -22.45
N LYS A 421 50.79 45.89 -22.13
CA LYS A 421 50.49 46.87 -21.10
C LYS A 421 50.85 46.32 -19.71
N LEU A 422 50.69 45.03 -19.50
CA LEU A 422 51.04 44.44 -18.22
C LEU A 422 52.55 44.46 -18.01
N GLU A 423 53.30 43.90 -18.97
CA GLU A 423 54.75 43.85 -18.84
C GLU A 423 55.36 45.25 -18.81
N GLY A 424 54.66 46.24 -19.35
CA GLY A 424 55.15 47.61 -19.35
C GLY A 424 54.62 48.43 -18.20
N GLY A 425 54.14 47.76 -17.16
CA GLY A 425 53.72 48.42 -15.94
C GLY A 425 52.52 49.34 -16.03
N ILE A 426 51.82 49.37 -17.18
CA ILE A 426 50.74 50.33 -17.37
C ILE A 426 49.60 50.08 -16.38
N TYR A 427 49.30 48.80 -16.11
CA TYR A 427 48.18 48.50 -15.22
C TYR A 427 48.53 48.77 -13.77
N ALA A 428 49.81 48.64 -13.38
CA ALA A 428 50.22 48.97 -12.03
C ALA A 428 50.03 50.45 -11.71
N GLN A 429 49.94 51.30 -12.75
CA GLN A 429 49.70 52.72 -12.52
C GLN A 429 48.25 52.98 -12.09
N PRO A 431 44.51 52.27 -10.18
CA PRO A 431 43.92 51.64 -8.99
C PRO A 431 42.93 50.54 -9.37
N ILE A 432 42.52 49.79 -8.35
CA ILE A 432 41.49 48.77 -8.55
C ILE A 432 40.23 49.43 -9.09
N PRO A 433 39.68 48.96 -10.21
CA PRO A 433 38.44 49.56 -10.72
C PRO A 433 37.28 49.29 -9.78
N VAL A 434 36.29 50.19 -9.82
CA VAL A 434 35.03 50.01 -9.11
C VAL A 434 33.98 49.69 -10.17
N ARG A 435 33.64 48.40 -10.27
CA ARG A 435 32.69 47.93 -11.28
C ARG A 435 31.60 47.05 -10.68
N ALA A 436 31.45 47.05 -9.37
CA ALA A 436 30.47 46.18 -8.73
C ALA A 436 29.06 46.61 -9.09
N ASP A 437 28.12 45.66 -8.97
CA ASP A 437 26.73 45.95 -9.20
C ASP A 437 26.26 47.09 -8.32
N GLU A 438 25.69 48.13 -8.92
CA GLU A 438 25.06 49.18 -8.13
C GLU A 438 23.86 48.59 -7.39
N GLY A 439 23.77 48.87 -6.10
CA GLY A 439 22.72 48.33 -5.26
C GLY A 439 23.12 47.13 -4.41
N PHE A 440 24.28 46.53 -4.68
CA PHE A 440 24.75 45.43 -3.85
C PHE A 440 25.22 45.97 -2.50
N LYS A 441 24.79 45.32 -1.41
CA LYS A 441 25.12 45.73 -0.05
C LYS A 441 25.84 44.59 0.65
N VAL A 442 26.98 44.89 1.26
CA VAL A 442 27.77 43.86 1.94
C VAL A 442 27.11 43.44 3.25
N ARG A 443 26.44 44.37 3.92
CA ARG A 443 25.69 44.08 5.13
C ARG A 443 24.20 44.36 4.91
N VAL B 22 40.42 -7.12 3.49
CA VAL B 22 39.16 -7.41 2.85
C VAL B 22 38.97 -6.38 1.75
N ASP B 23 39.01 -6.85 0.49
CA ASP B 23 38.82 -5.96 -0.64
C ASP B 23 37.46 -5.29 -0.56
N ILE B 24 37.44 -3.97 -0.80
CA ILE B 24 36.21 -3.21 -0.64
C ILE B 24 35.08 -3.81 -1.48
N PHE B 25 35.37 -4.17 -2.72
CA PHE B 25 34.36 -4.78 -3.56
C PHE B 25 33.88 -6.11 -3.00
N ALA B 26 34.75 -6.83 -2.29
CA ALA B 26 34.33 -8.10 -1.69
C ALA B 26 33.51 -7.89 -0.43
N ARG B 27 33.78 -6.83 0.33
CA ARG B 27 32.98 -6.53 1.51
C ARG B 27 31.52 -6.28 1.14
N LEU B 28 31.26 -5.77 -0.06
CA LEU B 28 29.91 -5.46 -0.50
C LEU B 28 29.36 -6.43 -1.53
N GLU B 29 30.22 -7.20 -2.20
CA GLU B 29 29.76 -8.07 -3.27
C GLU B 29 28.73 -9.06 -2.77
N LYS B 30 29.14 -9.91 -1.83
CA LYS B 30 28.25 -10.91 -1.26
C LYS B 30 27.97 -10.71 0.21
N ASN B 31 28.93 -10.17 0.96
CA ASN B 31 28.73 -9.98 2.39
C ASN B 31 27.67 -8.91 2.67
N ALA B 32 27.85 -7.72 2.08
CA ALA B 32 26.86 -6.68 2.25
C ALA B 32 25.71 -6.79 1.25
N GLY B 33 25.92 -7.48 0.13
CA GLY B 33 24.87 -7.61 -0.87
C GLY B 33 23.79 -8.63 -0.54
N GLY B 34 24.11 -9.62 0.29
CA GLY B 34 23.20 -10.69 0.62
C GLY B 34 21.93 -10.32 1.35
N PRO B 35 22.04 -9.63 2.50
CA PRO B 35 20.83 -9.37 3.30
C PRO B 35 19.80 -8.49 2.62
N ILE B 36 20.21 -7.31 2.13
CA ILE B 36 19.27 -6.40 1.48
C ILE B 36 18.93 -6.84 0.05
N GLY B 37 19.76 -7.71 -0.54
CA GLY B 37 19.49 -8.16 -1.90
C GLY B 37 18.18 -8.91 -2.05
N GLN B 38 17.77 -9.62 -0.99
CA GLN B 38 16.49 -10.32 -1.03
C GLN B 38 15.34 -9.34 -1.09
N TYR B 39 15.40 -8.27 -0.28
CA TYR B 39 14.44 -7.18 -0.39
C TYR B 39 14.35 -6.68 -1.83
N SER B 41 15.09 -8.20 -4.56
CA SER B 41 14.58 -9.21 -5.47
C SER B 41 13.06 -9.12 -5.60
N TYR B 42 12.36 -8.91 -4.48
CA TYR B 42 10.90 -8.92 -4.51
C TYR B 42 10.27 -7.54 -4.51
N ALA B 43 11.02 -6.47 -4.24
CA ALA B 43 10.44 -5.15 -4.08
C ALA B 43 10.63 -4.23 -5.26
N HIS B 44 11.73 -4.40 -6.00
CA HIS B 44 12.11 -3.44 -7.02
C HIS B 44 11.02 -3.30 -8.08
N GLY B 45 10.37 -2.15 -8.12
CA GLY B 45 9.31 -1.90 -9.06
C GLY B 45 7.94 -1.85 -8.43
N TYR B 46 7.79 -2.38 -7.20
CA TYR B 46 6.53 -2.40 -6.48
C TYR B 46 6.66 -1.73 -5.12
N PHE B 47 7.44 -2.32 -4.21
CA PHE B 47 7.63 -1.75 -2.88
C PHE B 47 8.86 -0.86 -2.79
N ALA B 48 9.72 -0.85 -3.79
CA ALA B 48 11.01 -0.15 -3.67
C ALA B 48 11.18 1.00 -4.64
N PHE B 49 10.75 0.87 -5.90
CA PHE B 49 11.02 1.88 -6.92
C PHE B 49 9.83 1.93 -7.87
N PRO B 50 8.63 2.26 -7.37
CA PRO B 50 7.42 2.22 -8.21
C PRO B 50 7.50 3.18 -9.37
N LYS B 51 6.77 2.85 -10.43
CA LYS B 51 6.75 3.65 -11.65
C LYS B 51 5.33 4.20 -11.85
N LEU B 52 5.03 5.31 -11.17
CA LEU B 52 3.77 6.01 -11.41
C LEU B 52 3.83 6.73 -12.75
N GLU B 53 2.81 6.52 -13.58
CA GLU B 53 2.78 7.05 -14.94
C GLU B 53 1.63 8.03 -15.10
N GLY B 54 1.88 9.12 -15.84
CA GLY B 54 0.87 10.09 -16.17
C GLY B 54 1.20 11.47 -15.61
N GLU B 55 0.27 12.39 -15.83
CA GLU B 55 0.40 13.72 -15.24
C GLU B 55 0.36 13.62 -13.72
N ILE B 56 1.06 14.54 -13.06
CA ILE B 56 1.27 14.48 -11.63
C ILE B 56 -0.01 14.90 -10.91
N GLY B 57 -0.50 14.03 -10.03
CA GLY B 57 -1.72 14.29 -9.32
C GLY B 57 -2.15 13.10 -8.49
N PRO B 58 -3.29 13.22 -7.82
CA PRO B 58 -3.80 12.08 -7.04
C PRO B 58 -4.20 10.88 -7.88
N HIS B 59 -4.56 11.10 -9.15
CA HIS B 59 -5.06 10.02 -10.01
C HIS B 59 -4.05 9.75 -11.13
N VAL B 61 -1.51 6.32 -13.11
CA VAL B 61 -1.58 4.93 -13.51
C VAL B 61 -0.38 4.18 -12.95
N PHE B 62 -0.63 2.99 -12.40
CA PHE B 62 0.41 2.09 -11.92
C PHE B 62 0.14 0.71 -12.50
N ARG B 63 1.11 0.18 -13.24
CA ARG B 63 1.05 -1.19 -13.75
C ARG B 63 -0.26 -1.47 -14.48
N GLY B 64 -0.61 -0.55 -15.38
CA GLY B 64 -1.76 -0.70 -16.24
C GLY B 64 -3.06 -0.18 -15.68
N LYS B 65 -3.14 0.04 -14.36
CA LYS B 65 -4.39 0.39 -13.70
C LYS B 65 -4.32 1.82 -13.17
N LYS B 66 -5.43 2.55 -13.36
CA LYS B 66 -5.56 3.87 -12.75
C LYS B 66 -5.70 3.73 -11.25
N LEU B 68 -5.60 5.88 -7.12
CA LEU B 68 -5.59 7.06 -6.26
C LEU B 68 -4.39 6.92 -5.34
N ASN B 69 -3.44 7.85 -5.47
CA ASN B 69 -2.24 7.79 -4.65
C ASN B 69 -2.33 8.83 -3.54
N TRP B 70 -1.58 8.59 -2.47
CA TRP B 70 -1.37 9.57 -1.41
C TRP B 70 0.11 9.71 -1.13
N SER B 71 0.94 9.56 -2.17
CA SER B 71 2.37 9.37 -2.01
C SER B 71 3.22 10.59 -2.34
N LEU B 72 2.69 11.57 -3.06
CA LEU B 72 3.45 12.76 -3.45
C LEU B 72 3.29 13.87 -2.43
N ASN B 73 4.32 14.70 -2.28
CA ASN B 73 4.28 15.77 -1.24
C ASN B 73 3.95 17.11 -1.89
N ASN B 74 3.14 17.11 -2.96
CA ASN B 74 2.74 18.36 -3.66
C ASN B 74 1.56 18.93 -2.89
N TYR B 75 1.78 19.44 -1.68
CA TYR B 75 0.69 19.90 -0.78
C TYR B 75 -0.29 20.88 -1.43
N LEU B 76 0.17 21.79 -2.29
CA LEU B 76 -0.70 22.82 -2.82
C LEU B 76 -1.23 22.49 -4.21
N GLY B 77 -0.93 21.29 -4.72
CA GLY B 77 -1.39 20.90 -6.05
C GLY B 77 -0.78 21.71 -7.16
N LEU B 78 0.37 22.35 -6.93
CA LEU B 78 0.97 23.21 -7.96
C LEU B 78 1.54 22.42 -9.11
N ALA B 79 1.92 21.16 -8.88
CA ALA B 79 2.67 20.39 -9.88
C ALA B 79 2.02 20.41 -11.25
N ASN B 80 0.73 20.09 -11.32
CA ASN B 80 0.04 20.10 -12.60
C ASN B 80 -0.84 21.33 -12.80
N HIS B 81 -0.65 22.36 -11.98
CA HIS B 81 -1.36 23.61 -12.18
C HIS B 81 -1.11 24.11 -13.60
N PRO B 82 -2.16 24.42 -14.38
CA PRO B 82 -1.94 24.89 -15.75
C PRO B 82 -0.98 26.07 -15.85
N GLU B 83 -1.14 27.06 -14.97
CA GLU B 83 -0.25 28.21 -14.98
C GLU B 83 1.19 27.78 -14.73
N VAL B 84 1.39 26.81 -13.83
CA VAL B 84 2.73 26.29 -13.57
C VAL B 84 3.27 25.57 -14.79
N ARG B 85 2.43 24.77 -15.44
CA ARG B 85 2.91 24.00 -16.59
C ARG B 85 3.26 24.90 -17.77
N LYS B 86 2.60 26.06 -17.88
CA LYS B 86 2.96 27.00 -18.91
C LYS B 86 4.30 27.65 -18.59
N ALA B 87 4.43 28.18 -17.38
CA ALA B 87 5.69 28.78 -16.95
C ALA B 87 6.85 27.82 -17.13
N ASP B 88 6.67 26.55 -16.75
CA ASP B 88 7.71 25.55 -16.97
C ASP B 88 8.02 25.40 -18.45
N ALA B 89 6.97 25.20 -19.27
CA ALA B 89 7.18 25.01 -20.71
C ALA B 89 7.76 26.26 -21.36
N GLU B 90 7.33 27.44 -20.90
CA GLU B 90 7.79 28.68 -21.50
C GLU B 90 9.27 28.93 -21.17
N GLY B 91 9.64 28.75 -19.91
CA GLY B 91 11.03 28.99 -19.52
C GLY B 91 12.01 28.05 -20.20
N ALA B 92 11.61 26.79 -20.38
CA ALA B 92 12.48 25.86 -21.10
C ALA B 92 12.62 26.24 -22.56
N ALA B 93 11.52 26.66 -23.19
CA ALA B 93 11.59 27.07 -24.59
C ALA B 93 12.49 28.27 -24.77
N LYS B 94 12.44 29.23 -23.84
CA LYS B 94 13.25 30.44 -23.98
C LYS B 94 14.72 30.16 -23.68
N PHE B 95 14.99 29.45 -22.57
CA PHE B 95 16.33 29.34 -22.03
C PHE B 95 16.97 27.97 -22.22
N GLY B 96 16.20 26.94 -22.53
CA GLY B 96 16.73 25.59 -22.47
C GLY B 96 17.13 25.22 -21.05
N ALA B 98 20.07 24.31 -20.04
CA ALA B 98 21.47 24.60 -19.73
C ALA B 98 21.71 26.06 -19.41
N ALA B 99 20.63 26.84 -19.22
CA ALA B 99 20.73 28.28 -19.38
C ALA B 99 21.64 28.98 -18.38
N PRO B 100 21.75 28.56 -17.13
CA PRO B 100 22.81 29.12 -16.30
C PRO B 100 24.00 28.18 -16.29
N GLY B 102 27.68 26.70 -15.68
CA GLY B 102 28.69 26.93 -14.66
C GLY B 102 28.12 27.35 -13.32
N ALA B 103 28.98 27.44 -12.31
CA ALA B 103 28.54 27.79 -10.96
C ALA B 103 28.11 29.25 -10.90
N ARG B 104 27.46 29.61 -9.79
CA ARG B 104 26.88 30.95 -9.67
C ARG B 104 27.97 32.02 -9.64
N SER B 107 29.77 31.94 -13.78
CA SER B 107 29.01 32.34 -14.95
C SER B 107 27.52 32.11 -14.84
N GLY B 108 27.03 31.42 -13.82
CA GLY B 108 25.63 31.07 -13.69
C GLY B 108 24.74 32.09 -13.02
N GLN B 109 25.25 33.29 -12.73
CA GLN B 109 24.44 34.29 -12.04
C GLN B 109 23.56 35.02 -13.04
N THR B 110 22.28 35.16 -12.71
CA THR B 110 21.32 35.88 -13.54
C THR B 110 20.47 36.78 -12.67
N VAL B 111 19.88 37.80 -13.31
CA VAL B 111 19.00 38.71 -12.59
C VAL B 111 17.75 37.97 -12.14
N TYR B 112 17.37 36.91 -12.84
CA TYR B 112 16.20 36.14 -12.43
C TYR B 112 16.46 35.38 -11.14
N HIS B 113 17.67 34.82 -10.98
CA HIS B 113 18.04 34.21 -9.70
C HIS B 113 17.93 35.22 -8.57
N GLU B 114 18.24 36.48 -8.85
CA GLU B 114 18.20 37.49 -7.81
C GLU B 114 16.79 37.98 -7.54
N GLN B 115 15.92 37.97 -8.55
CA GLN B 115 14.52 38.31 -8.35
C GLN B 115 13.84 37.29 -7.44
N LEU B 116 14.07 36.00 -7.71
CA LEU B 116 13.46 34.97 -6.88
C LEU B 116 13.98 35.05 -5.45
N GLU B 117 15.25 35.40 -5.29
CA GLU B 117 15.79 35.55 -3.93
C GLU B 117 15.10 36.68 -3.20
N ARG B 118 14.90 37.81 -3.88
CA ARG B 118 14.24 38.96 -3.26
C ARG B 118 12.80 38.64 -2.89
N GLU B 119 12.11 37.88 -3.73
CA GLU B 119 10.71 37.57 -3.46
C GLU B 119 10.57 36.52 -2.37
N LEU B 120 11.50 35.56 -2.31
CA LEU B 120 11.44 34.55 -1.27
C LEU B 120 11.73 35.16 0.10
N ALA B 121 12.75 36.01 0.18
CA ALA B 121 13.08 36.64 1.46
C ALA B 121 11.95 37.52 1.94
N GLU B 122 11.29 38.23 1.02
CA GLU B 122 10.16 39.08 1.39
C GLU B 122 9.00 38.23 1.89
N PHE B 123 8.78 37.07 1.28
CA PHE B 123 7.68 36.20 1.70
C PHE B 123 7.90 35.72 3.13
N VAL B 124 9.01 35.03 3.39
CA VAL B 124 9.23 34.45 4.70
C VAL B 124 9.69 35.45 5.74
N GLY B 125 9.91 36.70 5.35
CA GLY B 125 10.23 37.74 6.31
C GLY B 125 11.61 37.66 6.93
N LYS B 126 12.64 37.59 6.08
CA LYS B 126 14.03 37.77 6.49
C LYS B 126 14.70 38.73 5.50
N GLU B 127 15.94 39.15 5.84
CA GLU B 127 16.60 40.20 5.07
C GLU B 127 16.98 39.74 3.66
N ASP B 128 17.47 38.51 3.53
CA ASP B 128 18.08 38.05 2.29
C ASP B 128 17.88 36.56 2.13
N ALA B 129 17.99 36.10 0.88
CA ALA B 129 17.90 34.69 0.55
C ALA B 129 18.92 34.35 -0.52
N PHE B 130 19.43 33.13 -0.50
CA PHE B 130 20.34 32.63 -1.51
C PHE B 130 19.73 31.40 -2.16
N LEU B 131 19.41 31.51 -3.45
CA LEU B 131 18.86 30.39 -4.21
C LEU B 131 19.92 29.29 -4.38
N LEU B 132 19.62 28.11 -3.87
CA LEU B 132 20.51 26.96 -3.94
C LEU B 132 20.10 26.04 -5.09
N ASN B 133 21.06 25.23 -5.54
CA ASN B 133 20.78 24.30 -6.64
C ASN B 133 20.04 23.06 -6.18
N PHE B 134 20.30 22.61 -4.95
CA PHE B 134 19.66 21.41 -4.42
C PHE B 134 19.65 21.48 -2.91
N GLY B 135 18.54 21.04 -2.30
CA GLY B 135 18.40 21.18 -0.86
C GLY B 135 19.44 20.38 -0.08
N TYR B 136 19.67 19.13 -0.49
CA TYR B 136 20.50 18.23 0.31
C TYR B 136 21.91 18.81 0.50
N GLN B 137 22.58 19.13 -0.60
CA GLN B 137 23.97 19.68 -0.51
C GLN B 137 23.92 21.09 0.05
N GLY B 138 22.86 21.85 -0.24
CA GLY B 138 22.72 23.15 0.37
C GLY B 138 22.83 23.09 1.88
N ILE B 140 24.21 20.65 3.64
CA ILE B 140 25.54 20.15 3.96
C ILE B 140 26.54 21.28 4.07
N SER B 141 26.34 22.35 3.31
CA SER B 141 27.29 23.44 3.31
C SER B 141 26.87 24.62 4.19
N ILE B 142 25.58 24.83 4.46
CA ILE B 142 25.25 25.85 5.44
C ILE B 142 25.69 25.41 6.82
N ILE B 143 25.51 24.13 7.13
CA ILE B 143 26.11 23.60 8.36
C ILE B 143 27.63 23.73 8.30
N ASP B 144 28.20 23.58 7.11
CA ASP B 144 29.65 23.59 6.97
C ASP B 144 30.24 24.93 7.40
N CYS B 145 29.81 26.03 6.77
CA CYS B 145 30.42 27.32 7.10
C CYS B 145 29.84 27.98 8.36
N LEU B 146 28.78 27.42 8.95
CA LEU B 146 28.31 28.00 10.20
C LEU B 146 29.19 27.57 11.36
N LEU B 147 29.74 26.37 11.25
CA LEU B 147 30.46 25.80 12.40
C LEU B 147 31.95 25.63 12.26
N THR B 148 32.65 25.79 13.38
CA THR B 148 34.09 25.54 13.52
C THR B 148 34.29 24.58 14.67
N PRO B 149 35.46 23.91 14.74
CA PRO B 149 35.66 22.90 15.79
C PRO B 149 35.45 23.40 17.21
N ARG B 150 35.53 24.71 17.44
CA ARG B 150 35.30 25.23 18.79
C ARG B 150 33.83 25.24 19.16
N ASP B 151 32.94 25.43 18.18
CA ASP B 151 31.51 25.53 18.46
C ASP B 151 30.93 24.15 18.77
N VAL B 152 29.66 24.14 19.16
CA VAL B 152 28.97 22.94 19.61
C VAL B 152 27.53 22.96 19.11
N VAL B 153 27.06 21.81 18.61
CA VAL B 153 25.75 21.69 18.00
C VAL B 153 24.83 20.81 18.86
N VAL B 154 23.58 21.24 18.98
CA VAL B 154 22.52 20.48 19.62
C VAL B 154 21.41 20.29 18.59
N TYR B 155 21.15 19.04 18.22
CA TYR B 155 20.23 18.74 17.12
C TYR B 155 19.18 17.73 17.55
N ASP B 156 17.99 17.88 16.96
CA ASP B 156 16.89 16.96 17.21
C ASP B 156 17.22 15.56 16.70
N ALA B 157 16.90 14.55 17.52
CA ALA B 157 17.30 13.19 17.20
C ALA B 157 16.75 12.72 15.85
N GLU B 158 15.59 13.25 15.44
CA GLU B 158 14.96 12.84 14.18
C GLU B 158 15.37 13.70 13.01
N ALA B 159 16.59 14.25 13.03
CA ALA B 159 16.98 15.20 11.99
C ALA B 159 17.09 14.50 10.64
N HIS B 160 16.77 15.24 9.59
CA HIS B 160 16.84 14.71 8.23
C HIS B 160 18.27 14.31 7.90
N ALA B 161 18.40 13.45 6.89
CA ALA B 161 19.71 12.86 6.57
C ALA B 161 20.72 13.93 6.19
N CYS B 162 20.30 14.94 5.43
CA CYS B 162 21.25 15.97 5.00
C CYS B 162 21.79 16.76 6.18
N ILE B 163 20.98 16.96 7.23
CA ILE B 163 21.50 17.56 8.45
C ILE B 163 22.54 16.65 9.09
N ILE B 164 22.22 15.36 9.19
CA ILE B 164 23.17 14.40 9.76
C ILE B 164 24.47 14.40 8.97
N ASP B 165 24.37 14.26 7.64
CA ASP B 165 25.56 14.33 6.80
C ASP B 165 26.27 15.68 6.96
N GLY B 166 25.49 16.75 7.17
CA GLY B 166 26.10 18.06 7.31
C GLY B 166 26.98 18.16 8.54
N LEU B 167 26.48 17.69 9.68
CA LEU B 167 27.30 17.78 10.89
C LEU B 167 28.29 16.63 11.01
N ARG B 168 28.30 15.68 10.07
CA ARG B 168 29.43 14.76 9.98
C ARG B 168 30.67 15.47 9.43
N LEU B 169 30.50 16.61 8.78
CA LEU B 169 31.63 17.46 8.41
C LEU B 169 32.19 18.21 9.61
N HIS B 170 31.43 18.31 10.68
CA HIS B 170 31.82 19.09 11.84
C HIS B 170 32.77 18.28 12.71
N LYS B 171 34.02 18.75 12.84
CA LYS B 171 35.03 18.06 13.62
C LYS B 171 34.95 18.37 15.11
N GLY B 172 33.95 19.12 15.55
CA GLY B 172 33.78 19.46 16.95
C GLY B 172 32.82 18.53 17.67
N LYS B 173 32.24 19.04 18.75
CA LYS B 173 31.35 18.24 19.60
C LYS B 173 29.90 18.42 19.18
N ARG B 174 29.15 17.31 19.23
CA ARG B 174 27.73 17.31 18.91
C ARG B 174 26.95 16.64 20.04
N PHE B 175 25.83 17.25 20.40
CA PHE B 175 24.94 16.71 21.43
C PHE B 175 23.55 16.53 20.84
N VAL B 176 22.99 15.33 20.99
CA VAL B 176 21.69 15.00 20.41
C VAL B 176 20.64 15.03 21.52
N TYR B 177 19.58 15.80 21.31
CA TYR B 177 18.49 15.89 22.27
C TYR B 177 17.31 15.06 21.77
N GLY B 178 16.58 14.46 22.72
CA GLY B 178 15.48 13.58 22.35
C GLY B 178 14.36 14.34 21.64
N HIS B 179 13.68 13.64 20.75
CA HIS B 179 12.76 14.29 19.81
C HIS B 179 11.77 15.21 20.49
N ASN B 180 11.78 16.48 20.08
CA ASN B 180 10.83 17.50 20.52
C ASN B 180 10.67 17.55 22.04
N ASP B 181 11.69 17.08 22.77
CA ASP B 181 11.66 17.04 24.23
C ASP B 181 12.44 18.26 24.72
N ASP B 183 13.02 19.08 27.77
CA ASP B 183 13.80 18.76 28.97
C ASP B 183 15.14 18.14 28.62
N SER B 184 15.15 17.15 27.72
CA SER B 184 16.42 16.63 27.22
C SER B 184 17.16 17.70 26.43
N LEU B 185 16.41 18.62 25.80
CA LEU B 185 17.02 19.79 25.18
C LEU B 185 17.82 20.54 26.23
N ARG B 186 17.13 21.11 27.22
CA ARG B 186 17.77 21.98 28.21
C ARG B 186 19.01 21.34 28.80
N LEU B 187 18.96 20.04 29.12
CA LEU B 187 20.12 19.36 29.67
C LEU B 187 21.31 19.43 28.72
N GLN B 188 21.07 19.29 27.42
CA GLN B 188 22.17 19.31 26.46
C GLN B 188 22.64 20.72 26.16
N LEU B 189 21.75 21.73 26.23
CA LEU B 189 22.23 23.11 26.18
C LEU B 189 23.16 23.41 27.36
N GLN B 190 22.79 22.95 28.56
CA GLN B 190 23.66 23.12 29.71
C GLN B 190 25.02 22.47 29.47
N HIS B 191 25.01 21.26 28.90
CA HIS B 191 26.28 20.61 28.55
C HIS B 191 26.99 21.36 27.43
N ALA B 192 26.22 21.87 26.46
CA ALA B 192 26.82 22.63 25.36
C ALA B 192 27.42 23.93 25.83
N THR B 193 26.63 24.74 26.56
CA THR B 193 27.12 26.02 27.05
C THR B 193 28.37 25.84 27.91
N ASP B 194 28.39 24.82 28.75
CA ASP B 194 29.59 24.54 29.54
C ASP B 194 30.78 24.26 28.64
N LEU B 195 30.61 23.38 27.65
CA LEU B 195 31.68 23.10 26.69
C LEU B 195 31.97 24.31 25.81
N ALA B 196 30.98 25.18 25.60
CA ALA B 196 31.20 26.36 24.76
C ALA B 196 32.11 27.37 25.44
N GLU B 197 31.97 27.52 26.76
CA GLU B 197 32.84 28.44 27.50
C GLU B 197 34.25 27.88 27.62
N GLU B 198 34.37 26.56 27.80
CA GLU B 198 35.69 25.95 27.90
C GLU B 198 36.42 25.97 26.56
N GLN B 199 35.71 25.71 25.47
CA GLN B 199 36.29 25.72 24.13
C GLN B 199 36.31 27.10 23.50
N LYS B 200 35.72 28.10 24.17
CA LYS B 200 35.62 29.47 23.64
C LYS B 200 34.94 29.48 22.27
N GLY B 201 33.68 29.04 22.25
CA GLY B 201 32.92 28.94 21.03
C GLY B 201 31.45 29.21 21.27
N GLY B 202 30.67 29.11 20.20
CA GLY B 202 29.25 29.33 20.24
C GLY B 202 28.46 28.03 20.12
N VAL B 203 27.14 28.18 20.21
CA VAL B 203 26.21 27.05 20.22
C VAL B 203 25.22 27.23 19.08
N LEU B 204 24.84 26.12 18.47
CA LEU B 204 23.88 26.11 17.37
C LEU B 204 22.88 24.99 17.59
N VAL B 205 21.60 25.29 17.42
CA VAL B 205 20.53 24.31 17.53
C VAL B 205 19.91 24.11 16.16
N ILE B 206 19.78 22.85 15.75
CA ILE B 206 19.15 22.51 14.48
C ILE B 206 17.93 21.64 14.78
N THR B 207 16.77 22.07 14.28
CA THR B 207 15.55 21.27 14.31
C THR B 207 14.80 21.50 13.00
N GLU B 208 13.70 20.77 12.85
CA GLU B 208 12.88 20.87 11.66
C GLU B 208 11.56 21.57 11.98
N GLY B 209 11.02 22.27 10.97
CA GLY B 209 9.72 22.88 11.16
C GLY B 209 8.61 21.85 11.19
N VAL B 210 8.61 20.95 10.22
CA VAL B 210 7.68 19.82 10.16
C VAL B 210 8.51 18.57 9.94
N PHE B 211 8.41 17.61 10.86
CA PHE B 211 9.12 16.35 10.71
C PHE B 211 8.31 15.42 9.83
N GLY B 212 8.96 14.89 8.78
CA GLY B 212 8.22 14.19 7.75
C GLY B 212 7.80 12.78 8.07
N LYS B 214 6.95 11.08 11.50
CA LYS B 214 5.80 11.02 12.39
C LYS B 214 4.77 12.10 12.11
N GLY B 215 5.14 13.13 11.34
CA GLY B 215 4.23 14.21 11.03
C GLY B 215 4.16 15.30 12.08
N ASP B 216 4.77 15.09 13.25
CA ASP B 216 4.73 16.10 14.28
C ASP B 216 5.56 17.31 13.91
N LEU B 217 5.21 18.43 14.55
CA LEU B 217 5.81 19.73 14.24
C LEU B 217 6.86 20.10 15.26
N GLY B 218 7.86 20.86 14.85
CA GLY B 218 8.89 21.33 15.76
C GLY B 218 8.30 22.38 16.70
N LYS B 219 8.63 22.24 17.98
CA LYS B 219 8.13 23.17 19.00
C LYS B 219 8.93 24.47 18.97
N LEU B 220 8.87 25.15 17.84
CA LEU B 220 9.72 26.32 17.61
C LEU B 220 9.45 27.43 18.61
N ASP B 221 8.17 27.71 18.86
CA ASP B 221 7.81 28.75 19.83
C ASP B 221 8.47 28.50 21.17
N GLU B 222 8.37 27.27 21.66
CA GLU B 222 9.05 26.94 22.91
C GLU B 222 10.57 27.05 22.73
N ILE B 223 11.10 26.53 21.62
CA ILE B 223 12.55 26.49 21.41
C ILE B 223 13.16 27.88 21.53
N VAL B 224 12.49 28.89 20.96
CA VAL B 224 13.01 30.25 21.06
C VAL B 224 12.79 30.86 22.44
N ALA B 225 11.89 30.28 23.25
CA ALA B 225 11.78 30.72 24.63
C ALA B 225 13.01 30.34 25.44
N LEU B 226 13.65 29.22 25.10
CA LEU B 226 14.90 28.84 25.74
C LEU B 226 16.04 29.80 25.43
N LYS B 227 15.87 30.69 24.45
CA LYS B 227 16.88 31.71 24.18
C LYS B 227 17.03 32.70 25.33
N LYS B 228 16.14 32.67 26.32
CA LYS B 228 16.30 33.51 27.50
C LYS B 228 17.37 32.94 28.44
N ASP B 229 17.46 31.61 28.54
CA ASP B 229 18.35 30.98 29.50
C ASP B 229 19.70 30.58 28.91
N PHE B 230 19.81 30.45 27.60
CA PHE B 230 21.08 30.18 26.96
C PHE B 230 21.22 31.07 25.74
N GLN B 231 22.46 31.34 25.36
CA GLN B 231 22.75 32.17 24.18
C GLN B 231 23.20 31.23 23.06
N PHE B 232 22.26 30.86 22.19
CA PHE B 232 22.54 30.02 21.04
C PHE B 232 21.97 30.65 19.77
N ARG B 233 22.29 30.04 18.64
CA ARG B 233 21.68 30.35 17.35
C ARG B 233 20.85 29.17 16.88
N LEU B 234 19.81 29.46 16.11
CA LEU B 234 18.82 28.46 15.73
C LEU B 234 18.71 28.33 14.22
N LEU B 235 18.80 27.10 13.72
CA LEU B 235 18.67 26.77 12.31
C LEU B 235 17.49 25.82 12.15
N VAL B 236 16.60 26.12 11.21
CA VAL B 236 15.34 25.39 11.06
C VAL B 236 15.18 24.91 9.62
N ASP B 237 14.82 23.64 9.47
CA ASP B 237 14.57 23.02 8.16
C ASP B 237 13.05 22.96 7.97
N ASP B 238 12.51 23.88 7.17
CA ASP B 238 11.08 23.97 6.94
C ASP B 238 10.65 23.28 5.65
N ALA B 239 11.36 22.21 5.26
CA ALA B 239 11.11 21.56 3.97
C ALA B 239 9.65 21.14 3.81
N HIS B 240 9.04 20.65 4.88
CA HIS B 240 7.64 20.24 4.88
C HIS B 240 6.70 21.33 5.40
N GLY B 241 7.24 22.47 5.83
CA GLY B 241 6.41 23.51 6.39
C GLY B 241 6.09 24.62 5.41
N PHE B 242 6.98 24.86 4.46
CA PHE B 242 6.74 25.93 3.51
C PHE B 242 5.54 25.60 2.63
N GLY B 243 4.72 26.63 2.36
CA GLY B 243 3.48 26.45 1.65
C GLY B 243 2.38 25.76 2.43
N THR B 244 2.69 25.21 3.60
CA THR B 244 1.83 24.29 4.32
C THR B 244 1.47 24.79 5.71
N GLY B 246 1.77 28.23 8.73
CA GLY B 246 1.91 29.67 8.84
C GLY B 246 0.96 30.43 7.93
N GLU B 247 1.05 31.76 8.03
CA GLU B 247 0.16 32.64 7.28
C GLU B 247 0.41 32.48 5.78
N GLY B 248 -0.62 32.03 5.06
CA GLY B 248 -0.51 31.89 3.62
C GLY B 248 0.53 30.91 3.17
N GLY B 249 0.93 29.98 4.04
CA GLY B 249 1.97 29.04 3.72
C GLY B 249 3.38 29.49 4.03
N ARG B 250 3.55 30.56 4.82
CA ARG B 250 4.89 31.08 5.08
C ARG B 250 5.74 30.10 5.89
N GLY B 251 5.14 29.09 6.50
CA GLY B 251 5.91 28.02 7.12
C GLY B 251 5.74 27.98 8.63
N THR B 252 6.46 27.02 9.22
CA THR B 252 6.30 26.74 10.64
C THR B 252 6.73 27.90 11.51
N ALA B 253 7.76 28.64 11.09
CA ALA B 253 8.18 29.82 11.86
C ALA B 253 7.02 30.81 11.99
N SER B 254 6.38 31.15 10.88
CA SER B 254 5.24 32.06 10.91
C SER B 254 4.09 31.47 11.73
N HIS B 255 3.91 30.15 11.66
CA HIS B 255 2.80 29.50 12.37
C HIS B 255 2.91 29.73 13.87
N PHE B 256 4.12 29.71 14.42
CA PHE B 256 4.36 30.06 15.82
C PHE B 256 4.66 31.54 16.01
N GLY B 257 4.74 32.32 14.93
CA GLY B 257 5.08 33.72 15.06
C GLY B 257 6.46 33.95 15.64
N VAL B 258 7.43 33.12 15.28
CA VAL B 258 8.78 33.25 15.79
C VAL B 258 9.77 33.41 14.64
N THR B 259 9.34 34.08 13.55
CA THR B 259 10.23 34.25 12.41
C THR B 259 11.50 34.98 12.81
N ASP B 260 11.40 35.92 13.74
CA ASP B 260 12.58 36.65 14.20
C ASP B 260 13.46 35.82 15.11
N GLY B 261 12.91 34.79 15.75
CA GLY B 261 13.72 33.92 16.57
C GLY B 261 14.55 32.92 15.79
N VAL B 262 14.15 32.61 14.56
CA VAL B 262 14.93 31.72 13.71
C VAL B 262 16.04 32.52 13.03
N ASP B 263 17.29 32.20 13.35
CA ASP B 263 18.41 32.92 12.76
C ASP B 263 18.58 32.57 11.29
N VAL B 264 18.63 31.28 10.99
CA VAL B 264 18.86 30.77 9.64
C VAL B 264 17.70 29.86 9.27
N LEU B 265 17.02 30.17 8.16
CA LEU B 265 15.83 29.44 7.74
C LEU B 265 16.12 28.76 6.41
N PHE B 266 16.21 27.43 6.43
CA PHE B 266 16.42 26.63 5.24
C PHE B 266 15.08 26.10 4.71
N ASN B 267 15.00 25.97 3.38
CA ASN B 267 13.77 25.54 2.74
C ASN B 267 14.11 24.93 1.39
N THR B 268 13.26 24.02 0.93
CA THR B 268 13.47 23.35 -0.35
C THR B 268 12.25 23.53 -1.24
N PHE B 269 12.47 23.38 -2.54
CA PHE B 269 11.42 23.45 -3.54
C PHE B 269 10.80 22.09 -3.84
N ALA B 270 11.31 21.03 -3.22
CA ALA B 270 10.92 19.68 -3.64
C ALA B 270 9.52 19.29 -3.20
N LYS B 271 8.97 19.93 -2.17
CA LYS B 271 7.68 19.49 -1.65
C LYS B 271 6.54 20.35 -2.18
N SER B 272 6.14 21.36 -1.41
CA SER B 272 5.01 22.19 -1.83
C SER B 272 5.31 22.91 -3.14
N ALA B 274 6.87 22.04 -5.58
CA ALA B 274 6.76 21.13 -6.71
C ALA B 274 7.88 21.38 -7.71
N GLY B 275 9.11 21.22 -7.25
CA GLY B 275 10.23 21.46 -8.12
C GLY B 275 11.59 21.08 -7.57
N ILE B 276 12.61 21.82 -8.00
CA ILE B 276 14.00 21.48 -7.77
C ILE B 276 14.71 22.71 -7.24
N GLY B 277 15.60 22.52 -6.29
CA GLY B 277 16.35 23.62 -5.71
C GLY B 277 15.93 23.89 -4.27
N ALA B 278 16.51 24.95 -3.72
CA ALA B 278 16.30 25.28 -2.31
C ALA B 278 16.74 26.71 -2.08
N PHE B 279 16.48 27.21 -0.87
CA PHE B 279 16.92 28.55 -0.52
C PHE B 279 17.09 28.67 0.99
N VAL B 280 18.12 29.41 1.40
CA VAL B 280 18.38 29.71 2.81
C VAL B 280 18.16 31.19 3.03
N CYS B 281 17.59 31.55 4.18
CA CYS B 281 17.22 32.92 4.47
C CYS B 281 17.83 33.38 5.79
N GLY B 282 18.09 34.69 5.87
CA GLY B 282 18.70 35.29 7.03
C GLY B 282 19.20 36.69 6.71
N PRO B 283 19.96 37.28 7.64
CA PRO B 283 20.45 38.64 7.42
C PRO B 283 21.38 38.73 6.22
N ARG B 284 21.42 39.94 5.62
CA ARG B 284 22.18 40.13 4.38
C ARG B 284 23.65 39.79 4.56
N TRP B 285 24.23 40.18 5.69
CA TRP B 285 25.67 39.94 5.87
C TRP B 285 25.98 38.45 5.87
N LEU B 286 25.09 37.64 6.44
CA LEU B 286 25.31 36.20 6.48
C LEU B 286 25.06 35.58 5.11
N VAL B 287 23.93 35.92 4.48
CA VAL B 287 23.61 35.38 3.17
C VAL B 287 24.71 35.74 2.17
N ASN B 288 25.32 36.92 2.32
CA ASN B 288 26.45 37.27 1.48
C ASN B 288 27.67 36.41 1.80
N LEU B 289 27.92 36.15 3.08
CA LEU B 289 29.02 35.26 3.45
C LEU B 289 28.81 33.88 2.85
N LEU B 290 27.60 33.35 3.01
CA LEU B 290 27.28 32.04 2.45
C LEU B 290 27.42 32.04 0.93
N ARG B 291 27.00 33.13 0.28
CA ARG B 291 27.17 33.25 -1.17
C ARG B 291 28.61 33.02 -1.59
N TYR B 292 29.56 33.50 -0.80
CA TYR B 292 30.97 33.46 -1.17
C TYR B 292 31.74 32.31 -0.50
N ASN B 293 31.07 31.47 0.29
CA ASN B 293 31.79 30.43 1.03
C ASN B 293 31.19 29.05 0.93
N ARG B 295 30.62 25.67 -0.23
CA ARG B 295 31.35 24.85 -1.18
C ARG B 295 30.41 24.23 -2.23
N SER B 296 29.27 23.70 -1.79
CA SER B 296 28.32 23.06 -2.71
C SER B 296 27.68 24.04 -3.67
N GLN B 297 27.80 25.34 -3.43
CA GLN B 297 27.37 26.37 -4.38
C GLN B 297 28.51 26.90 -5.24
N LEU B 298 29.69 27.10 -4.64
CA LEU B 298 30.85 27.54 -5.41
C LEU B 298 31.28 26.50 -6.42
N TYR B 299 31.13 25.21 -6.10
CA TYR B 299 31.75 24.15 -6.87
C TYR B 299 30.73 23.20 -7.48
N ALA B 300 29.57 23.71 -7.86
CA ALA B 300 28.55 22.94 -8.56
C ALA B 300 27.65 23.90 -9.36
N LYS B 301 26.96 23.35 -10.34
CA LYS B 301 26.24 24.17 -11.31
C LYS B 301 25.09 24.93 -10.66
N SER B 302 24.75 26.05 -11.28
CA SER B 302 23.68 26.91 -10.80
C SER B 302 22.32 26.31 -11.15
N LEU B 303 21.30 26.66 -10.35
CA LEU B 303 19.95 26.18 -10.59
C LEU B 303 19.49 26.58 -11.99
N PRO B 304 18.98 25.65 -12.81
CA PRO B 304 18.60 25.99 -14.17
C PRO B 304 17.54 27.08 -14.23
N PRO B 306 14.80 27.38 -16.38
CA PRO B 306 13.40 26.91 -16.39
C PRO B 306 12.84 26.69 -15.00
N VAL B 308 14.03 28.30 -12.25
CA VAL B 308 13.93 29.67 -11.73
C VAL B 308 12.63 30.31 -12.20
N GLY B 310 9.90 28.91 -13.46
CA GLY B 310 8.76 28.22 -12.88
C GLY B 310 8.56 28.54 -11.42
N ALA B 311 9.64 28.50 -10.63
CA ALA B 311 9.55 28.83 -9.22
C ALA B 311 8.98 30.23 -9.00
N LEU B 312 9.29 31.16 -9.91
CA LEU B 312 8.70 32.49 -9.80
C LEU B 312 7.18 32.42 -9.96
N LYS B 313 6.70 31.61 -10.91
CA LYS B 313 5.25 31.47 -11.06
C LYS B 313 4.63 30.81 -9.84
N ARG B 314 5.24 29.72 -9.36
CA ARG B 314 4.73 29.02 -8.19
C ARG B 314 4.64 29.94 -6.97
N LEU B 315 5.67 30.78 -6.75
CA LEU B 315 5.61 31.72 -5.64
C LEU B 315 4.55 32.78 -5.86
N GLU B 316 4.33 33.16 -7.12
CA GLU B 316 3.24 34.08 -7.42
C GLU B 316 1.90 33.47 -7.03
N LEU B 317 1.67 32.21 -7.41
CA LEU B 317 0.41 31.57 -7.15
C LEU B 317 0.16 31.41 -5.64
N ILE B 318 1.20 31.05 -4.89
CA ILE B 318 1.05 30.92 -3.45
C ILE B 318 0.64 32.25 -2.83
N ARG B 319 1.26 33.34 -3.27
CA ARG B 319 0.90 34.66 -2.76
C ARG B 319 -0.52 35.04 -3.16
N ASN B 320 -0.92 34.73 -4.39
CA ASN B 320 -2.22 35.17 -4.89
C ASN B 320 -3.35 34.24 -4.49
N HIS B 321 -3.06 32.99 -4.14
CA HIS B 321 -4.09 32.00 -3.84
C HIS B 321 -3.84 31.39 -2.48
N PRO B 322 -4.22 32.09 -1.40
CA PRO B 322 -4.26 31.44 -0.08
C PRO B 322 -5.26 30.36 0.28
N GLU B 323 -6.23 30.10 -0.59
CA GLU B 323 -7.14 28.95 -0.38
C GLU B 323 -6.58 27.55 -0.80
N TYR B 324 -5.46 27.62 -1.52
CA TYR B 324 -4.77 26.41 -1.92
C TYR B 324 -4.39 25.83 -0.56
N GLN B 325 -3.81 26.65 0.31
CA GLN B 325 -3.44 26.16 1.64
C GLN B 325 -4.67 25.75 2.44
N GLN B 326 -5.76 26.51 2.32
CA GLN B 326 -6.94 26.17 3.10
C GLN B 326 -7.60 24.91 2.58
N LYS B 327 -7.69 24.75 1.25
CA LYS B 327 -8.23 23.52 0.69
C LYS B 327 -7.41 22.31 1.13
N LEU B 328 -6.09 22.47 1.21
CA LEU B 328 -5.23 21.41 1.72
C LEU B 328 -5.63 21.02 3.14
N TRP B 329 -5.81 22.02 4.00
CA TRP B 329 -6.07 21.71 5.40
C TRP B 329 -7.50 21.20 5.60
N GLU B 330 -8.42 21.60 4.73
CA GLU B 330 -9.75 20.99 4.75
C GLU B 330 -9.67 19.50 4.46
N ILE B 331 -8.83 19.12 3.50
CA ILE B 331 -8.64 17.70 3.23
C ILE B 331 -7.90 17.04 4.39
N VAL B 332 -6.99 17.77 5.02
CA VAL B 332 -6.24 17.21 6.14
C VAL B 332 -7.19 16.88 7.29
N ARG B 333 -8.01 17.84 7.70
CA ARG B 333 -8.88 17.63 8.84
C ARG B 333 -9.95 16.59 8.53
N ALA B 334 -10.44 16.56 7.29
CA ALA B 334 -11.43 15.55 6.92
C ALA B 334 -10.82 14.16 6.98
N LEU B 335 -9.64 14.00 6.40
CA LEU B 335 -9.00 12.68 6.35
C LEU B 335 -8.59 12.23 7.74
N GLN B 336 -7.94 13.11 8.50
CA GLN B 336 -7.44 12.73 9.82
C GLN B 336 -8.59 12.42 10.78
N ASN B 337 -9.61 13.27 10.81
CA ASN B 337 -10.74 13.02 11.71
C ASN B 337 -11.52 11.78 11.27
N GLY B 338 -11.70 11.61 9.95
CA GLY B 338 -12.38 10.41 9.47
C GLY B 338 -11.65 9.14 9.86
N LEU B 339 -10.31 9.15 9.74
CA LEU B 339 -9.54 7.99 10.15
C LEU B 339 -9.60 7.80 11.65
N LYS B 340 -9.53 8.89 12.41
CA LYS B 340 -9.66 8.79 13.87
C LYS B 340 -11.05 8.34 14.28
N GLU B 341 -12.08 8.77 13.53
CA GLU B 341 -13.45 8.32 13.80
C GLU B 341 -13.54 6.80 13.73
N ASN B 342 -12.88 6.18 12.75
CA ASN B 342 -12.93 4.75 12.55
C ASN B 342 -11.79 4.02 13.27
N GLY B 343 -11.28 4.59 14.36
CA GLY B 343 -10.31 3.89 15.19
C GLY B 343 -8.95 3.67 14.58
N PHE B 344 -8.66 4.30 13.44
CA PHE B 344 -7.31 4.25 12.90
C PHE B 344 -6.40 5.14 13.75
N GLU B 345 -5.13 4.73 13.88
CA GLU B 345 -4.18 5.50 14.66
C GLU B 345 -3.37 6.40 13.72
N ILE B 346 -3.53 7.69 13.90
CA ILE B 346 -2.84 8.68 13.07
C ILE B 346 -1.51 9.11 13.69
N GLY B 347 -1.32 8.93 14.99
CA GLY B 347 -0.09 9.34 15.64
C GLY B 347 -0.15 10.74 16.18
N VAL B 348 1.04 11.34 16.32
CA VAL B 348 1.18 12.62 16.99
C VAL B 348 1.25 13.78 16.00
N THR B 349 0.84 13.57 14.75
CA THR B 349 1.04 14.57 13.70
C THR B 349 0.27 15.86 13.99
N ASN B 350 0.94 17.00 13.78
CA ASN B 350 0.29 18.30 13.73
C ASN B 350 0.08 18.79 12.30
N SER B 351 0.80 18.21 11.34
CA SER B 351 0.95 18.70 9.98
C SER B 351 -0.02 18.00 9.04
N PRO B 352 0.04 18.26 7.74
CA PRO B 352 -0.70 17.41 6.79
C PRO B 352 -0.29 15.94 6.83
N VAL B 353 0.95 15.63 7.24
CA VAL B 353 1.40 14.24 7.20
C VAL B 353 0.45 13.36 7.99
N THR B 354 -0.02 12.28 7.37
CA THR B 354 -0.96 11.37 8.00
C THR B 354 -0.40 9.95 7.93
N PRO B 355 0.32 9.52 8.95
CA PRO B 355 0.77 8.12 8.98
C PRO B 355 -0.20 7.25 9.75
N VAL B 356 -0.54 6.08 9.20
CA VAL B 356 -1.55 5.20 9.78
C VAL B 356 -0.83 4.01 10.41
N PHE B 357 -0.79 3.97 11.74
CA PHE B 357 -0.02 2.97 12.44
C PHE B 357 -0.81 1.66 12.58
N LYS B 359 -0.23 -3.04 13.02
CA LYS B 359 0.61 -4.12 13.53
C LYS B 359 0.58 -5.29 12.55
N GLY B 360 1.75 -5.90 12.34
CA GLY B 360 1.85 -7.02 11.43
C GLY B 360 3.29 -7.22 10.99
N GLY B 361 3.46 -8.25 10.15
CA GLY B 361 4.76 -8.62 9.62
C GLY B 361 4.85 -8.36 8.12
N ILE B 362 6.03 -8.69 7.58
CA ILE B 362 6.30 -8.38 6.17
C ILE B 362 5.31 -9.07 5.24
N PRO B 363 5.04 -10.38 5.35
CA PRO B 363 4.02 -10.97 4.47
C PRO B 363 2.63 -10.39 4.67
N GLU B 364 2.36 -9.81 5.85
CA GLU B 364 1.08 -9.16 6.04
C GLU B 364 1.05 -7.78 5.38
N ALA B 365 2.09 -6.98 5.63
CA ALA B 365 2.16 -5.65 5.05
C ALA B 365 2.16 -5.71 3.52
N THR B 366 2.97 -6.61 2.96
CA THR B 366 3.08 -6.67 1.50
C THR B 366 1.77 -7.10 0.87
N ASN B 367 1.12 -8.12 1.43
CA ASN B 367 -0.16 -8.57 0.87
C ASN B 367 -1.27 -7.57 1.15
N LEU B 368 -1.16 -6.81 2.24
CA LEU B 368 -2.07 -5.70 2.48
C LEU B 368 -2.01 -4.71 1.32
N ILE B 369 -0.79 -4.34 0.93
CA ILE B 369 -0.60 -3.33 -0.10
C ILE B 369 -1.07 -3.84 -1.46
N VAL B 370 -0.72 -5.08 -1.79
CA VAL B 370 -1.24 -5.70 -3.02
C VAL B 370 -2.75 -5.60 -3.05
N ASP B 371 -3.40 -5.86 -1.92
CA ASP B 371 -4.85 -5.76 -1.86
C ASP B 371 -5.31 -4.33 -2.09
N LEU B 372 -4.64 -3.38 -1.44
CA LEU B 372 -5.02 -1.97 -1.60
C LEU B 372 -4.90 -1.53 -3.05
N ARG B 373 -3.88 -2.03 -3.76
CA ARG B 373 -3.61 -1.59 -5.13
C ARG B 373 -4.43 -2.37 -6.16
N GLU B 374 -4.27 -3.70 -6.18
CA GLU B 374 -4.87 -4.50 -7.24
C GLU B 374 -6.37 -4.67 -7.07
N ASN B 375 -6.90 -4.42 -5.88
CA ASN B 375 -8.32 -4.62 -5.63
C ASN B 375 -9.08 -3.34 -5.30
N HIS B 376 -8.45 -2.43 -4.55
CA HIS B 376 -9.10 -1.17 -4.20
C HIS B 376 -8.57 0.03 -4.97
N GLY B 377 -7.50 -0.14 -5.74
CA GLY B 377 -6.96 0.99 -6.50
C GLY B 377 -6.46 2.11 -5.62
N ILE B 378 -5.78 1.77 -4.52
CA ILE B 378 -5.24 2.74 -3.59
C ILE B 378 -3.72 2.57 -3.56
N PHE B 379 -3.00 3.65 -3.84
CA PHE B 379 -1.54 3.62 -3.92
C PHE B 379 -0.93 4.39 -2.76
N CYS B 380 -0.19 3.69 -1.91
CA CYS B 380 0.56 4.30 -0.83
C CYS B 380 1.80 3.45 -0.59
N SER B 381 2.82 4.07 0.00
CA SER B 381 3.99 3.34 0.43
C SER B 381 3.77 2.77 1.83
N ILE B 382 4.64 1.84 2.21
CA ILE B 382 4.67 1.31 3.57
C ILE B 382 6.08 1.42 4.10
N VAL B 383 6.19 1.55 5.42
CA VAL B 383 7.47 1.50 6.13
C VAL B 383 7.51 0.15 6.85
N ILE B 384 8.56 -0.64 6.57
CA ILE B 384 8.60 -2.04 6.99
C ILE B 384 9.79 -2.32 7.91
N TYR B 385 10.14 -3.60 8.08
CA TYR B 385 11.00 -4.01 9.20
C TYR B 385 12.43 -3.49 9.18
N PRO B 386 13.13 -3.36 8.04
CA PRO B 386 14.51 -2.83 8.12
C PRO B 386 14.61 -1.49 8.82
N VAL B 387 13.61 -0.62 8.64
CA VAL B 387 13.67 0.71 9.23
C VAL B 387 12.97 0.72 10.59
N ILE B 388 11.67 0.44 10.62
CA ILE B 388 10.93 0.42 11.88
C ILE B 388 10.94 -1.02 12.40
N PRO B 389 10.83 -1.24 13.71
CA PRO B 389 10.97 -2.60 14.25
C PRO B 389 9.94 -3.56 13.67
N LYS B 390 10.29 -4.84 13.69
CA LYS B 390 9.38 -5.88 13.20
C LYS B 390 8.13 -5.90 14.06
N GLY B 391 6.98 -5.78 13.40
CA GLY B 391 5.73 -5.71 14.12
C GLY B 391 4.88 -4.53 13.69
N GLU B 392 5.50 -3.38 13.43
CA GLU B 392 4.76 -2.19 13.04
C GLU B 392 4.63 -2.09 11.53
N ILE B 393 3.54 -1.44 11.11
CA ILE B 393 3.23 -1.20 9.71
C ILE B 393 2.60 0.19 9.66
N ILE B 394 3.28 1.15 9.03
CA ILE B 394 2.70 2.47 8.84
C ILE B 394 2.48 2.69 7.35
N LEU B 395 1.25 3.00 6.99
CA LEU B 395 0.94 3.51 5.67
C LEU B 395 1.20 5.01 5.68
N ARG B 396 1.89 5.50 4.64
CA ARG B 396 2.22 6.93 4.55
C ARG B 396 1.21 7.59 3.62
N VAL B 397 0.26 8.31 4.21
CA VAL B 397 -0.80 9.00 3.50
C VAL B 397 -0.46 10.48 3.49
N ILE B 398 -0.34 11.05 2.31
CA ILE B 398 0.00 12.46 2.20
C ILE B 398 -1.16 13.18 1.50
N PRO B 399 -1.96 13.95 2.23
CA PRO B 399 -3.05 14.69 1.59
C PRO B 399 -2.51 15.89 0.86
N THR B 400 -3.34 16.39 -0.05
CA THR B 400 -2.89 17.39 -1.00
C THR B 400 -4.11 18.18 -1.45
N ALA B 401 -3.91 19.47 -1.72
CA ALA B 401 -5.03 20.32 -2.08
C ALA B 401 -5.69 19.91 -3.39
N ALA B 402 -5.08 19.01 -4.15
CA ALA B 402 -5.71 18.47 -5.36
C ALA B 402 -6.60 17.27 -5.08
N HIS B 403 -6.56 16.74 -3.86
CA HIS B 403 -7.45 15.64 -3.47
C HIS B 403 -8.86 16.15 -3.25
N THR B 404 -9.83 15.30 -3.54
CA THR B 404 -11.24 15.57 -3.33
C THR B 404 -11.74 14.90 -2.05
N LEU B 405 -12.92 15.31 -1.60
CA LEU B 405 -13.53 14.59 -0.46
C LEU B 405 -13.92 13.17 -0.86
N ASP B 406 -14.39 12.99 -2.10
CA ASP B 406 -14.61 11.63 -2.61
C ASP B 406 -13.35 10.79 -2.49
N ASP B 407 -12.19 11.38 -2.78
CA ASP B 407 -10.93 10.69 -2.58
C ASP B 407 -10.79 10.24 -1.14
N VAL B 408 -11.09 11.12 -0.19
CA VAL B 408 -10.95 10.81 1.23
C VAL B 408 -11.88 9.67 1.62
N ASN B 409 -13.12 9.69 1.12
CA ASN B 409 -14.10 8.70 1.54
C ASN B 409 -13.75 7.31 1.00
N TYR B 410 -13.42 7.24 -0.30
CA TYR B 410 -13.03 5.97 -0.89
C TYR B 410 -11.83 5.37 -0.18
N THR B 411 -10.85 6.19 0.18
CA THR B 411 -9.65 5.66 0.81
C THR B 411 -9.96 5.10 2.19
N ILE B 412 -10.66 5.88 3.01
CA ILE B 412 -11.00 5.42 4.36
C ILE B 412 -11.84 4.14 4.29
N ALA B 413 -12.79 4.10 3.34
CA ALA B 413 -13.55 2.88 3.10
C ALA B 413 -12.61 1.72 2.75
N ALA B 414 -11.73 1.92 1.78
CA ALA B 414 -10.80 0.86 1.40
C ALA B 414 -9.88 0.49 2.56
N PHE B 415 -9.41 1.49 3.31
CA PHE B 415 -8.60 1.20 4.48
C PHE B 415 -9.36 0.33 5.49
N LYS B 416 -10.66 0.59 5.66
CA LYS B 416 -11.44 -0.15 6.64
C LYS B 416 -11.61 -1.61 6.24
N SER B 417 -11.78 -1.87 4.95
CA SER B 417 -11.84 -3.25 4.47
C SER B 417 -10.51 -3.94 4.71
N VAL B 418 -9.44 -3.32 4.25
CA VAL B 418 -8.10 -3.86 4.37
C VAL B 418 -7.76 -4.22 5.81
N ARG B 419 -8.24 -3.40 6.76
CA ARG B 419 -7.93 -3.66 8.17
C ARG B 419 -8.67 -4.89 8.69
N ASP B 420 -9.92 -5.08 8.28
CA ASP B 420 -10.67 -6.26 8.70
C ASP B 420 -9.93 -7.53 8.32
N LYS B 421 -9.33 -7.54 7.12
CA LYS B 421 -8.56 -8.70 6.70
C LYS B 421 -7.25 -8.84 7.47
N LEU B 422 -6.64 -7.72 7.85
CA LEU B 422 -5.39 -7.78 8.59
C LEU B 422 -5.61 -8.34 9.99
N GLU B 423 -6.55 -7.76 10.74
CA GLU B 423 -6.84 -8.26 12.08
C GLU B 423 -7.49 -9.63 12.05
N GLY B 424 -8.18 -9.94 10.95
CA GLY B 424 -8.79 -11.25 10.78
C GLY B 424 -7.81 -12.38 10.57
N GLY B 425 -6.62 -12.08 10.05
CA GLY B 425 -5.60 -13.07 9.78
C GLY B 425 -5.51 -13.53 8.35
N ILE B 426 -6.31 -12.95 7.44
CA ILE B 426 -6.31 -13.39 6.05
C ILE B 426 -4.95 -13.14 5.40
N TYR B 427 -4.35 -11.97 5.65
CA TYR B 427 -3.08 -11.64 4.98
C TYR B 427 -1.93 -12.51 5.48
N ALA B 428 -1.95 -12.90 6.76
CA ALA B 428 -0.91 -13.78 7.27
C ALA B 428 -0.94 -15.15 6.61
N GLN B 429 -2.08 -15.54 6.01
CA GLN B 429 -2.16 -16.85 5.38
C GLN B 429 -1.39 -16.89 4.06
N PRO B 431 1.76 -15.81 1.33
CA PRO B 431 3.20 -15.50 1.37
C PRO B 431 3.51 -14.11 0.84
N ILE B 432 4.76 -13.71 1.01
CA ILE B 432 5.27 -12.46 0.44
C ILE B 432 5.05 -12.52 -1.07
N PRO B 433 4.32 -11.57 -1.65
CA PRO B 433 4.04 -11.64 -3.08
C PRO B 433 5.28 -11.36 -3.91
N VAL B 434 5.28 -11.93 -5.11
CA VAL B 434 6.30 -11.63 -6.12
C VAL B 434 5.66 -10.67 -7.11
N ARG B 435 6.10 -9.40 -7.08
CA ARG B 435 5.56 -8.39 -7.97
C ARG B 435 6.64 -7.48 -8.52
N ALA B 436 7.90 -7.88 -8.41
CA ALA B 436 9.00 -7.03 -8.85
C ALA B 436 8.99 -6.89 -10.38
N ASP B 437 9.69 -5.88 -10.86
CA ASP B 437 9.81 -5.66 -12.29
C ASP B 437 10.43 -6.88 -12.97
N GLU B 438 9.74 -7.41 -13.98
CA GLU B 438 10.33 -8.46 -14.79
C GLU B 438 11.54 -7.90 -15.53
N GLY B 439 12.69 -8.54 -15.36
CA GLY B 439 13.94 -8.08 -15.96
C GLY B 439 14.94 -7.51 -14.97
N PHE B 440 14.49 -7.06 -13.81
CA PHE B 440 15.42 -6.58 -12.79
C PHE B 440 16.33 -7.71 -12.34
N LYS B 441 17.64 -7.44 -12.30
CA LYS B 441 18.62 -8.42 -11.89
C LYS B 441 19.41 -7.88 -10.69
N VAL B 442 19.53 -8.72 -9.66
CA VAL B 442 20.20 -8.29 -8.42
C VAL B 442 21.69 -8.12 -8.65
N ARG B 443 22.28 -8.89 -9.56
CA ARG B 443 23.71 -8.84 -9.81
C ARG B 443 24.07 -9.27 -11.24
N VAL C 22 -71.88 39.59 5.52
CA VAL C 22 -70.68 39.90 4.75
C VAL C 22 -70.44 38.73 3.79
N ASP C 23 -70.58 39.00 2.49
CA ASP C 23 -70.44 37.93 1.51
C ASP C 23 -69.01 37.40 1.54
N ILE C 24 -68.89 36.08 1.44
CA ILE C 24 -67.58 35.44 1.59
C ILE C 24 -66.59 36.00 0.59
N PHE C 25 -67.00 36.08 -0.69
CA PHE C 25 -66.11 36.64 -1.69
C PHE C 25 -65.82 38.12 -1.43
N ALA C 26 -66.75 38.82 -0.78
CA ALA C 26 -66.51 40.22 -0.43
C ALA C 26 -65.58 40.35 0.77
N ARG C 27 -65.79 39.52 1.80
CA ARG C 27 -64.91 39.56 2.96
C ARG C 27 -63.46 39.28 2.58
N LEU C 28 -63.24 38.51 1.53
CA LEU C 28 -61.89 38.36 1.00
C LEU C 28 -61.55 39.45 -0.01
N GLU C 29 -62.54 40.01 -0.70
CA GLU C 29 -62.26 41.04 -1.75
C GLU C 29 -61.65 42.29 -1.11
N LYS C 30 -62.47 43.08 -0.41
CA LYS C 30 -61.95 44.29 0.19
C LYS C 30 -61.08 43.99 1.40
N ASN C 31 -61.54 43.07 2.25
CA ASN C 31 -60.87 42.90 3.58
C ASN C 31 -59.84 41.79 3.66
N ALA C 32 -59.28 41.36 2.54
CA ALA C 32 -58.17 40.39 2.66
C ALA C 32 -56.95 40.96 1.95
N GLY C 33 -56.97 41.02 0.62
CA GLY C 33 -55.78 41.46 -0.12
C GLY C 33 -54.79 40.33 -0.23
N GLY C 34 -55.19 39.21 -0.85
CA GLY C 34 -54.30 38.10 -1.09
C GLY C 34 -52.82 38.38 -1.23
N PRO C 35 -52.43 39.28 -2.15
CA PRO C 35 -51.00 39.56 -2.38
C PRO C 35 -50.19 39.91 -1.13
N ILE C 36 -50.88 40.20 -0.01
CA ILE C 36 -50.17 40.45 1.24
C ILE C 36 -49.43 39.19 1.68
N GLY C 37 -50.05 38.02 1.52
CA GLY C 37 -49.40 36.78 1.91
C GLY C 37 -48.21 36.44 1.03
N GLN C 38 -48.28 36.79 -0.25
CA GLN C 38 -47.13 36.62 -1.14
C GLN C 38 -45.93 37.41 -0.65
N TYR C 39 -46.17 38.64 -0.21
CA TYR C 39 -45.11 39.47 0.37
C TYR C 39 -44.49 38.80 1.59
N SER C 41 -44.38 35.65 2.33
CA SER C 41 -43.61 34.49 1.88
C SER C 41 -42.33 34.93 1.17
N GLU C 53 -33.43 28.40 -12.56
CA GLU C 53 -33.59 27.42 -13.63
C GLU C 53 -32.30 26.63 -13.87
N GLY C 54 -32.44 25.48 -14.52
CA GLY C 54 -31.35 24.55 -14.73
C GLY C 54 -31.68 23.18 -14.17
N GLU C 55 -30.81 22.23 -14.52
CA GLU C 55 -30.94 20.88 -13.99
C GLU C 55 -30.68 20.88 -12.49
N ILE C 56 -31.60 20.26 -11.75
CA ILE C 56 -31.58 20.33 -10.28
C ILE C 56 -30.23 19.85 -9.74
N GLY C 57 -29.60 20.70 -8.95
CA GLY C 57 -28.29 20.44 -8.39
C GLY C 57 -27.75 21.68 -7.74
N PRO C 58 -26.48 21.67 -7.33
CA PRO C 58 -25.89 22.87 -6.72
C PRO C 58 -25.56 23.94 -7.74
N HIS C 59 -25.10 23.50 -8.92
CA HIS C 59 -24.63 24.41 -9.95
C HIS C 59 -25.65 24.57 -11.06
N VAL C 61 -27.46 26.64 -13.77
CA VAL C 61 -27.02 27.77 -14.57
C VAL C 61 -28.21 28.70 -14.78
N PHE C 62 -28.18 29.86 -14.12
CA PHE C 62 -29.14 30.91 -14.43
C PHE C 62 -28.81 31.52 -15.78
N ARG C 63 -29.81 32.20 -16.37
CA ARG C 63 -29.65 32.75 -17.72
C ARG C 63 -28.44 33.68 -17.80
N GLY C 64 -28.25 34.51 -16.78
CA GLY C 64 -27.13 35.45 -16.81
C GLY C 64 -25.79 34.75 -16.59
N LYS C 65 -25.72 33.87 -15.60
CA LYS C 65 -24.47 33.18 -15.27
C LYS C 65 -24.78 31.97 -14.42
N LYS C 66 -23.77 31.11 -14.30
CA LYS C 66 -23.89 29.95 -13.43
C LYS C 66 -24.00 30.39 -11.97
N LEU C 68 -24.42 29.37 -7.76
CA LEU C 68 -24.20 28.39 -6.70
C LEU C 68 -25.37 28.48 -5.71
N ASN C 69 -26.12 27.38 -5.59
CA ASN C 69 -27.30 27.35 -4.72
C ASN C 69 -27.02 26.61 -3.43
N TRP C 70 -27.47 27.18 -2.33
CA TRP C 70 -27.54 26.48 -1.06
C TRP C 70 -28.97 26.47 -0.54
N SER C 71 -29.93 26.40 -1.46
CA SER C 71 -31.34 26.56 -1.15
C SER C 71 -32.14 25.27 -1.27
N LEU C 72 -31.58 24.23 -1.87
CA LEU C 72 -32.29 22.98 -2.09
C LEU C 72 -32.00 22.01 -0.97
N ASN C 73 -33.04 21.32 -0.48
CA ASN C 73 -32.87 20.31 0.59
C ASN C 73 -32.53 18.97 -0.05
N ASN C 74 -31.68 18.97 -1.09
CA ASN C 74 -31.26 17.74 -1.76
C ASN C 74 -30.01 17.18 -1.07
N TYR C 75 -30.17 16.83 0.20
CA TYR C 75 -29.03 16.60 1.08
C TYR C 75 -28.06 15.57 0.50
N LEU C 76 -28.56 14.48 -0.06
CA LEU C 76 -27.68 13.40 -0.50
C LEU C 76 -27.37 13.46 -1.99
N GLY C 77 -27.78 14.53 -2.67
CA GLY C 77 -27.51 14.65 -4.09
C GLY C 77 -28.30 13.72 -4.98
N LEU C 78 -29.34 13.06 -4.44
CA LEU C 78 -30.04 12.03 -5.20
C LEU C 78 -30.94 12.59 -6.29
N ALA C 79 -31.12 13.91 -6.36
CA ALA C 79 -32.08 14.47 -7.30
C ALA C 79 -31.65 14.24 -8.75
N ASN C 80 -30.41 14.58 -9.09
CA ASN C 80 -29.89 14.38 -10.44
C ASN C 80 -28.93 13.21 -10.52
N HIS C 81 -28.95 12.31 -9.53
CA HIS C 81 -28.13 11.12 -9.58
C HIS C 81 -28.52 10.29 -10.81
N PRO C 82 -27.57 9.92 -11.68
CA PRO C 82 -27.93 9.16 -12.88
C PRO C 82 -28.68 7.87 -12.59
N GLU C 83 -28.26 7.11 -11.57
CA GLU C 83 -28.99 5.90 -11.20
C GLU C 83 -30.42 6.22 -10.79
N VAL C 84 -30.63 7.38 -10.15
CA VAL C 84 -31.99 7.82 -9.83
C VAL C 84 -32.75 8.17 -11.10
N ARG C 85 -32.12 8.95 -11.99
CA ARG C 85 -32.77 9.34 -13.24
C ARG C 85 -33.10 8.12 -14.09
N LYS C 86 -32.21 7.12 -14.10
CA LYS C 86 -32.49 5.88 -14.80
C LYS C 86 -33.75 5.21 -14.25
N ALA C 87 -33.77 4.95 -12.94
CA ALA C 87 -34.91 4.27 -12.34
C ALA C 87 -36.21 5.04 -12.51
N ASP C 88 -36.13 6.38 -12.53
CA ASP C 88 -37.33 7.18 -12.72
C ASP C 88 -37.87 7.03 -14.13
N ALA C 89 -36.99 7.07 -15.14
CA ALA C 89 -37.44 6.90 -16.52
C ALA C 89 -37.93 5.48 -16.78
N GLU C 90 -37.36 4.48 -16.11
CA GLU C 90 -37.82 3.10 -16.27
C GLU C 90 -39.25 2.94 -15.78
N GLY C 91 -39.50 3.36 -14.54
CA GLY C 91 -40.84 3.22 -13.98
C GLY C 91 -41.89 3.93 -14.81
N ALA C 92 -41.59 5.14 -15.29
CA ALA C 92 -42.54 5.85 -16.13
C ALA C 92 -42.77 5.12 -17.45
N ALA C 93 -41.71 4.57 -18.03
CA ALA C 93 -41.86 3.87 -19.30
C ALA C 93 -42.68 2.61 -19.14
N LYS C 94 -42.41 1.82 -18.10
CA LYS C 94 -43.07 0.53 -17.95
C LYS C 94 -44.49 0.66 -17.41
N PHE C 95 -44.73 1.60 -16.49
CA PHE C 95 -45.99 1.68 -15.77
C PHE C 95 -46.89 2.84 -16.20
N GLY C 96 -46.34 3.88 -16.78
CA GLY C 96 -47.10 5.10 -16.99
C GLY C 96 -47.02 5.93 -15.74
N ALA C 98 -49.08 7.61 -14.18
CA ALA C 98 -50.22 7.47 -13.24
C ALA C 98 -50.69 6.00 -13.26
N ALA C 99 -49.98 5.10 -12.58
CA ALA C 99 -50.31 3.66 -12.68
C ALA C 99 -51.22 3.10 -11.57
N PRO C 100 -51.00 3.30 -10.25
CA PRO C 100 -51.83 2.66 -9.22
C PRO C 100 -53.21 3.35 -9.19
N GLY C 102 -56.80 4.42 -8.18
CA GLY C 102 -57.61 4.40 -6.99
C GLY C 102 -56.78 4.25 -5.72
N ALA C 103 -57.47 4.18 -4.60
CA ALA C 103 -56.81 4.11 -3.30
C ALA C 103 -56.20 2.73 -3.08
N ARG C 104 -55.33 2.65 -2.07
CA ARG C 104 -54.62 1.42 -1.77
C ARG C 104 -55.58 0.28 -1.47
N SER C 107 -58.05 -0.34 -5.20
CA SER C 107 -57.48 -0.94 -6.40
C SER C 107 -56.03 -0.55 -6.65
N GLY C 108 -55.37 0.18 -5.75
CA GLY C 108 -54.05 0.71 -5.98
C GLY C 108 -52.91 0.00 -5.28
N GLN C 109 -53.13 -1.20 -4.76
CA GLN C 109 -52.08 -1.93 -4.05
C GLN C 109 -51.26 -2.76 -5.02
N THR C 110 -49.93 -2.67 -4.88
CA THR C 110 -49.00 -3.47 -5.67
C THR C 110 -47.97 -4.09 -4.73
N VAL C 111 -47.31 -5.13 -5.23
CA VAL C 111 -46.25 -5.78 -4.44
C VAL C 111 -45.05 -4.85 -4.29
N TYR C 112 -44.82 -3.97 -5.29
CA TYR C 112 -43.70 -3.03 -5.20
C TYR C 112 -43.93 -2.00 -4.10
N HIS C 113 -45.18 -1.53 -3.94
CA HIS C 113 -45.53 -0.75 -2.76
C HIS C 113 -45.16 -1.51 -1.49
N GLU C 114 -45.58 -2.77 -1.40
CA GLU C 114 -45.28 -3.59 -0.23
C GLU C 114 -43.77 -3.81 -0.08
N GLN C 115 -43.06 -3.92 -1.20
CA GLN C 115 -41.60 -4.07 -1.14
C GLN C 115 -40.90 -2.86 -0.53
N LEU C 116 -41.33 -1.66 -0.92
CA LEU C 116 -40.75 -0.45 -0.35
C LEU C 116 -41.02 -0.34 1.15
N GLU C 117 -42.22 -0.75 1.58
CA GLU C 117 -42.55 -0.67 3.00
C GLU C 117 -41.66 -1.62 3.79
N ARG C 118 -41.46 -2.83 3.27
CA ARG C 118 -40.58 -3.78 3.95
C ARG C 118 -39.17 -3.23 4.09
N GLU C 119 -38.66 -2.62 3.02
CA GLU C 119 -37.30 -2.10 3.05
C GLU C 119 -37.19 -0.91 4.00
N LEU C 120 -38.20 -0.03 4.02
CA LEU C 120 -38.17 1.12 4.90
C LEU C 120 -38.15 0.72 6.36
N ALA C 121 -39.09 -0.15 6.76
CA ALA C 121 -39.17 -0.60 8.14
C ALA C 121 -37.86 -1.25 8.58
N GLU C 122 -37.24 -2.02 7.68
CA GLU C 122 -35.96 -2.66 7.99
C GLU C 122 -34.87 -1.61 8.19
N PHE C 123 -34.83 -0.61 7.32
CA PHE C 123 -33.82 0.44 7.43
C PHE C 123 -33.93 1.16 8.77
N VAL C 124 -35.06 1.81 9.02
CA VAL C 124 -35.21 2.64 10.21
C VAL C 124 -35.36 1.82 11.49
N GLY C 125 -35.55 0.50 11.38
CA GLY C 125 -35.56 -0.36 12.54
C GLY C 125 -36.89 -0.44 13.25
N LYS C 126 -37.97 -0.59 12.49
CA LYS C 126 -39.30 -0.72 13.04
C LYS C 126 -40.00 -1.91 12.40
N GLU C 127 -41.06 -2.38 13.06
CA GLU C 127 -41.71 -3.62 12.65
C GLU C 127 -42.32 -3.49 11.25
N ASP C 128 -42.96 -2.37 10.96
CA ASP C 128 -43.73 -2.24 9.73
C ASP C 128 -43.73 -0.78 9.28
N ALA C 129 -44.11 -0.58 8.02
CA ALA C 129 -44.22 0.75 7.44
C ALA C 129 -45.45 0.83 6.56
N PHE C 130 -46.02 2.02 6.44
CA PHE C 130 -47.10 2.31 5.50
C PHE C 130 -46.61 3.37 4.52
N LEU C 131 -46.70 3.06 3.23
CA LEU C 131 -46.32 4.00 2.18
C LEU C 131 -47.45 4.99 1.95
N LEU C 132 -47.17 6.28 2.09
CA LEU C 132 -48.19 7.31 2.03
C LEU C 132 -48.06 8.00 0.67
N ASN C 133 -49.16 8.60 0.22
CA ASN C 133 -49.14 9.32 -1.04
C ASN C 133 -48.62 10.75 -0.90
N PHE C 134 -48.70 11.30 0.31
CA PHE C 134 -48.19 12.64 0.58
C PHE C 134 -47.96 12.84 2.07
N GLY C 135 -46.96 13.67 2.39
CA GLY C 135 -46.60 13.86 3.78
C GLY C 135 -47.62 14.66 4.56
N TYR C 136 -48.21 15.70 3.94
CA TYR C 136 -49.08 16.59 4.69
C TYR C 136 -50.40 15.89 5.08
N GLN C 137 -51.04 15.18 4.14
CA GLN C 137 -52.12 14.26 4.53
C GLN C 137 -51.70 13.30 5.63
N GLY C 138 -50.62 12.57 5.40
CA GLY C 138 -50.15 11.53 6.28
C GLY C 138 -50.21 11.94 7.74
N ILE C 140 -51.69 14.53 9.02
CA ILE C 140 -53.03 14.98 9.41
C ILE C 140 -53.83 13.81 9.96
N SER C 141 -53.76 12.68 9.23
CA SER C 141 -54.54 11.48 9.62
C SER C 141 -53.77 10.67 10.65
N ILE C 142 -52.44 10.80 10.68
CA ILE C 142 -51.68 10.16 11.75
C ILE C 142 -52.33 10.62 13.03
N ILE C 143 -52.29 11.93 13.25
CA ILE C 143 -52.76 12.53 14.50
C ILE C 143 -54.22 12.24 14.71
N ASP C 144 -54.99 12.13 13.62
CA ASP C 144 -56.41 11.86 13.75
C ASP C 144 -56.67 10.44 14.22
N CYS C 145 -55.94 9.46 13.67
CA CYS C 145 -56.21 8.07 14.03
C CYS C 145 -55.73 7.72 15.43
N LEU C 146 -54.65 8.36 15.90
CA LEU C 146 -54.09 8.00 17.20
C LEU C 146 -54.92 8.55 18.35
N LEU C 147 -55.42 9.78 18.22
CA LEU C 147 -56.04 10.48 19.33
C LEU C 147 -57.56 10.37 19.30
N THR C 148 -58.14 10.33 20.50
CA THR C 148 -59.57 10.52 20.73
C THR C 148 -59.75 11.72 21.64
N PRO C 149 -60.97 12.27 21.74
CA PRO C 149 -61.17 13.44 22.61
C PRO C 149 -60.79 13.23 24.06
N ARG C 150 -60.70 11.99 24.53
CA ARG C 150 -60.30 11.76 25.91
C ARG C 150 -58.80 11.98 26.12
N ASP C 151 -58.00 11.98 25.06
CA ASP C 151 -56.55 12.05 25.19
C ASP C 151 -56.07 13.50 25.23
N VAL C 152 -54.77 13.66 25.50
CA VAL C 152 -54.14 14.98 25.63
C VAL C 152 -52.82 14.98 24.87
N VAL C 153 -52.59 16.04 24.10
CA VAL C 153 -51.38 16.13 23.29
C VAL C 153 -50.43 17.15 23.92
N VAL C 154 -49.13 16.88 23.77
CA VAL C 154 -48.07 17.80 24.15
C VAL C 154 -47.12 17.91 22.96
N TYR C 155 -46.98 19.12 22.41
CA TYR C 155 -46.26 19.29 21.15
C TYR C 155 -45.32 20.50 21.21
N ASP C 156 -44.19 20.37 20.49
CA ASP C 156 -43.17 21.40 20.45
C ASP C 156 -43.68 22.63 19.69
N ALA C 157 -43.50 23.81 20.29
CA ALA C 157 -44.06 25.05 19.73
C ALA C 157 -43.74 25.18 18.25
N GLU C 158 -42.54 24.80 17.84
CA GLU C 158 -42.08 24.96 16.47
C GLU C 158 -42.53 23.83 15.56
N ALA C 159 -43.58 23.09 15.91
CA ALA C 159 -44.01 21.96 15.11
C ALA C 159 -44.40 22.39 13.71
N HIS C 160 -44.12 21.54 12.74
CA HIS C 160 -44.38 21.87 11.34
C HIS C 160 -45.87 22.02 11.10
N ALA C 161 -46.22 22.68 9.99
CA ALA C 161 -47.61 23.07 9.73
C ALA C 161 -48.54 21.87 9.70
N CYS C 162 -48.08 20.72 9.18
CA CYS C 162 -48.97 19.56 9.10
C CYS C 162 -49.33 19.06 10.49
N ILE C 163 -48.37 19.12 11.42
CA ILE C 163 -48.65 18.77 12.81
C ILE C 163 -49.73 19.69 13.37
N ILE C 164 -49.57 21.00 13.16
CA ILE C 164 -50.54 21.96 13.68
C ILE C 164 -51.91 21.72 13.05
N ASP C 165 -51.94 21.59 11.72
CA ASP C 165 -53.22 21.35 11.05
C ASP C 165 -53.81 20.00 11.47
N GLY C 166 -52.96 19.02 11.79
CA GLY C 166 -53.48 17.76 12.30
C GLY C 166 -54.07 17.89 13.70
N LEU C 167 -53.40 18.64 14.58
CA LEU C 167 -53.91 18.85 15.93
C LEU C 167 -55.21 19.64 15.95
N ARG C 168 -55.50 20.40 14.89
CA ARG C 168 -56.79 21.09 14.82
C ARG C 168 -57.92 20.14 14.46
N LEU C 169 -57.60 18.92 14.01
CA LEU C 169 -58.59 17.87 13.87
C LEU C 169 -58.89 17.16 15.19
N HIS C 170 -57.99 17.27 16.17
CA HIS C 170 -58.18 16.64 17.46
C HIS C 170 -59.07 17.54 18.32
N LYS C 171 -60.27 17.07 18.64
CA LYS C 171 -61.23 17.86 19.39
C LYS C 171 -60.97 17.86 20.89
N GLY C 172 -59.92 17.20 21.36
CA GLY C 172 -59.58 17.15 22.76
C GLY C 172 -58.68 18.30 23.19
N LYS C 173 -57.95 18.06 24.27
CA LYS C 173 -57.08 19.08 24.85
C LYS C 173 -55.66 18.95 24.29
N ARG C 174 -55.05 20.09 23.99
CA ARG C 174 -53.69 20.18 23.48
C ARG C 174 -52.86 21.10 24.37
N PHE C 175 -51.62 20.71 24.63
CA PHE C 175 -50.70 21.48 25.45
C PHE C 175 -49.40 21.69 24.67
N VAL C 176 -48.93 22.94 24.61
CA VAL C 176 -47.69 23.25 23.91
C VAL C 176 -46.58 23.46 24.93
N TYR C 177 -45.40 22.90 24.65
CA TYR C 177 -44.24 23.16 25.47
C TYR C 177 -43.22 23.97 24.69
N GLY C 178 -42.48 24.81 25.41
CA GLY C 178 -41.48 25.66 24.76
C GLY C 178 -40.48 24.85 23.96
N HIS C 179 -39.97 25.47 22.91
CA HIS C 179 -39.10 24.78 21.96
C HIS C 179 -37.95 24.08 22.67
N ASN C 180 -37.84 22.76 22.47
CA ASN C 180 -36.76 21.93 23.01
C ASN C 180 -36.43 22.29 24.44
N ASP C 181 -37.44 22.72 25.20
CA ASP C 181 -37.30 23.09 26.60
C ASP C 181 -37.81 21.93 27.44
N ASP C 183 -37.85 21.68 30.56
CA ASP C 183 -38.55 22.13 31.76
C ASP C 183 -40.05 22.26 31.50
N SER C 184 -40.43 23.02 30.47
CA SER C 184 -41.86 23.16 30.17
C SER C 184 -42.45 21.85 29.67
N LEU C 185 -41.64 21.00 29.03
CA LEU C 185 -42.13 19.67 28.69
C LEU C 185 -42.57 18.91 29.93
N ARG C 186 -41.70 18.85 30.94
CA ARG C 186 -42.07 18.22 32.21
C ARG C 186 -43.31 18.88 32.81
N LEU C 187 -43.33 20.21 32.85
CA LEU C 187 -44.47 20.91 33.42
C LEU C 187 -45.76 20.57 32.67
N GLN C 188 -45.75 20.69 31.33
CA GLN C 188 -46.95 20.37 30.58
C GLN C 188 -47.24 18.87 30.61
N LEU C 189 -46.21 18.03 30.71
CA LEU C 189 -46.46 16.60 30.86
C LEU C 189 -47.21 16.32 32.16
N GLN C 190 -46.88 17.05 33.22
CA GLN C 190 -47.63 16.88 34.46
C GLN C 190 -49.06 17.36 34.31
N HIS C 191 -49.26 18.50 33.65
CA HIS C 191 -50.62 18.96 33.37
C HIS C 191 -51.37 17.94 32.53
N ALA C 192 -50.71 17.40 31.50
CA ALA C 192 -51.35 16.42 30.63
C ALA C 192 -51.71 15.15 31.38
N THR C 193 -50.80 14.65 32.22
CA THR C 193 -51.06 13.43 32.97
C THR C 193 -52.20 13.64 33.98
N ASP C 194 -52.22 14.79 34.63
CA ASP C 194 -53.31 15.09 35.57
C ASP C 194 -54.66 15.04 34.86
N LEU C 195 -54.78 15.74 33.72
CA LEU C 195 -56.04 15.71 32.97
C LEU C 195 -56.31 14.34 32.36
N ALA C 196 -55.25 13.58 32.04
CA ALA C 196 -55.45 12.27 31.41
C ALA C 196 -56.09 11.30 32.39
N GLU C 197 -55.71 11.35 33.67
CA GLU C 197 -56.35 10.50 34.66
C GLU C 197 -57.81 10.90 34.87
N GLU C 198 -58.08 12.20 34.96
CA GLU C 198 -59.46 12.64 35.12
C GLU C 198 -60.31 12.35 33.89
N GLN C 199 -59.70 12.36 32.70
CA GLN C 199 -60.41 12.10 31.46
C GLN C 199 -60.40 10.63 31.06
N LYS C 200 -59.68 9.78 31.79
CA LYS C 200 -59.55 8.36 31.48
C LYS C 200 -59.03 8.15 30.06
N GLY C 201 -57.86 8.71 29.80
CA GLY C 201 -57.16 8.58 28.54
C GLY C 201 -55.67 8.64 28.80
N GLY C 202 -54.92 8.71 27.70
CA GLY C 202 -53.48 8.88 27.75
C GLY C 202 -53.04 10.18 27.07
N VAL C 203 -51.72 10.36 27.04
CA VAL C 203 -51.12 11.58 26.49
C VAL C 203 -50.11 11.19 25.42
N LEU C 204 -50.03 12.02 24.38
CA LEU C 204 -49.11 11.86 23.25
C LEU C 204 -48.18 13.06 23.18
N VAL C 205 -46.90 12.79 22.93
CA VAL C 205 -45.90 13.83 22.74
C VAL C 205 -45.50 13.85 21.26
N ILE C 206 -45.53 15.03 20.66
CA ILE C 206 -45.15 15.22 19.26
C ILE C 206 -43.98 16.19 19.20
N THR C 207 -42.96 15.83 18.44
CA THR C 207 -41.80 16.68 18.22
C THR C 207 -41.16 16.27 16.89
N GLU C 208 -40.18 17.06 16.46
CA GLU C 208 -39.50 16.80 15.20
C GLU C 208 -38.07 16.34 15.46
N GLY C 209 -37.59 15.47 14.58
CA GLY C 209 -36.22 15.00 14.69
C GLY C 209 -35.23 16.13 14.50
N VAL C 210 -35.35 16.84 13.37
CA VAL C 210 -34.55 18.03 13.08
C VAL C 210 -35.51 19.14 12.72
N PHE C 211 -35.38 20.27 13.41
CA PHE C 211 -36.22 21.44 13.14
C PHE C 211 -35.58 22.28 12.04
N GLY C 212 -36.35 22.58 10.99
CA GLY C 212 -35.80 23.16 9.79
C GLY C 212 -35.51 24.64 9.86
N LYS C 214 -34.22 26.91 12.68
CA LYS C 214 -32.92 27.21 13.29
C LYS C 214 -31.93 26.06 13.18
N GLY C 215 -32.37 24.88 12.76
CA GLY C 215 -31.48 23.76 12.50
C GLY C 215 -31.23 22.84 13.68
N ASP C 216 -31.69 23.18 14.88
CA ASP C 216 -31.45 22.34 16.04
C ASP C 216 -32.20 21.01 16.08
N LEU C 217 -31.54 19.98 16.59
CA LEU C 217 -32.21 18.69 16.73
C LEU C 217 -33.07 18.44 17.96
N GLY C 218 -34.17 17.71 17.79
CA GLY C 218 -35.07 17.48 18.91
C GLY C 218 -34.24 16.67 19.89
N LYS C 219 -34.41 16.96 21.17
CA LYS C 219 -33.66 16.27 22.22
C LYS C 219 -34.30 14.91 22.54
N LEU C 220 -34.25 14.02 21.55
CA LEU C 220 -34.99 12.77 21.62
C LEU C 220 -34.51 11.90 22.77
N ASP C 221 -33.20 11.91 23.04
CA ASP C 221 -32.70 11.12 24.18
C ASP C 221 -33.35 11.58 25.47
N GLU C 222 -33.25 12.89 25.76
CA GLU C 222 -33.83 13.44 26.97
C GLU C 222 -35.34 13.24 27.01
N ILE C 223 -36.00 13.29 25.84
CA ILE C 223 -37.44 13.15 25.81
C ILE C 223 -37.86 11.74 26.20
N VAL C 224 -37.28 10.73 25.54
CA VAL C 224 -37.52 9.34 25.91
C VAL C 224 -37.06 9.08 27.35
N ALA C 225 -36.09 9.86 27.83
CA ALA C 225 -35.70 9.74 29.24
C ALA C 225 -36.85 10.12 30.17
N LEU C 226 -37.66 11.10 29.76
CA LEU C 226 -38.84 11.47 30.54
C LEU C 226 -39.93 10.41 30.51
N LYS C 227 -39.79 9.39 29.66
CA LYS C 227 -40.75 8.29 29.62
C LYS C 227 -40.72 7.46 30.90
N LYS C 228 -39.69 7.60 31.74
CA LYS C 228 -39.65 6.90 33.01
C LYS C 228 -40.39 7.62 34.13
N ASP C 229 -40.57 8.94 34.01
CA ASP C 229 -41.31 9.74 34.98
C ASP C 229 -42.74 10.02 34.54
N PHE C 230 -43.07 9.79 33.27
CA PHE C 230 -44.41 10.02 32.76
C PHE C 230 -44.76 8.91 31.78
N GLN C 231 -46.04 8.62 31.64
CA GLN C 231 -46.52 7.53 30.79
C GLN C 231 -47.15 8.12 29.53
N PHE C 232 -46.32 8.29 28.49
CA PHE C 232 -46.77 8.86 27.23
C PHE C 232 -46.23 8.06 26.05
N ARG C 233 -46.86 8.27 24.90
CA ARG C 233 -46.36 7.78 23.62
C ARG C 233 -45.65 8.91 22.89
N LEU C 234 -44.74 8.55 21.98
CA LEU C 234 -43.91 9.53 21.29
C LEU C 234 -44.05 9.41 19.78
N LEU C 235 -44.26 10.56 19.14
CA LEU C 235 -44.34 10.68 17.70
C LEU C 235 -43.26 11.66 17.24
N VAL C 236 -42.56 11.31 16.18
CA VAL C 236 -41.42 12.10 15.70
C VAL C 236 -41.55 12.29 14.19
N ASP C 237 -41.46 13.55 13.76
CA ASP C 237 -41.37 13.89 12.34
C ASP C 237 -39.89 14.09 12.02
N ASP C 238 -39.33 13.20 11.21
CA ASP C 238 -37.92 13.22 10.85
C ASP C 238 -37.71 13.52 9.37
N ALA C 239 -38.50 14.43 8.81
CA ALA C 239 -38.40 14.74 7.39
C ALA C 239 -37.01 15.29 7.06
N HIS C 240 -36.49 16.19 7.90
CA HIS C 240 -35.15 16.70 7.68
C HIS C 240 -34.09 15.75 8.22
N GLY C 241 -34.44 14.93 9.22
CA GLY C 241 -33.45 14.05 9.83
C GLY C 241 -33.15 12.81 9.03
N PHE C 242 -34.12 12.32 8.25
CA PHE C 242 -33.92 11.06 7.56
C PHE C 242 -32.95 11.23 6.41
N GLY C 243 -32.13 10.21 6.18
CA GLY C 243 -31.05 10.29 5.23
C GLY C 243 -29.91 11.19 5.65
N THR C 244 -29.96 11.72 6.86
CA THR C 244 -29.09 12.79 7.31
C THR C 244 -28.51 12.58 8.70
N GLY C 246 -27.80 9.79 12.21
CA GLY C 246 -27.69 8.41 12.63
C GLY C 246 -26.87 7.56 11.68
N GLU C 247 -26.89 6.26 11.95
CA GLU C 247 -26.13 5.32 11.13
C GLU C 247 -26.70 5.28 9.72
N GLY C 248 -25.84 5.49 8.72
CA GLY C 248 -26.23 5.44 7.33
C GLY C 248 -27.41 6.33 6.97
N GLY C 249 -27.71 7.32 7.80
CA GLY C 249 -28.82 8.21 7.54
C GLY C 249 -30.14 7.71 8.05
N ARG C 250 -30.11 6.83 9.06
CA ARG C 250 -31.33 6.20 9.55
C ARG C 250 -32.28 7.19 10.21
N GLY C 251 -31.76 8.21 10.87
CA GLY C 251 -32.60 9.28 11.36
C GLY C 251 -32.07 9.86 12.66
N THR C 252 -32.82 10.85 13.16
CA THR C 252 -32.48 11.46 14.44
C THR C 252 -32.54 10.44 15.58
N ALA C 253 -33.60 9.61 15.61
CA ALA C 253 -33.71 8.59 16.66
C ALA C 253 -32.50 7.67 16.64
N SER C 254 -32.08 7.23 15.46
CA SER C 254 -30.85 6.45 15.34
C SER C 254 -29.65 7.20 15.90
N HIS C 255 -29.55 8.50 15.59
CA HIS C 255 -28.44 9.31 16.10
C HIS C 255 -28.39 9.27 17.63
N PHE C 256 -29.55 9.38 18.28
CA PHE C 256 -29.61 9.35 19.73
C PHE C 256 -29.70 7.93 20.29
N GLY C 257 -29.86 6.93 19.45
CA GLY C 257 -30.02 5.57 19.93
C GLY C 257 -31.26 5.32 20.76
N VAL C 258 -32.36 6.04 20.48
CA VAL C 258 -33.61 5.86 21.20
C VAL C 258 -34.68 5.39 20.22
N THR C 259 -34.26 4.63 19.20
CA THR C 259 -35.17 4.19 18.16
C THR C 259 -36.36 3.43 18.75
N ASP C 260 -36.09 2.50 19.67
CA ASP C 260 -37.18 1.79 20.31
C ASP C 260 -38.03 2.73 21.17
N GLY C 261 -37.44 3.80 21.69
CA GLY C 261 -38.18 4.71 22.52
C GLY C 261 -39.21 5.53 21.77
N VAL C 262 -38.98 5.74 20.47
CA VAL C 262 -39.95 6.47 19.64
C VAL C 262 -41.00 5.47 19.16
N ASP C 263 -42.27 5.70 19.55
CA ASP C 263 -43.34 4.75 19.27
C ASP C 263 -43.84 4.85 17.84
N VAL C 264 -43.92 6.06 17.30
CA VAL C 264 -44.38 6.30 15.94
C VAL C 264 -43.38 7.21 15.23
N LEU C 265 -42.95 6.80 14.05
CA LEU C 265 -41.98 7.53 13.26
C LEU C 265 -42.62 7.99 11.95
N PHE C 266 -42.50 9.28 11.65
CA PHE C 266 -43.02 9.86 10.43
C PHE C 266 -41.87 10.42 9.61
N ASN C 267 -41.85 10.10 8.32
CA ASN C 267 -40.86 10.61 7.38
C ASN C 267 -41.54 10.95 6.07
N THR C 268 -40.97 11.91 5.34
CA THR C 268 -41.41 12.23 3.99
C THR C 268 -40.28 11.91 3.02
N PHE C 269 -40.61 11.96 1.72
CA PHE C 269 -39.63 11.79 0.66
C PHE C 269 -39.13 13.11 0.10
N ALA C 270 -39.53 14.23 0.71
CA ALA C 270 -39.31 15.53 0.07
C ALA C 270 -37.84 15.91 0.19
N LYS C 271 -37.25 15.67 1.35
CA LYS C 271 -35.86 16.18 1.54
C LYS C 271 -34.83 15.27 0.86
N SER C 272 -34.20 14.37 1.63
CA SER C 272 -33.09 13.61 1.04
C SER C 272 -33.55 12.69 -0.09
N ALA C 274 -35.68 13.25 -2.28
CA ALA C 274 -35.98 14.07 -3.46
C ALA C 274 -37.16 13.51 -4.23
N GLY C 275 -38.26 13.27 -3.52
CA GLY C 275 -39.42 12.69 -4.16
C GLY C 275 -40.74 13.13 -3.55
N ILE C 276 -41.83 12.48 -3.95
CA ILE C 276 -43.18 12.74 -3.46
C ILE C 276 -43.64 11.54 -2.65
N GLY C 277 -44.27 11.81 -1.52
CA GLY C 277 -44.79 10.77 -0.66
C GLY C 277 -44.12 10.78 0.70
N ALA C 278 -44.54 9.82 1.53
CA ALA C 278 -44.11 9.75 2.92
C ALA C 278 -44.32 8.32 3.41
N PHE C 279 -43.94 8.08 4.66
CA PHE C 279 -44.17 6.76 5.24
C PHE C 279 -44.18 6.84 6.75
N VAL C 280 -45.10 6.09 7.36
CA VAL C 280 -45.21 5.96 8.82
C VAL C 280 -44.72 4.59 9.25
N CYS C 281 -44.03 4.55 10.38
CA CYS C 281 -43.44 3.31 10.87
C CYS C 281 -43.82 3.09 12.33
N GLY C 282 -43.84 1.82 12.73
CA GLY C 282 -44.14 1.42 14.08
C GLY C 282 -44.41 -0.07 14.20
N PRO C 283 -45.01 -0.48 15.31
CA PRO C 283 -45.43 -1.89 15.44
C PRO C 283 -46.53 -2.18 14.45
N ARG C 284 -46.56 -3.40 13.91
CA ARG C 284 -47.50 -3.67 12.81
C ARG C 284 -48.96 -3.63 13.22
N TRP C 285 -49.29 -3.77 14.51
CA TRP C 285 -50.71 -3.61 14.82
C TRP C 285 -51.18 -2.18 14.60
N LEU C 286 -50.32 -1.19 14.85
CA LEU C 286 -50.65 0.18 14.49
C LEU C 286 -50.65 0.33 12.96
N VAL C 287 -49.57 -0.11 12.31
CA VAL C 287 -49.43 0.07 10.85
C VAL C 287 -50.61 -0.58 10.15
N ASN C 288 -51.03 -1.75 10.62
CA ASN C 288 -52.23 -2.38 10.08
C ASN C 288 -53.47 -1.56 10.43
N LEU C 289 -53.50 -0.97 11.62
CA LEU C 289 -54.64 -0.14 12.02
C LEU C 289 -54.77 1.09 11.12
N LEU C 290 -53.65 1.80 10.89
CA LEU C 290 -53.75 2.98 10.05
C LEU C 290 -54.07 2.60 8.62
N ARG C 291 -53.53 1.47 8.14
CA ARG C 291 -53.79 1.04 6.77
C ARG C 291 -55.29 1.01 6.44
N TYR C 292 -56.14 0.75 7.42
CA TYR C 292 -57.61 0.70 7.22
C TYR C 292 -58.35 1.83 7.90
N ASN C 293 -57.67 2.75 8.56
CA ASN C 293 -58.37 3.82 9.28
C ASN C 293 -57.94 5.24 8.90
N ARG C 295 -57.94 8.37 6.95
CA ARG C 295 -58.83 8.96 5.98
C ARG C 295 -58.09 9.45 4.74
N SER C 296 -56.86 9.93 4.90
CA SER C 296 -56.15 10.47 3.74
C SER C 296 -55.74 9.37 2.77
N GLN C 297 -55.33 8.22 3.29
CA GLN C 297 -55.00 7.09 2.44
C GLN C 297 -56.24 6.30 2.03
N LEU C 298 -57.31 6.35 2.83
CA LEU C 298 -58.51 5.58 2.51
C LEU C 298 -59.29 6.20 1.35
N TYR C 299 -59.24 7.52 1.20
CA TYR C 299 -60.08 8.22 0.23
C TYR C 299 -59.25 9.13 -0.66
N ALA C 300 -58.08 8.67 -1.11
CA ALA C 300 -57.27 9.40 -2.07
C ALA C 300 -56.36 8.43 -2.80
N LYS C 301 -55.92 8.85 -4.00
CA LYS C 301 -55.16 7.97 -4.86
C LYS C 301 -53.85 7.54 -4.21
N SER C 302 -53.36 6.37 -4.62
CA SER C 302 -52.12 5.82 -4.08
C SER C 302 -50.92 6.48 -4.73
N LEU C 303 -49.76 6.31 -4.09
CA LEU C 303 -48.52 6.86 -4.62
C LEU C 303 -48.24 6.31 -6.00
N PRO C 304 -48.08 7.16 -7.01
CA PRO C 304 -47.82 6.65 -8.37
C PRO C 304 -46.57 5.80 -8.42
N PRO C 306 -44.10 5.26 -10.63
CA PRO C 306 -42.80 5.89 -10.89
C PRO C 306 -42.13 6.44 -9.65
N VAL C 308 -42.74 5.10 -6.67
CA VAL C 308 -42.45 3.90 -5.90
C VAL C 308 -41.14 3.27 -6.36
N GLY C 310 -38.69 4.80 -8.10
CA GLY C 310 -37.63 5.74 -7.79
C GLY C 310 -37.22 5.68 -6.34
N ALA C 311 -38.20 5.63 -5.44
CA ALA C 311 -37.90 5.53 -4.02
C ALA C 311 -37.21 4.22 -3.68
N LEU C 312 -37.65 3.12 -4.30
CA LEU C 312 -36.97 1.84 -4.11
C LEU C 312 -35.51 1.93 -4.51
N LYS C 313 -35.25 2.44 -5.71
CA LYS C 313 -33.88 2.76 -6.13
C LYS C 313 -33.13 3.64 -5.13
N ARG C 314 -33.68 4.82 -4.85
CA ARG C 314 -33.02 5.78 -3.92
C ARG C 314 -32.62 5.05 -2.64
N LEU C 315 -33.58 4.47 -1.93
CA LEU C 315 -33.33 3.77 -0.67
C LEU C 315 -32.15 2.81 -0.82
N GLU C 316 -32.05 2.13 -1.97
CA GLU C 316 -30.93 1.23 -2.19
C GLU C 316 -29.61 1.98 -2.20
N LEU C 317 -29.57 3.13 -2.89
CA LEU C 317 -28.36 3.95 -2.91
C LEU C 317 -27.92 4.37 -1.51
N ILE C 318 -28.83 4.89 -0.67
CA ILE C 318 -28.41 5.31 0.68
C ILE C 318 -27.89 4.10 1.47
N ARG C 319 -28.47 2.91 1.28
CA ARG C 319 -27.99 1.76 2.03
C ARG C 319 -26.64 1.29 1.48
N ASN C 320 -26.51 1.25 0.15
CA ASN C 320 -25.31 0.72 -0.49
C ASN C 320 -24.13 1.68 -0.46
N HIS C 321 -24.37 2.98 -0.34
CA HIS C 321 -23.31 3.99 -0.37
C HIS C 321 -23.42 4.88 0.86
N PRO C 322 -22.96 4.42 2.03
CA PRO C 322 -22.96 5.31 3.20
C PRO C 322 -22.03 6.49 3.03
N GLU C 323 -21.28 6.52 1.92
CA GLU C 323 -20.36 7.62 1.66
C GLU C 323 -21.10 8.93 1.41
N TYR C 324 -22.33 8.87 0.88
CA TYR C 324 -23.06 10.09 0.58
C TYR C 324 -23.31 10.91 1.85
N GLN C 325 -23.77 10.25 2.91
CA GLN C 325 -23.94 10.92 4.20
C GLN C 325 -22.61 11.42 4.73
N GLN C 326 -21.56 10.61 4.57
CA GLN C 326 -20.23 11.03 4.99
C GLN C 326 -19.79 12.29 4.25
N LYS C 327 -20.00 12.32 2.93
CA LYS C 327 -19.60 13.47 2.13
C LYS C 327 -20.34 14.73 2.55
N LEU C 328 -21.66 14.63 2.79
CA LEU C 328 -22.43 15.80 3.20
C LEU C 328 -21.90 16.38 4.51
N TRP C 329 -21.63 15.52 5.50
CA TRP C 329 -21.20 16.01 6.79
C TRP C 329 -19.79 16.57 6.77
N GLU C 330 -18.97 16.17 5.79
CA GLU C 330 -17.68 16.83 5.62
C GLU C 330 -17.87 18.24 5.08
N ILE C 331 -18.81 18.41 4.14
CA ILE C 331 -19.15 19.74 3.66
C ILE C 331 -19.73 20.59 4.79
N VAL C 332 -20.53 19.96 5.65
CA VAL C 332 -21.13 20.69 6.76
C VAL C 332 -20.06 21.20 7.71
N ARG C 333 -19.18 20.29 8.16
CA ARG C 333 -18.17 20.69 9.12
C ARG C 333 -17.21 21.71 8.53
N ALA C 334 -16.90 21.57 7.24
CA ALA C 334 -16.10 22.58 6.56
C ALA C 334 -16.82 23.93 6.55
N LEU C 335 -18.06 23.93 6.08
CA LEU C 335 -18.83 25.17 6.02
C LEU C 335 -19.07 25.72 7.42
N GLN C 336 -19.67 24.91 8.29
CA GLN C 336 -20.07 25.38 9.61
C GLN C 336 -18.89 25.93 10.41
N ASN C 337 -17.84 25.14 10.44
CA ASN C 337 -16.61 25.46 11.15
C ASN C 337 -15.92 26.55 10.40
N GLY C 338 -16.15 26.55 9.11
CA GLY C 338 -15.53 27.60 8.27
C GLY C 338 -16.08 29.00 8.48
N LEU C 339 -17.38 29.16 8.73
CA LEU C 339 -17.90 30.51 9.03
C LEU C 339 -17.59 30.88 10.49
N LYS C 340 -17.38 29.89 11.37
CA LYS C 340 -17.22 30.17 12.80
C LYS C 340 -15.88 30.84 13.09
N GLU C 341 -14.87 30.44 12.33
CA GLU C 341 -13.54 30.97 12.46
C GLU C 341 -13.52 32.43 12.04
N ASN C 342 -14.31 32.74 11.04
CA ASN C 342 -14.44 34.07 10.46
C ASN C 342 -15.42 34.95 11.22
N GLY C 343 -15.89 34.52 12.38
CA GLY C 343 -16.77 35.33 13.19
C GLY C 343 -18.22 35.34 12.77
N PHE C 344 -18.60 34.60 11.73
CA PHE C 344 -20.00 34.50 11.37
C PHE C 344 -20.77 33.76 12.45
N GLU C 345 -22.03 34.15 12.65
CA GLU C 345 -22.85 33.64 13.75
C GLU C 345 -23.82 32.60 13.21
N ILE C 346 -23.59 31.33 13.56
CA ILE C 346 -24.54 30.27 13.31
C ILE C 346 -25.38 30.06 14.55
N GLY C 347 -26.54 29.45 14.36
CA GLY C 347 -27.45 29.25 15.47
C GLY C 347 -27.08 28.10 16.39
N VAL C 348 -28.09 27.40 16.90
CA VAL C 348 -27.88 26.24 17.76
C VAL C 348 -27.87 24.98 16.91
N THR C 349 -27.65 25.14 15.60
CA THR C 349 -27.85 24.02 14.68
C THR C 349 -26.93 22.86 15.02
N ASN C 350 -27.50 21.65 15.01
CA ASN C 350 -26.79 20.39 15.16
C ASN C 350 -26.92 19.53 13.92
N SER C 351 -27.36 20.13 12.81
CA SER C 351 -27.71 19.45 11.58
C SER C 351 -27.00 20.14 10.42
N PRO C 352 -27.18 19.67 9.17
CA PRO C 352 -26.59 20.43 8.05
C PRO C 352 -27.05 21.87 7.97
N VAL C 353 -28.28 22.17 8.37
CA VAL C 353 -28.84 23.52 8.22
C VAL C 353 -27.91 24.54 8.84
N THR C 354 -27.40 25.47 8.03
CA THR C 354 -26.45 26.48 8.46
C THR C 354 -27.09 27.86 8.31
N PRO C 355 -27.81 28.33 9.32
CA PRO C 355 -28.34 29.71 9.29
C PRO C 355 -27.28 30.68 9.78
N VAL C 356 -27.08 31.76 9.03
CA VAL C 356 -26.07 32.77 9.32
C VAL C 356 -26.79 34.01 9.83
N PHE C 357 -26.60 34.33 11.11
CA PHE C 357 -27.31 35.44 11.73
C PHE C 357 -26.59 36.75 11.45
N LYS C 359 -27.25 41.38 11.00
CA LYS C 359 -28.04 42.52 11.47
C LYS C 359 -28.10 43.58 10.38
N GLY C 360 -29.29 44.11 10.15
CA GLY C 360 -29.51 45.11 9.13
C GLY C 360 -30.98 45.29 8.86
N GLY C 361 -31.28 46.31 8.05
CA GLY C 361 -32.65 46.66 7.72
C GLY C 361 -33.10 46.08 6.39
N ILE C 362 -34.35 46.40 6.04
CA ILE C 362 -34.93 45.92 4.78
C ILE C 362 -34.13 46.38 3.56
N PRO C 363 -33.81 47.68 3.40
CA PRO C 363 -33.00 48.06 2.24
C PRO C 363 -31.61 47.44 2.25
N GLU C 364 -31.02 47.26 3.44
CA GLU C 364 -29.73 46.59 3.52
C GLU C 364 -29.84 45.14 3.08
N ALA C 365 -30.89 44.44 3.54
CA ALA C 365 -31.07 43.04 3.18
C ALA C 365 -31.25 42.86 1.68
N THR C 366 -32.01 43.75 1.05
CA THR C 366 -32.29 43.55 -0.39
C THR C 366 -30.97 43.70 -1.15
N ASN C 367 -30.13 44.64 -0.73
CA ASN C 367 -28.87 44.92 -1.47
C ASN C 367 -27.86 43.82 -1.14
N LEU C 368 -27.91 43.26 0.06
CA LEU C 368 -26.99 42.17 0.46
C LEU C 368 -27.23 40.98 -0.46
N ILE C 369 -28.48 40.72 -0.84
CA ILE C 369 -28.80 39.52 -1.66
C ILE C 369 -28.54 39.73 -3.15
N VAL C 370 -28.79 40.93 -3.69
CA VAL C 370 -28.47 41.15 -5.09
C VAL C 370 -26.97 41.28 -5.28
N ASP C 371 -26.25 41.70 -4.23
CA ASP C 371 -24.79 41.62 -4.27
C ASP C 371 -24.34 40.16 -4.35
N LEU C 372 -24.97 39.30 -3.54
CA LEU C 372 -24.60 37.88 -3.53
C LEU C 372 -24.96 37.20 -4.85
N ARG C 373 -26.13 37.52 -5.42
CA ARG C 373 -26.60 36.86 -6.62
C ARG C 373 -25.98 37.41 -7.89
N GLU C 374 -26.13 38.72 -8.11
CA GLU C 374 -25.74 39.31 -9.39
C GLU C 374 -24.24 39.54 -9.51
N ASN C 375 -23.54 39.69 -8.39
CA ASN C 375 -22.09 39.90 -8.41
C ASN C 375 -21.29 38.64 -8.06
N HIS C 376 -21.72 37.89 -7.04
CA HIS C 376 -21.00 36.70 -6.63
C HIS C 376 -21.60 35.40 -7.15
N GLY C 377 -22.84 35.43 -7.62
CA GLY C 377 -23.47 34.21 -8.11
C GLY C 377 -23.87 33.25 -7.02
N ILE C 378 -24.29 33.76 -5.87
CA ILE C 378 -24.68 32.95 -4.72
C ILE C 378 -26.17 33.14 -4.49
N PHE C 379 -26.92 32.04 -4.47
CA PHE C 379 -28.36 32.08 -4.22
C PHE C 379 -28.67 31.28 -2.96
N CYS C 380 -29.23 31.96 -1.96
CA CYS C 380 -29.83 31.32 -0.80
C CYS C 380 -31.12 32.04 -0.50
N SER C 381 -31.87 31.49 0.46
CA SER C 381 -33.04 32.21 0.95
C SER C 381 -32.67 33.17 2.07
N ILE C 382 -33.55 34.14 2.30
CA ILE C 382 -33.38 35.09 3.40
C ILE C 382 -34.59 35.01 4.32
N VAL C 383 -34.34 35.24 5.60
CA VAL C 383 -35.39 35.39 6.60
C VAL C 383 -35.46 36.87 6.95
N ILE C 384 -36.68 37.41 7.01
CA ILE C 384 -36.90 38.84 6.86
C ILE C 384 -37.99 39.29 7.83
N TYR C 385 -38.21 40.60 7.88
CA TYR C 385 -38.85 41.26 9.03
C TYR C 385 -40.18 40.66 9.46
N PRO C 386 -41.14 40.36 8.57
CA PRO C 386 -42.37 39.72 9.08
C PRO C 386 -42.09 38.42 9.82
N VAL C 387 -41.11 37.64 9.36
CA VAL C 387 -40.86 36.32 9.96
C VAL C 387 -39.89 36.38 11.14
N ILE C 388 -38.95 37.33 11.15
CA ILE C 388 -38.01 37.49 12.25
C ILE C 388 -37.98 38.96 12.64
N PRO C 389 -37.69 39.31 13.91
CA PRO C 389 -37.79 40.72 14.35
C PRO C 389 -37.05 41.70 13.45
N LYS C 390 -37.48 42.96 13.47
CA LYS C 390 -36.82 43.98 12.68
C LYS C 390 -35.34 44.06 13.06
N GLY C 391 -34.51 44.39 12.07
CA GLY C 391 -33.09 44.49 12.27
C GLY C 391 -32.32 43.20 12.10
N GLU C 392 -33.01 42.06 12.03
CA GLU C 392 -32.36 40.76 11.92
C GLU C 392 -32.32 40.29 10.47
N ILE C 393 -31.23 39.65 10.10
CA ILE C 393 -31.05 39.06 8.77
C ILE C 393 -30.52 37.65 8.96
N ILE C 394 -31.18 36.67 8.34
CA ILE C 394 -30.77 35.28 8.46
C ILE C 394 -30.60 34.71 7.05
N LEU C 395 -29.38 34.26 6.74
CA LEU C 395 -29.09 33.61 5.46
C LEU C 395 -29.19 32.10 5.65
N ARG C 396 -30.15 31.47 4.97
CA ARG C 396 -30.36 30.04 5.10
C ARG C 396 -29.47 29.33 4.09
N VAL C 397 -28.39 28.74 4.58
CA VAL C 397 -27.44 27.99 3.77
C VAL C 397 -27.65 26.52 4.05
N ILE C 398 -27.98 25.75 3.01
CA ILE C 398 -28.28 24.33 3.16
C ILE C 398 -27.24 23.52 2.39
N PRO C 399 -26.30 22.88 3.09
CA PRO C 399 -25.28 22.08 2.40
C PRO C 399 -25.83 20.77 1.87
N THR C 400 -25.30 20.36 0.73
CA THR C 400 -25.70 19.08 0.10
C THR C 400 -24.44 18.28 -0.17
N ALA C 401 -24.55 16.97 -0.28
CA ALA C 401 -23.44 16.09 -0.59
C ALA C 401 -22.94 16.25 -2.02
N ALA C 402 -23.68 16.96 -2.87
CA ALA C 402 -23.21 17.30 -4.20
C ALA C 402 -22.34 18.54 -4.23
N HIS C 403 -22.24 19.27 -3.13
CA HIS C 403 -21.36 20.42 -3.04
C HIS C 403 -19.90 19.97 -3.00
N THR C 404 -19.03 20.88 -3.38
CA THR C 404 -17.58 20.73 -3.31
C THR C 404 -17.01 21.66 -2.26
N LEU C 405 -15.73 21.45 -1.93
CA LEU C 405 -15.07 22.35 -0.99
C LEU C 405 -14.69 23.67 -1.65
N ASP C 406 -14.43 23.65 -2.95
CA ASP C 406 -14.35 24.90 -3.68
C ASP C 406 -15.67 25.66 -3.57
N ASP C 407 -16.80 24.94 -3.56
CA ASP C 407 -18.09 25.59 -3.33
C ASP C 407 -18.16 26.20 -1.94
N VAL C 408 -17.65 25.48 -0.94
CA VAL C 408 -17.65 26.02 0.42
C VAL C 408 -16.78 27.27 0.48
N ASN C 409 -15.58 27.20 -0.10
CA ASN C 409 -14.62 28.29 0.06
C ASN C 409 -15.03 29.55 -0.70
N TYR C 410 -15.52 29.40 -1.94
CA TYR C 410 -16.07 30.54 -2.66
C TYR C 410 -17.15 31.23 -1.82
N THR C 411 -18.04 30.44 -1.23
CA THR C 411 -19.16 31.02 -0.48
C THR C 411 -18.67 31.78 0.74
N ILE C 412 -17.82 31.16 1.55
CA ILE C 412 -17.30 31.82 2.73
C ILE C 412 -16.60 33.12 2.36
N ALA C 413 -15.88 33.11 1.24
CA ALA C 413 -15.24 34.33 0.75
C ALA C 413 -16.29 35.38 0.38
N ALA C 414 -17.30 34.98 -0.38
CA ALA C 414 -18.35 35.92 -0.78
C ALA C 414 -19.09 36.48 0.43
N PHE C 415 -19.43 35.61 1.38
CA PHE C 415 -20.08 36.07 2.61
C PHE C 415 -19.20 37.08 3.35
N LYS C 416 -17.88 36.84 3.36
CA LYS C 416 -16.96 37.72 4.07
C LYS C 416 -17.01 39.14 3.52
N SER C 417 -16.90 39.27 2.19
CA SER C 417 -16.97 40.59 1.56
C SER C 417 -18.33 41.23 1.79
N VAL C 418 -19.39 40.48 1.52
CA VAL C 418 -20.75 41.01 1.70
C VAL C 418 -20.93 41.53 3.12
N ARG C 419 -20.41 40.80 4.12
CA ARG C 419 -20.60 41.21 5.50
C ARG C 419 -19.89 42.53 5.80
N ASP C 420 -18.67 42.72 5.27
CA ASP C 420 -17.96 43.98 5.47
C ASP C 420 -18.82 45.15 5.02
N LYS C 421 -19.36 45.08 3.80
CA LYS C 421 -20.26 46.11 3.32
C LYS C 421 -21.42 46.33 4.27
N LEU C 422 -22.04 45.25 4.74
CA LEU C 422 -23.18 45.37 5.66
C LEU C 422 -22.75 46.02 6.97
N GLU C 423 -21.68 45.51 7.59
CA GLU C 423 -21.22 46.09 8.85
C GLU C 423 -20.78 47.53 8.68
N GLY C 424 -20.33 47.91 7.48
CA GLY C 424 -19.92 49.27 7.22
C GLY C 424 -21.02 50.14 6.64
N GLY C 425 -22.27 49.70 6.81
CA GLY C 425 -23.43 50.48 6.39
C GLY C 425 -23.50 50.82 4.92
N ILE C 426 -22.64 50.22 4.10
CA ILE C 426 -22.58 50.55 2.69
C ILE C 426 -23.89 50.24 1.98
N TYR C 427 -24.63 49.23 2.45
CA TYR C 427 -25.88 48.88 1.81
C TYR C 427 -26.99 49.87 2.12
N ALA C 428 -26.94 50.54 3.28
CA ALA C 428 -27.86 51.62 3.59
C ALA C 428 -27.33 52.98 3.21
N GLN C 429 -26.04 53.07 2.84
CA GLN C 429 -25.41 54.35 2.57
C GLN C 429 -25.98 55.02 1.33
N PRO C 431 -28.62 56.74 -0.98
CA PRO C 431 -29.88 57.46 -0.75
C PRO C 431 -31.01 56.96 -1.63
N VAL D 22 -22.86 -5.15 29.11
CA VAL D 22 -23.40 -6.27 29.88
C VAL D 22 -22.25 -6.89 30.65
N ASP D 23 -22.32 -6.79 31.98
CA ASP D 23 -21.25 -7.30 32.84
C ASP D 23 -21.07 -8.80 32.67
N ILE D 24 -19.81 -9.24 32.70
CA ILE D 24 -19.48 -10.65 32.48
C ILE D 24 -20.23 -11.53 33.47
N PHE D 25 -20.10 -11.21 34.77
CA PHE D 25 -20.77 -12.00 35.78
C PHE D 25 -22.28 -11.88 35.67
N ALA D 26 -22.79 -10.78 35.13
CA ALA D 26 -24.23 -10.59 35.03
C ALA D 26 -24.84 -11.60 34.06
N ARG D 27 -24.34 -11.65 32.83
CA ARG D 27 -24.89 -12.58 31.86
C ARG D 27 -24.53 -14.02 32.19
N LEU D 28 -23.37 -14.25 32.81
CA LEU D 28 -23.00 -15.61 33.18
C LEU D 28 -23.92 -16.15 34.27
N GLU D 29 -24.27 -15.31 35.25
CA GLU D 29 -25.19 -15.74 36.30
C GLU D 29 -26.60 -15.92 35.73
N LYS D 30 -27.11 -14.91 35.03
CA LYS D 30 -28.48 -14.96 34.51
C LYS D 30 -28.52 -15.54 33.10
N ASN D 31 -28.06 -14.75 32.11
CA ASN D 31 -28.29 -15.06 30.70
C ASN D 31 -27.65 -16.37 30.26
N ALA D 32 -26.75 -16.94 31.06
CA ALA D 32 -26.18 -18.26 30.74
C ALA D 32 -27.02 -19.35 31.39
N GLY D 33 -26.96 -19.45 32.72
CA GLY D 33 -27.72 -20.45 33.45
C GLY D 33 -27.01 -21.79 33.56
N GLY D 34 -25.91 -21.82 34.30
CA GLY D 34 -25.03 -22.97 34.41
C GLY D 34 -25.65 -24.36 34.46
N PRO D 35 -26.53 -24.61 35.46
CA PRO D 35 -27.13 -25.95 35.61
C PRO D 35 -27.78 -26.51 34.35
N ILE D 36 -27.94 -25.67 33.33
CA ILE D 36 -28.49 -26.13 32.06
C ILE D 36 -27.53 -27.10 31.39
N GLY D 37 -26.22 -26.84 31.50
CA GLY D 37 -25.24 -27.74 30.92
C GLY D 37 -25.19 -29.10 31.58
N GLN D 38 -25.51 -29.16 32.87
CA GLN D 38 -25.62 -30.45 33.56
C GLN D 38 -26.81 -31.25 33.04
N TYR D 39 -27.92 -30.58 32.73
CA TYR D 39 -29.08 -31.25 32.16
C TYR D 39 -28.76 -31.81 30.78
N SER D 41 -25.90 -32.74 29.88
CA SER D 41 -25.04 -33.86 30.20
C SER D 41 -25.86 -35.08 30.66
N LYS D 51 -23.21 -42.03 40.68
CA LYS D 51 -21.88 -42.26 41.24
C LYS D 51 -21.85 -43.57 42.02
N LEU D 52 -21.01 -44.50 41.57
CA LEU D 52 -20.87 -45.81 42.20
C LEU D 52 -19.62 -45.84 43.07
N GLU D 53 -19.61 -46.79 44.00
CA GLU D 53 -18.50 -47.00 44.93
C GLU D 53 -17.88 -48.38 44.71
N GLY D 54 -16.77 -48.63 45.39
CA GLY D 54 -16.08 -49.91 45.33
C GLY D 54 -14.79 -49.83 44.51
N GLU D 55 -14.09 -50.96 44.47
CA GLU D 55 -12.88 -51.08 43.68
C GLU D 55 -13.19 -51.11 42.19
N ILE D 56 -12.47 -50.29 41.43
CA ILE D 56 -12.84 -49.96 40.05
C ILE D 56 -12.71 -51.20 39.17
N GLY D 57 -13.85 -51.76 38.75
CA GLY D 57 -13.88 -52.90 37.84
C GLY D 57 -15.28 -53.21 37.35
N PRO D 58 -15.43 -54.29 36.57
CA PRO D 58 -16.78 -54.67 36.10
C PRO D 58 -17.77 -54.94 37.19
N HIS D 59 -17.32 -55.49 38.32
CA HIS D 59 -18.19 -55.91 39.40
C HIS D 59 -17.90 -55.05 40.63
N VAL D 61 -19.97 -52.38 43.89
CA VAL D 61 -21.14 -52.21 44.73
C VAL D 61 -21.72 -50.83 44.48
N PHE D 62 -23.04 -50.76 44.38
CA PHE D 62 -23.73 -49.48 44.21
C PHE D 62 -24.39 -49.10 45.52
N ARG D 63 -25.44 -49.83 45.88
CA ARG D 63 -26.07 -49.68 47.19
C ARG D 63 -26.05 -51.04 47.89
N GLY D 64 -24.86 -51.64 47.98
CA GLY D 64 -24.74 -53.01 48.44
C GLY D 64 -24.92 -54.00 47.31
N LYS D 65 -24.87 -55.28 47.68
CA LYS D 65 -25.09 -56.41 46.76
C LYS D 65 -24.08 -56.30 45.62
N LYS D 66 -24.49 -56.37 44.36
CA LYS D 66 -23.57 -56.33 43.23
C LYS D 66 -24.10 -55.35 42.19
N LEU D 68 -23.26 -54.61 37.99
CA LEU D 68 -22.53 -54.86 36.77
C LEU D 68 -22.42 -53.57 35.97
N ASN D 69 -21.19 -53.16 35.65
CA ASN D 69 -20.92 -51.94 34.90
C ASN D 69 -20.41 -52.29 33.51
N TRP D 70 -20.94 -51.61 32.50
CA TRP D 70 -20.37 -51.57 31.17
C TRP D 70 -20.04 -50.13 30.77
N SER D 71 -19.67 -49.32 31.76
CA SER D 71 -19.51 -47.88 31.56
C SER D 71 -18.07 -47.39 31.60
N LEU D 72 -17.14 -48.20 32.10
CA LEU D 72 -15.74 -47.80 32.21
C LEU D 72 -14.97 -48.21 30.97
N ASN D 73 -14.05 -47.36 30.54
CA ASN D 73 -13.18 -47.62 29.40
C ASN D 73 -11.95 -48.41 29.83
N ASN D 74 -12.17 -49.47 30.59
CA ASN D 74 -11.07 -50.25 31.15
C ASN D 74 -10.81 -51.48 30.29
N TYR D 75 -10.53 -51.23 29.00
CA TYR D 75 -10.58 -52.30 28.00
C TYR D 75 -9.78 -53.53 28.42
N LEU D 76 -8.58 -53.34 28.97
CA LEU D 76 -7.70 -54.46 29.23
C LEU D 76 -7.69 -54.93 30.68
N GLY D 77 -8.60 -54.43 31.52
CA GLY D 77 -8.63 -54.86 32.91
C GLY D 77 -7.49 -54.33 33.76
N LEU D 78 -6.79 -53.30 33.29
CA LEU D 78 -5.51 -52.96 33.88
C LEU D 78 -5.59 -52.09 35.13
N ALA D 79 -6.75 -51.53 35.47
CA ALA D 79 -6.78 -50.56 36.58
C ALA D 79 -6.66 -51.25 37.92
N ASN D 80 -7.43 -52.32 38.14
CA ASN D 80 -7.35 -53.08 39.39
C ASN D 80 -6.47 -54.32 39.25
N HIS D 81 -5.65 -54.37 38.20
CA HIS D 81 -4.69 -55.45 38.06
C HIS D 81 -3.70 -55.40 39.22
N PRO D 82 -3.52 -56.50 39.96
CA PRO D 82 -2.62 -56.46 41.13
C PRO D 82 -1.21 -55.97 40.79
N GLU D 83 -0.65 -56.44 39.67
CA GLU D 83 0.68 -55.96 39.26
C GLU D 83 0.67 -54.46 39.01
N VAL D 84 -0.45 -53.92 38.52
CA VAL D 84 -0.56 -52.47 38.36
C VAL D 84 -0.67 -51.79 39.71
N ARG D 85 -1.50 -52.33 40.60
CA ARG D 85 -1.68 -51.73 41.92
C ARG D 85 -0.36 -51.72 42.70
N LYS D 86 0.45 -52.75 42.54
CA LYS D 86 1.73 -52.80 43.24
C LYS D 86 2.68 -51.74 42.70
N ALA D 87 2.79 -51.62 41.37
CA ALA D 87 3.67 -50.63 40.78
C ALA D 87 3.23 -49.21 41.11
N ASP D 88 1.92 -48.99 41.22
CA ASP D 88 1.43 -47.66 41.57
C ASP D 88 1.77 -47.32 43.02
N ALA D 89 1.60 -48.27 43.93
CA ALA D 89 1.93 -48.03 45.33
C ALA D 89 3.43 -48.03 45.58
N GLU D 90 4.19 -48.82 44.80
CA GLU D 90 5.64 -48.79 44.93
C GLU D 90 6.22 -47.49 44.39
N GLY D 91 5.71 -47.01 43.26
CA GLY D 91 6.19 -45.75 42.72
C GLY D 91 5.90 -44.57 43.63
N ALA D 92 4.72 -44.55 44.24
CA ALA D 92 4.39 -43.48 45.16
C ALA D 92 5.25 -43.54 46.42
N ALA D 93 5.58 -44.75 46.87
CA ALA D 93 6.45 -44.89 48.04
C ALA D 93 7.87 -44.43 47.72
N LYS D 94 8.36 -44.74 46.52
CA LYS D 94 9.73 -44.38 46.17
C LYS D 94 9.88 -42.91 45.81
N PHE D 95 8.88 -42.33 45.11
CA PHE D 95 9.03 -41.00 44.52
C PHE D 95 8.06 -39.95 45.03
N GLY D 96 6.91 -40.33 45.56
CA GLY D 96 5.88 -39.35 45.89
C GLY D 96 5.26 -38.76 44.64
N ALA D 98 5.49 -35.72 43.83
CA ALA D 98 6.23 -34.47 43.53
C ALA D 98 7.58 -34.75 42.89
N ALA D 99 7.86 -35.98 42.48
CA ALA D 99 9.22 -36.30 41.96
C ALA D 99 9.62 -35.50 40.72
N PRO D 100 8.81 -35.33 39.65
CA PRO D 100 9.21 -34.49 38.52
C PRO D 100 8.84 -33.01 38.74
N GLY D 102 8.70 -29.10 38.42
CA GLY D 102 8.93 -28.23 37.29
C GLY D 102 8.70 -28.93 35.97
N ALA D 103 8.80 -28.16 34.90
CA ALA D 103 8.56 -28.70 33.57
C ALA D 103 9.72 -29.61 33.16
N ARG D 104 9.48 -30.37 32.08
CA ARG D 104 10.47 -31.32 31.59
C ARG D 104 11.78 -30.61 31.23
N SER D 107 13.35 -28.82 35.01
CA SER D 107 13.87 -29.69 36.05
C SER D 107 13.15 -31.02 36.16
N GLY D 108 12.18 -31.32 35.31
CA GLY D 108 11.36 -32.50 35.44
C GLY D 108 11.75 -33.68 34.58
N GLN D 109 12.92 -33.66 33.95
CA GLN D 109 13.34 -34.75 33.09
C GLN D 109 14.00 -35.85 33.90
N THR D 110 13.60 -37.09 33.64
CA THR D 110 14.18 -38.26 34.29
C THR D 110 14.47 -39.33 33.25
N VAL D 111 15.31 -40.30 33.63
CA VAL D 111 15.62 -41.39 32.72
C VAL D 111 14.44 -42.35 32.61
N TYR D 112 13.62 -42.47 33.67
CA TYR D 112 12.43 -43.31 33.57
C TYR D 112 11.41 -42.72 32.62
N HIS D 113 11.29 -41.39 32.58
CA HIS D 113 10.54 -40.73 31.52
C HIS D 113 11.08 -41.14 30.16
N GLU D 114 12.39 -40.98 29.96
CA GLU D 114 13.02 -41.37 28.69
C GLU D 114 12.82 -42.86 28.42
N GLN D 115 12.83 -43.70 29.47
CA GLN D 115 12.64 -45.14 29.28
C GLN D 115 11.25 -45.49 28.77
N LEU D 116 10.22 -44.84 29.32
CA LEU D 116 8.87 -45.04 28.80
C LEU D 116 8.79 -44.69 27.31
N GLU D 117 9.28 -43.51 26.94
CA GLU D 117 9.18 -43.04 25.56
C GLU D 117 9.85 -44.06 24.63
N ARG D 118 11.01 -44.60 25.02
CA ARG D 118 11.65 -45.61 24.17
C ARG D 118 10.76 -46.83 23.99
N GLU D 119 10.09 -47.26 25.06
CA GLU D 119 9.29 -48.48 24.98
C GLU D 119 8.00 -48.25 24.19
N LEU D 120 7.45 -47.03 24.21
CA LEU D 120 6.26 -46.75 23.42
C LEU D 120 6.58 -46.69 21.94
N ALA D 121 7.59 -45.90 21.57
CA ALA D 121 8.02 -45.82 20.18
C ALA D 121 8.25 -47.21 19.60
N GLU D 122 8.94 -48.08 20.35
CA GLU D 122 9.18 -49.44 19.88
C GLU D 122 7.89 -50.18 19.67
N PHE D 123 6.98 -50.09 20.64
CA PHE D 123 5.71 -50.81 20.57
C PHE D 123 4.92 -50.41 19.32
N VAL D 124 4.60 -49.12 19.20
CA VAL D 124 3.76 -48.65 18.10
C VAL D 124 4.51 -48.55 16.79
N GLY D 125 5.82 -48.75 16.78
CA GLY D 125 6.56 -48.79 15.53
C GLY D 125 6.93 -47.45 14.96
N LYS D 126 7.27 -46.48 15.80
CA LYS D 126 7.69 -45.17 15.34
C LYS D 126 9.07 -44.87 15.91
N GLU D 127 9.74 -43.88 15.30
CA GLU D 127 11.14 -43.61 15.64
C GLU D 127 11.28 -43.16 17.09
N ASP D 128 10.32 -42.40 17.61
CA ASP D 128 10.50 -41.75 18.88
C ASP D 128 9.14 -41.32 19.42
N ALA D 129 9.09 -41.12 20.74
CA ALA D 129 7.86 -40.74 21.42
C ALA D 129 8.15 -39.61 22.40
N PHE D 130 7.13 -38.82 22.71
CA PHE D 130 7.21 -37.76 23.72
C PHE D 130 6.13 -37.99 24.76
N LEU D 131 6.54 -38.22 26.00
CA LEU D 131 5.61 -38.45 27.11
C LEU D 131 5.01 -37.12 27.53
N LEU D 132 3.68 -37.02 27.46
CA LEU D 132 2.98 -35.77 27.77
C LEU D 132 2.37 -35.83 29.17
N ASN D 133 2.14 -34.66 29.75
CA ASN D 133 1.56 -34.61 31.08
C ASN D 133 0.05 -34.77 31.05
N PHE D 134 -0.61 -34.37 29.96
CA PHE D 134 -2.03 -34.59 29.77
C PHE D 134 -2.33 -34.66 28.28
N GLY D 135 -3.39 -35.37 27.93
CA GLY D 135 -3.77 -35.53 26.55
C GLY D 135 -4.49 -34.34 25.96
N TYR D 136 -5.39 -33.73 26.72
CA TYR D 136 -6.11 -32.56 26.23
C TYR D 136 -5.13 -31.46 25.83
N GLN D 137 -4.19 -31.13 26.72
CA GLN D 137 -3.19 -30.13 26.41
C GLN D 137 -2.29 -30.59 25.27
N GLY D 138 -1.91 -31.87 25.28
CA GLY D 138 -1.05 -32.42 24.26
C GLY D 138 -1.53 -32.08 22.87
N ILE D 140 -3.68 -30.04 21.72
CA ILE D 140 -3.79 -28.62 21.40
C ILE D 140 -2.48 -28.09 20.86
N SER D 141 -1.37 -28.45 21.51
CA SER D 141 -0.06 -28.00 21.06
C SER D 141 0.59 -28.92 20.04
N ILE D 142 0.12 -30.16 19.86
CA ILE D 142 0.48 -30.89 18.65
C ILE D 142 0.01 -30.11 17.44
N ILE D 143 -1.26 -29.75 17.42
CA ILE D 143 -1.85 -29.01 16.31
C ILE D 143 -1.21 -27.63 16.19
N ASP D 144 -0.87 -27.02 17.33
CA ASP D 144 -0.27 -25.69 17.30
C ASP D 144 1.11 -25.71 16.65
N CYS D 145 1.92 -26.70 16.98
CA CYS D 145 3.30 -26.75 16.49
C CYS D 145 3.38 -27.13 15.02
N LEU D 146 2.45 -27.95 14.54
CA LEU D 146 2.54 -28.46 13.17
C LEU D 146 2.16 -27.41 12.15
N LEU D 147 1.15 -26.60 12.44
CA LEU D 147 0.52 -25.74 11.45
C LEU D 147 1.00 -24.30 11.56
N THR D 148 1.13 -23.64 10.41
CA THR D 148 1.27 -22.20 10.34
C THR D 148 0.06 -21.65 9.61
N PRO D 149 -0.19 -20.33 9.63
CA PRO D 149 -1.37 -19.79 8.91
C PRO D 149 -1.38 -20.11 7.42
N ARG D 150 -0.23 -20.43 6.82
CA ARG D 150 -0.23 -20.75 5.40
C ARG D 150 -0.77 -22.16 5.15
N ASP D 151 -0.66 -23.06 6.13
CA ASP D 151 -1.06 -24.44 5.95
C ASP D 151 -2.57 -24.59 6.09
N VAL D 152 -3.09 -25.71 5.59
CA VAL D 152 -4.53 -25.95 5.51
C VAL D 152 -4.87 -27.29 6.15
N VAL D 153 -5.93 -27.31 6.96
CA VAL D 153 -6.33 -28.49 7.70
C VAL D 153 -7.61 -29.05 7.10
N VAL D 154 -7.75 -30.37 7.19
CA VAL D 154 -8.96 -31.08 6.86
C VAL D 154 -9.14 -32.15 7.92
N TYR D 155 -10.31 -32.19 8.57
CA TYR D 155 -10.52 -32.98 9.78
C TYR D 155 -11.90 -33.62 9.75
N ASP D 156 -11.97 -34.81 10.33
CA ASP D 156 -13.23 -35.56 10.43
C ASP D 156 -14.19 -34.82 11.35
N ALA D 157 -15.44 -34.69 10.90
CA ALA D 157 -16.44 -33.89 11.60
C ALA D 157 -16.60 -34.34 13.05
N GLU D 158 -16.44 -35.64 13.33
CA GLU D 158 -16.61 -36.17 14.67
C GLU D 158 -15.35 -36.11 15.50
N ALA D 159 -14.45 -35.15 15.23
CA ALA D 159 -13.18 -35.10 15.93
C ALA D 159 -13.40 -34.74 17.40
N HIS D 160 -12.61 -35.35 18.26
CA HIS D 160 -12.74 -35.14 19.70
C HIS D 160 -12.51 -33.66 20.04
N ALA D 161 -12.99 -33.26 21.23
CA ALA D 161 -12.96 -31.86 21.63
C ALA D 161 -11.55 -31.28 21.63
N CYS D 162 -10.54 -32.09 21.96
CA CYS D 162 -9.18 -31.58 21.95
C CYS D 162 -8.73 -31.20 20.54
N ILE D 163 -9.15 -31.97 19.54
CA ILE D 163 -8.83 -31.62 18.16
C ILE D 163 -9.48 -30.30 17.78
N ILE D 164 -10.76 -30.14 18.13
CA ILE D 164 -11.47 -28.91 17.82
C ILE D 164 -10.82 -27.73 18.55
N ASP D 165 -10.55 -27.89 19.84
CA ASP D 165 -9.95 -26.80 20.60
C ASP D 165 -8.56 -26.47 20.08
N GLY D 166 -7.81 -27.49 19.66
CA GLY D 166 -6.52 -27.23 19.04
C GLY D 166 -6.66 -26.50 17.71
N LEU D 167 -7.64 -26.90 16.89
CA LEU D 167 -7.87 -26.26 15.62
C LEU D 167 -8.31 -24.80 15.76
N ARG D 168 -8.88 -24.44 16.92
CA ARG D 168 -9.23 -23.03 17.14
C ARG D 168 -8.02 -22.18 17.45
N LEU D 169 -6.87 -22.78 17.76
CA LEU D 169 -5.62 -22.05 17.86
C LEU D 169 -4.96 -21.82 16.50
N HIS D 170 -5.38 -22.56 15.48
CA HIS D 170 -4.80 -22.44 14.14
C HIS D 170 -5.49 -21.28 13.44
N LYS D 171 -4.76 -20.18 13.21
CA LYS D 171 -5.33 -19.00 12.61
C LYS D 171 -5.46 -19.11 11.09
N GLY D 172 -5.12 -20.25 10.51
CA GLY D 172 -5.26 -20.47 9.09
C GLY D 172 -6.63 -20.97 8.69
N LYS D 173 -6.69 -21.70 7.59
CA LYS D 173 -7.96 -22.16 7.02
C LYS D 173 -8.20 -23.62 7.38
N ARG D 174 -9.46 -23.95 7.68
CA ARG D 174 -9.86 -25.26 8.16
C ARG D 174 -11.03 -25.77 7.34
N PHE D 175 -10.91 -27.00 6.83
CA PHE D 175 -11.97 -27.66 6.06
C PHE D 175 -12.41 -28.92 6.80
N VAL D 176 -13.72 -29.11 6.95
CA VAL D 176 -14.26 -30.30 7.56
C VAL D 176 -14.75 -31.24 6.47
N TYR D 177 -14.56 -32.55 6.67
CA TYR D 177 -15.09 -33.55 5.77
C TYR D 177 -16.03 -34.47 6.53
N GLY D 178 -17.12 -34.87 5.85
CA GLY D 178 -18.13 -35.73 6.43
C GLY D 178 -17.55 -36.95 7.11
N HIS D 179 -18.20 -37.39 8.19
CA HIS D 179 -17.64 -38.46 9.01
C HIS D 179 -17.31 -39.70 8.19
N ASN D 180 -16.03 -40.08 8.17
CA ASN D 180 -15.55 -41.28 7.48
C ASN D 180 -16.10 -41.37 6.06
N ASP D 181 -16.35 -40.21 5.44
CA ASP D 181 -16.86 -40.12 4.08
C ASP D 181 -15.67 -39.83 3.16
N ASP D 183 -15.74 -39.50 0.01
CA ASP D 183 -16.11 -38.60 -1.06
C ASP D 183 -15.86 -37.15 -0.66
N SER D 184 -16.42 -36.73 0.47
CA SER D 184 -16.17 -35.36 0.93
C SER D 184 -14.71 -35.16 1.31
N LEU D 185 -14.03 -36.21 1.77
CA LEU D 185 -12.60 -36.09 2.02
C LEU D 185 -11.86 -35.74 0.73
N ARG D 186 -12.13 -36.48 -0.35
CA ARG D 186 -11.51 -36.18 -1.63
C ARG D 186 -11.84 -34.76 -2.09
N LEU D 187 -13.11 -34.36 -1.99
CA LEU D 187 -13.49 -33.01 -2.41
C LEU D 187 -12.78 -31.95 -1.59
N GLN D 188 -12.79 -32.10 -0.26
CA GLN D 188 -12.11 -31.14 0.59
C GLN D 188 -10.59 -31.23 0.44
N LEU D 189 -10.07 -32.39 0.03
CA LEU D 189 -8.63 -32.48 -0.26
C LEU D 189 -8.27 -31.66 -1.50
N GLN D 190 -9.13 -31.71 -2.52
CA GLN D 190 -8.90 -30.86 -3.70
C GLN D 190 -8.98 -29.40 -3.33
N HIS D 191 -9.94 -29.02 -2.48
CA HIS D 191 -10.05 -27.63 -2.03
C HIS D 191 -8.83 -27.23 -1.22
N ALA D 192 -8.34 -28.13 -0.36
CA ALA D 192 -7.15 -27.82 0.42
C ALA D 192 -5.91 -27.72 -0.47
N THR D 193 -5.75 -28.66 -1.40
CA THR D 193 -4.58 -28.65 -2.28
C THR D 193 -4.56 -27.39 -3.12
N ASP D 194 -5.72 -26.97 -3.63
CA ASP D 194 -5.79 -25.74 -4.41
C ASP D 194 -5.38 -24.52 -3.58
N LEU D 195 -5.95 -24.38 -2.39
CA LEU D 195 -5.55 -23.29 -1.50
C LEU D 195 -4.11 -23.42 -1.06
N ALA D 196 -3.60 -24.65 -0.89
CA ALA D 196 -2.25 -24.84 -0.40
C ALA D 196 -1.22 -24.35 -1.42
N GLU D 197 -1.50 -24.54 -2.72
CA GLU D 197 -0.60 -24.02 -3.73
C GLU D 197 -0.66 -22.49 -3.79
N GLU D 198 -1.86 -21.92 -3.69
CA GLU D 198 -1.99 -20.47 -3.71
C GLU D 198 -1.33 -19.82 -2.50
N GLN D 199 -1.30 -20.51 -1.35
CA GLN D 199 -0.75 -19.95 -0.14
C GLN D 199 0.68 -20.39 0.14
N LYS D 200 1.24 -21.25 -0.71
CA LYS D 200 2.60 -21.76 -0.56
C LYS D 200 2.78 -22.43 0.81
N GLY D 201 1.90 -23.39 1.09
CA GLY D 201 1.92 -24.14 2.33
C GLY D 201 1.47 -25.58 2.13
N GLY D 202 1.30 -26.32 3.22
CA GLY D 202 0.94 -27.73 3.17
C GLY D 202 -0.46 -28.03 3.70
N VAL D 203 -0.79 -29.32 3.61
CA VAL D 203 -2.10 -29.83 4.01
C VAL D 203 -1.93 -30.87 5.11
N LEU D 204 -2.76 -30.79 6.15
CA LEU D 204 -2.79 -31.77 7.23
C LEU D 204 -4.19 -32.40 7.32
N VAL D 205 -4.22 -33.73 7.41
CA VAL D 205 -5.45 -34.50 7.65
C VAL D 205 -5.47 -34.93 9.11
N ILE D 206 -6.58 -34.69 9.81
CA ILE D 206 -6.74 -35.18 11.17
C ILE D 206 -7.96 -36.10 11.25
N THR D 207 -7.77 -37.28 11.85
CA THR D 207 -8.88 -38.19 12.13
C THR D 207 -8.54 -39.02 13.35
N GLU D 208 -9.49 -39.81 13.80
CA GLU D 208 -9.30 -40.65 14.98
C GLU D 208 -9.22 -42.11 14.56
N GLY D 209 -8.48 -42.89 15.36
CA GLY D 209 -8.35 -44.30 15.09
C GLY D 209 -9.68 -45.01 15.29
N VAL D 210 -10.25 -44.83 16.48
CA VAL D 210 -11.57 -45.34 16.81
C VAL D 210 -12.40 -44.17 17.34
N PHE D 211 -13.56 -43.95 16.73
CA PHE D 211 -14.48 -42.91 17.16
C PHE D 211 -15.36 -43.43 18.28
N GLY D 212 -15.37 -42.71 19.41
CA GLY D 212 -15.98 -43.22 20.63
C GLY D 212 -17.50 -43.22 20.65
N LYS D 214 -20.18 -43.72 18.03
CA LYS D 214 -20.83 -44.86 17.37
C LYS D 214 -19.91 -46.07 17.26
N GLY D 215 -18.64 -45.96 17.64
CA GLY D 215 -17.75 -47.09 17.70
C GLY D 215 -17.03 -47.44 16.40
N ASP D 216 -17.32 -46.76 15.30
CA ASP D 216 -16.64 -47.08 14.05
C ASP D 216 -15.18 -46.64 13.93
N LEU D 217 -14.41 -47.44 13.21
CA LEU D 217 -13.01 -47.09 12.97
C LEU D 217 -12.69 -46.10 11.89
N GLY D 218 -11.66 -45.29 12.09
CA GLY D 218 -11.24 -44.35 11.06
C GLY D 218 -10.76 -45.20 9.90
N LYS D 219 -11.28 -44.93 8.70
CA LYS D 219 -10.87 -45.69 7.48
C LYS D 219 -9.42 -45.35 7.16
N LEU D 220 -8.48 -45.73 8.04
CA LEU D 220 -7.09 -45.34 7.91
C LEU D 220 -6.45 -45.86 6.63
N ASP D 221 -6.76 -47.09 6.24
CA ASP D 221 -6.24 -47.62 4.98
C ASP D 221 -6.69 -46.77 3.81
N GLU D 222 -7.98 -46.43 3.77
CA GLU D 222 -8.50 -45.61 2.68
C GLU D 222 -7.92 -44.21 2.73
N ILE D 223 -7.67 -43.67 3.93
CA ILE D 223 -7.04 -42.36 4.04
C ILE D 223 -5.67 -42.37 3.36
N VAL D 224 -4.77 -43.21 3.88
CA VAL D 224 -3.41 -43.29 3.38
C VAL D 224 -3.39 -43.65 1.90
N ALA D 225 -4.40 -44.38 1.43
CA ALA D 225 -4.52 -44.63 0.00
C ALA D 225 -4.66 -43.33 -0.78
N LEU D 226 -5.41 -42.37 -0.22
CA LEU D 226 -5.54 -41.06 -0.85
C LEU D 226 -4.24 -40.27 -0.84
N LYS D 227 -3.23 -40.70 -0.07
CA LYS D 227 -1.93 -40.04 -0.13
C LYS D 227 -1.25 -40.22 -1.48
N LYS D 228 -1.75 -41.14 -2.32
CA LYS D 228 -1.22 -41.29 -3.67
C LYS D 228 -1.73 -40.19 -4.60
N ASP D 229 -2.96 -39.72 -4.40
CA ASP D 229 -3.56 -38.70 -5.25
C ASP D 229 -3.47 -37.29 -4.67
N PHE D 230 -3.04 -37.15 -3.40
CA PHE D 230 -2.89 -35.84 -2.79
C PHE D 230 -1.66 -35.87 -1.89
N GLN D 231 -1.04 -34.70 -1.73
CA GLN D 231 0.20 -34.55 -0.96
C GLN D 231 -0.14 -33.91 0.38
N PHE D 232 -0.50 -34.74 1.37
CA PHE D 232 -0.82 -34.28 2.71
C PHE D 232 -0.06 -35.12 3.74
N ARG D 233 -0.14 -34.67 4.99
CA ARG D 233 0.34 -35.39 6.15
C ARG D 233 -0.84 -35.87 7.00
N LEU D 234 -0.58 -36.84 7.86
CA LEU D 234 -1.65 -37.53 8.59
C LEU D 234 -1.39 -37.52 10.08
N LEU D 235 -2.37 -37.07 10.85
CA LEU D 235 -2.37 -37.11 12.30
C LEU D 235 -3.52 -37.97 12.76
N VAL D 236 -3.28 -38.86 13.73
CA VAL D 236 -4.27 -39.82 14.19
C VAL D 236 -4.32 -39.80 15.71
N ASP D 237 -5.52 -39.67 16.27
CA ASP D 237 -5.78 -39.84 17.69
C ASP D 237 -6.32 -41.25 17.90
N ASP D 238 -5.53 -42.08 18.58
CA ASP D 238 -5.85 -43.50 18.79
C ASP D 238 -6.32 -43.79 20.22
N ALA D 239 -6.98 -42.82 20.86
CA ALA D 239 -7.27 -42.94 22.29
C ALA D 239 -8.06 -44.20 22.59
N HIS D 240 -8.96 -44.58 21.68
CA HIS D 240 -9.76 -45.77 21.86
C HIS D 240 -9.21 -46.99 21.14
N GLY D 241 -8.18 -46.81 20.32
CA GLY D 241 -7.60 -47.93 19.60
C GLY D 241 -6.42 -48.58 20.30
N PHE D 242 -5.69 -47.80 21.10
CA PHE D 242 -4.50 -48.34 21.74
C PHE D 242 -4.89 -49.33 22.82
N GLY D 243 -4.23 -50.48 22.81
CA GLY D 243 -4.55 -51.58 23.70
C GLY D 243 -5.69 -52.41 23.14
N THR D 244 -6.51 -51.76 22.31
CA THR D 244 -7.76 -52.31 21.80
C THR D 244 -7.60 -52.93 20.41
N GLY D 246 -5.13 -53.69 16.63
CA GLY D 246 -3.79 -53.97 16.16
C GLY D 246 -3.17 -55.18 16.82
N GLU D 247 -1.89 -55.39 16.53
CA GLU D 247 -1.14 -56.51 17.08
C GLU D 247 -0.86 -56.26 18.56
N GLY D 248 -1.39 -57.13 19.42
CA GLY D 248 -1.16 -57.01 20.85
C GLY D 248 -1.65 -55.71 21.45
N GLY D 249 -2.57 -55.02 20.79
CA GLY D 249 -3.05 -53.74 21.24
C GLY D 249 -2.27 -52.55 20.72
N ARG D 250 -1.57 -52.71 19.61
CA ARG D 250 -0.69 -51.64 19.11
C ARG D 250 -1.47 -50.46 18.57
N GLY D 251 -2.66 -50.69 18.01
CA GLY D 251 -3.53 -49.58 17.63
C GLY D 251 -4.28 -49.73 16.31
N THR D 252 -5.11 -48.73 15.99
CA THR D 252 -5.83 -48.74 14.72
C THR D 252 -4.87 -48.74 13.54
N ALA D 253 -3.77 -47.99 13.63
CA ALA D 253 -2.80 -47.96 12.55
C ALA D 253 -2.28 -49.36 12.24
N SER D 254 -1.87 -50.10 13.27
CA SER D 254 -1.37 -51.45 13.05
C SER D 254 -2.45 -52.34 12.45
N HIS D 255 -3.69 -52.20 12.91
CA HIS D 255 -4.79 -53.03 12.45
C HIS D 255 -4.95 -52.96 10.94
N PHE D 256 -4.84 -51.76 10.37
CA PHE D 256 -4.90 -51.57 8.93
C PHE D 256 -3.54 -51.76 8.25
N GLY D 257 -2.47 -51.94 9.02
CA GLY D 257 -1.14 -52.08 8.46
C GLY D 257 -0.63 -50.87 7.70
N VAL D 258 -1.02 -49.66 8.11
CA VAL D 258 -0.58 -48.45 7.44
C VAL D 258 0.17 -47.58 8.44
N THR D 259 0.76 -48.22 9.46
CA THR D 259 1.37 -47.47 10.55
C THR D 259 2.49 -46.55 10.08
N ASP D 260 3.12 -46.83 8.94
CA ASP D 260 4.05 -45.86 8.38
C ASP D 260 3.33 -44.78 7.59
N GLY D 261 2.11 -45.05 7.13
CA GLY D 261 1.31 -44.05 6.44
C GLY D 261 0.78 -42.96 7.35
N VAL D 262 0.70 -43.25 8.65
CA VAL D 262 0.35 -42.24 9.64
C VAL D 262 1.62 -41.53 10.07
N ASP D 263 1.67 -40.21 9.86
CA ASP D 263 2.91 -39.46 10.11
C ASP D 263 3.05 -39.08 11.58
N VAL D 264 1.95 -38.72 12.23
CA VAL D 264 1.95 -38.32 13.64
C VAL D 264 0.87 -39.12 14.36
N LEU D 265 1.27 -39.87 15.39
CA LEU D 265 0.36 -40.73 16.13
C LEU D 265 0.19 -40.21 17.55
N PHE D 266 -1.00 -39.68 17.84
CA PHE D 266 -1.36 -39.24 19.19
C PHE D 266 -2.08 -40.37 19.92
N ASN D 267 -1.83 -40.45 21.23
CA ASN D 267 -2.39 -41.51 22.07
C ASN D 267 -2.39 -41.01 23.51
N THR D 268 -3.35 -41.49 24.29
CA THR D 268 -3.48 -41.11 25.68
C THR D 268 -3.42 -42.35 26.57
N PHE D 269 -3.35 -42.11 27.88
CA PHE D 269 -3.36 -43.18 28.88
C PHE D 269 -4.72 -43.36 29.55
N ALA D 270 -5.74 -42.69 29.05
CA ALA D 270 -6.99 -42.60 29.81
C ALA D 270 -7.76 -43.91 29.78
N LYS D 271 -7.71 -44.64 28.67
CA LYS D 271 -8.61 -45.77 28.48
C LYS D 271 -7.93 -47.08 28.86
N SER D 272 -7.34 -47.77 27.90
CA SER D 272 -6.71 -49.06 28.18
C SER D 272 -5.63 -48.93 29.24
N ALA D 274 -5.51 -46.94 31.64
CA ALA D 274 -6.14 -46.64 32.93
C ALA D 274 -5.31 -45.64 33.73
N GLY D 275 -4.93 -44.55 33.06
CA GLY D 275 -4.07 -43.57 33.70
C GLY D 275 -4.23 -42.15 33.19
N ILE D 276 -3.38 -41.24 33.66
CA ILE D 276 -3.32 -39.86 33.20
C ILE D 276 -2.05 -39.70 32.38
N GLY D 277 -2.10 -38.76 31.45
CA GLY D 277 -0.98 -38.53 30.54
C GLY D 277 -1.26 -39.07 29.15
N ALA D 278 -0.31 -38.80 28.26
CA ALA D 278 -0.44 -39.13 26.85
C ALA D 278 0.96 -39.20 26.23
N PHE D 279 1.01 -39.54 24.95
CA PHE D 279 2.29 -39.60 24.24
C PHE D 279 2.08 -39.43 22.75
N VAL D 280 2.95 -38.63 22.12
CA VAL D 280 2.93 -38.39 20.68
C VAL D 280 4.14 -39.08 20.06
N CYS D 281 3.95 -39.62 18.85
CA CYS D 281 4.96 -40.44 18.21
C CYS D 281 5.16 -40.03 16.76
N GLY D 282 6.37 -40.27 16.26
CA GLY D 282 6.74 -39.91 14.91
C GLY D 282 8.25 -39.96 14.74
N PRO D 283 8.75 -39.33 13.67
CA PRO D 283 10.20 -39.32 13.45
C PRO D 283 10.91 -38.51 14.52
N ARG D 284 12.15 -38.89 14.81
CA ARG D 284 12.89 -38.27 15.90
C ARG D 284 13.03 -36.77 15.71
N TRP D 285 13.31 -36.33 14.48
CA TRP D 285 13.46 -34.89 14.25
C TRP D 285 12.17 -34.14 14.58
N LEU D 286 11.01 -34.76 14.37
CA LEU D 286 9.77 -34.09 14.72
C LEU D 286 9.53 -34.09 16.23
N VAL D 287 9.77 -35.22 16.90
CA VAL D 287 9.52 -35.25 18.32
C VAL D 287 10.49 -34.34 19.07
N ASN D 288 11.72 -34.20 18.57
CA ASN D 288 12.64 -33.27 19.20
C ASN D 288 12.17 -31.83 19.00
N LEU D 289 11.64 -31.53 17.82
CA LEU D 289 11.01 -30.24 17.60
C LEU D 289 9.88 -30.01 18.59
N LEU D 290 9.02 -31.03 18.75
CA LEU D 290 7.91 -30.91 19.69
C LEU D 290 8.41 -30.81 21.13
N ARG D 291 9.53 -31.46 21.44
CA ARG D 291 10.07 -31.40 22.80
C ARG D 291 10.42 -29.98 23.22
N TYR D 292 10.88 -29.15 22.27
CA TYR D 292 11.33 -27.80 22.57
C TYR D 292 10.36 -26.72 22.15
N ASN D 293 9.18 -27.09 21.62
CA ASN D 293 8.26 -26.11 21.07
C ASN D 293 6.82 -26.28 21.48
N ARG D 295 3.93 -25.82 23.58
CA ARG D 295 3.73 -24.85 24.65
C ARG D 295 3.19 -25.51 25.92
N SER D 296 2.30 -26.50 25.78
CA SER D 296 1.69 -27.09 26.97
C SER D 296 2.70 -27.89 27.78
N GLN D 297 3.69 -28.49 27.11
CA GLN D 297 4.72 -29.23 27.84
C GLN D 297 5.85 -28.32 28.30
N LEU D 298 6.08 -27.20 27.62
CA LEU D 298 7.17 -26.31 28.02
C LEU D 298 6.86 -25.60 29.32
N TYR D 299 5.59 -25.25 29.55
CA TYR D 299 5.22 -24.35 30.64
C TYR D 299 4.29 -24.99 31.67
N ALA D 300 4.21 -26.32 31.68
CA ALA D 300 3.41 -27.03 32.68
C ALA D 300 4.24 -28.14 33.30
N LYS D 301 3.80 -28.60 34.47
CA LYS D 301 4.56 -29.60 35.21
C LYS D 301 4.61 -30.92 34.44
N SER D 302 5.67 -31.68 34.68
CA SER D 302 5.90 -32.95 34.01
C SER D 302 5.03 -34.05 34.63
N LEU D 303 4.86 -35.16 33.88
CA LEU D 303 3.98 -36.25 34.35
C LEU D 303 4.51 -36.80 35.67
N PRO D 304 3.64 -37.02 36.68
CA PRO D 304 4.07 -37.57 37.95
C PRO D 304 4.87 -38.87 37.78
N PRO D 306 4.86 -41.64 39.83
CA PRO D 306 3.98 -42.80 39.94
C PRO D 306 3.35 -43.21 38.61
N VAL D 308 4.37 -42.60 35.72
CA VAL D 308 5.45 -42.99 34.79
C VAL D 308 5.64 -44.46 35.13
N GLY D 310 3.90 -46.56 36.82
CA GLY D 310 2.72 -47.36 36.57
C GLY D 310 2.53 -47.66 35.09
N ALA D 311 2.76 -46.65 34.24
CA ALA D 311 2.61 -46.85 32.80
C ALA D 311 3.65 -47.83 32.27
N LEU D 312 4.85 -47.86 32.86
CA LEU D 312 5.84 -48.83 32.44
C LEU D 312 5.39 -50.25 32.77
N LYS D 313 4.92 -50.47 34.00
CA LYS D 313 4.37 -51.78 34.35
C LYS D 313 3.19 -52.14 33.46
N ARG D 314 2.30 -51.17 33.21
CA ARG D 314 1.21 -51.38 32.28
C ARG D 314 1.72 -51.84 30.92
N LEU D 315 2.56 -51.01 30.29
CA LEU D 315 3.11 -51.33 28.97
C LEU D 315 3.78 -52.69 28.95
N GLU D 316 4.46 -53.06 30.05
CA GLU D 316 5.02 -54.40 30.15
C GLU D 316 3.94 -55.46 30.04
N LEU D 317 2.81 -55.24 30.74
CA LEU D 317 1.76 -56.26 30.77
C LEU D 317 1.16 -56.48 29.38
N ILE D 318 0.80 -55.38 28.70
CA ILE D 318 0.25 -55.50 27.36
C ILE D 318 1.19 -56.24 26.41
N ARG D 319 2.50 -55.99 26.55
CA ARG D 319 3.48 -56.68 25.73
C ARG D 319 3.55 -58.16 26.07
N ASN D 320 3.61 -58.48 27.36
CA ASN D 320 3.82 -59.85 27.79
C ASN D 320 2.53 -60.66 27.80
N HIS D 321 1.37 -60.00 27.78
CA HIS D 321 0.07 -60.68 27.88
C HIS D 321 -0.79 -60.32 26.68
N PRO D 322 -0.48 -60.85 25.50
CA PRO D 322 -1.38 -60.62 24.35
C PRO D 322 -2.74 -61.27 24.53
N GLU D 323 -2.88 -62.16 25.53
CA GLU D 323 -4.16 -62.80 25.82
C GLU D 323 -5.20 -61.79 26.30
N TYR D 324 -4.75 -60.67 26.88
CA TYR D 324 -5.70 -59.67 27.37
C TYR D 324 -6.54 -59.11 26.23
N GLN D 325 -5.90 -58.65 25.16
CA GLN D 325 -6.61 -58.17 23.98
C GLN D 325 -7.45 -59.29 23.36
N GLN D 326 -6.95 -60.52 23.40
CA GLN D 326 -7.72 -61.66 22.91
C GLN D 326 -8.96 -61.87 23.76
N LYS D 327 -8.82 -61.78 25.09
CA LYS D 327 -9.96 -61.98 25.98
C LYS D 327 -11.03 -60.92 25.76
N LEU D 328 -10.63 -59.66 25.64
CA LEU D 328 -11.60 -58.59 25.42
C LEU D 328 -12.42 -58.83 24.15
N TRP D 329 -11.74 -59.15 23.05
CA TRP D 329 -12.49 -59.33 21.81
C TRP D 329 -13.40 -60.55 21.87
N GLU D 330 -12.98 -61.61 22.57
CA GLU D 330 -13.90 -62.75 22.76
C GLU D 330 -15.18 -62.28 23.45
N ILE D 331 -15.05 -61.39 24.44
CA ILE D 331 -16.24 -60.81 25.06
C ILE D 331 -17.00 -59.97 24.05
N VAL D 332 -16.27 -59.24 23.20
CA VAL D 332 -16.90 -58.36 22.23
C VAL D 332 -17.68 -59.17 21.21
N ARG D 333 -17.08 -60.24 20.68
CA ARG D 333 -17.79 -61.10 19.74
C ARG D 333 -19.03 -61.70 20.38
N ALA D 334 -18.90 -62.22 21.61
CA ALA D 334 -20.03 -62.86 22.27
C ALA D 334 -21.13 -61.86 22.57
N LEU D 335 -20.77 -60.67 23.05
CA LEU D 335 -21.75 -59.65 23.34
C LEU D 335 -22.42 -59.15 22.07
N GLN D 336 -21.63 -58.81 21.06
CA GLN D 336 -22.18 -58.19 19.86
C GLN D 336 -23.00 -59.19 19.05
N ASN D 337 -22.49 -60.42 18.88
CA ASN D 337 -23.26 -61.43 18.16
C ASN D 337 -24.51 -61.82 18.93
N GLY D 338 -24.41 -61.93 20.25
CA GLY D 338 -25.59 -62.27 21.04
C GLY D 338 -26.73 -61.29 20.85
N LEU D 339 -26.43 -59.99 20.96
CA LEU D 339 -27.47 -58.99 20.72
C LEU D 339 -27.96 -59.02 19.28
N LYS D 340 -27.04 -59.21 18.33
CA LYS D 340 -27.42 -59.25 16.92
C LYS D 340 -28.37 -60.40 16.64
N GLU D 341 -28.17 -61.55 17.30
CA GLU D 341 -29.07 -62.68 17.09
C GLU D 341 -30.46 -62.39 17.64
N ASN D 342 -30.55 -61.57 18.69
CA ASN D 342 -31.81 -61.25 19.32
C ASN D 342 -32.45 -59.99 18.76
N GLY D 343 -32.03 -59.55 17.57
CA GLY D 343 -32.66 -58.42 16.92
C GLY D 343 -32.29 -57.06 17.48
N PHE D 344 -31.36 -56.99 18.43
CA PHE D 344 -30.91 -55.69 18.92
C PHE D 344 -30.12 -54.98 17.82
N GLU D 345 -30.27 -53.66 17.75
CA GLU D 345 -29.65 -52.87 16.68
C GLU D 345 -28.37 -52.23 17.19
N ILE D 346 -27.25 -52.78 16.79
CA ILE D 346 -25.93 -52.23 17.07
C ILE D 346 -25.55 -51.30 15.93
N GLY D 347 -24.76 -50.27 16.24
CA GLY D 347 -24.30 -49.34 15.23
C GLY D 347 -23.33 -49.92 14.22
N VAL D 348 -22.50 -49.06 13.63
CA VAL D 348 -21.56 -49.46 12.59
C VAL D 348 -20.22 -49.83 13.22
N THR D 349 -20.23 -50.17 14.51
CA THR D 349 -18.99 -50.30 15.24
C THR D 349 -18.15 -51.45 14.70
N ASN D 350 -16.87 -51.17 14.44
CA ASN D 350 -15.85 -52.17 14.15
C ASN D 350 -14.93 -52.38 15.33
N SER D 351 -15.31 -51.89 16.51
CA SER D 351 -14.46 -51.86 17.68
C SER D 351 -15.19 -52.44 18.88
N PRO D 352 -14.55 -52.55 20.05
CA PRO D 352 -15.28 -53.01 21.25
C PRO D 352 -16.55 -52.23 21.53
N VAL D 353 -16.55 -50.92 21.27
CA VAL D 353 -17.66 -50.04 21.62
C VAL D 353 -18.97 -50.60 21.08
N THR D 354 -19.92 -50.84 21.96
CA THR D 354 -21.16 -51.56 21.65
C THR D 354 -22.36 -50.68 22.00
N PRO D 355 -22.84 -49.88 21.05
CA PRO D 355 -24.03 -49.07 21.31
C PRO D 355 -25.30 -49.77 20.83
N VAL D 356 -26.31 -49.81 21.68
CA VAL D 356 -27.56 -50.51 21.40
C VAL D 356 -28.61 -49.47 21.06
N PHE D 357 -29.05 -49.45 19.81
CA PHE D 357 -29.97 -48.44 19.30
C PHE D 357 -31.40 -48.86 19.60
N LYS D 359 -35.70 -47.07 20.50
CA LYS D 359 -36.60 -45.97 20.20
C LYS D 359 -37.53 -45.71 21.36
N GLY D 360 -37.68 -44.45 21.74
CA GLY D 360 -38.56 -44.11 22.84
C GLY D 360 -38.36 -42.68 23.29
N GLY D 361 -39.21 -42.30 24.25
CA GLY D 361 -39.20 -40.96 24.80
C GLY D 361 -38.43 -40.86 26.11
N ILE D 362 -38.30 -39.61 26.58
CA ILE D 362 -37.60 -39.37 27.84
C ILE D 362 -38.22 -40.11 29.02
N PRO D 363 -39.55 -40.06 29.24
CA PRO D 363 -40.11 -40.83 30.37
C PRO D 363 -39.92 -42.33 30.21
N GLU D 364 -40.02 -42.84 28.97
CA GLU D 364 -39.69 -44.24 28.73
C GLU D 364 -38.20 -44.50 29.02
N ALA D 365 -37.33 -43.64 28.48
CA ALA D 365 -35.90 -43.78 28.70
C ALA D 365 -35.54 -43.72 30.18
N THR D 366 -36.35 -43.03 30.99
CA THR D 366 -35.98 -42.87 32.42
C THR D 366 -36.55 -44.04 33.24
N ASN D 367 -37.69 -44.59 32.82
CA ASN D 367 -38.27 -45.76 33.53
C ASN D 367 -37.37 -46.91 33.06
N LEU D 368 -36.96 -46.91 31.80
CA LEU D 368 -35.87 -47.86 31.40
C LEU D 368 -34.62 -47.36 32.09
N ILE D 369 -33.54 -48.13 32.21
CA ILE D 369 -32.38 -47.72 33.05
C ILE D 369 -32.70 -47.88 34.53
N VAL D 370 -33.76 -47.28 35.05
CA VAL D 370 -34.13 -47.62 36.45
C VAL D 370 -34.45 -49.12 36.42
N ASP D 371 -35.15 -49.58 35.40
CA ASP D 371 -35.41 -51.03 35.26
C ASP D 371 -34.10 -51.78 35.00
N LEU D 372 -33.05 -51.13 34.51
CA LEU D 372 -31.81 -51.86 34.37
C LEU D 372 -30.98 -51.77 35.66
N ARG D 373 -30.68 -50.55 36.10
CA ARG D 373 -29.80 -50.38 37.26
C ARG D 373 -30.48 -50.82 38.54
N GLU D 374 -31.69 -50.30 38.75
CA GLU D 374 -32.46 -50.69 39.96
C GLU D 374 -33.11 -52.06 39.79
N ASN D 375 -33.57 -52.43 38.58
CA ASN D 375 -34.22 -53.75 38.60
C ASN D 375 -33.28 -54.90 38.20
N HIS D 376 -32.35 -54.70 37.25
CA HIS D 376 -31.46 -55.80 36.87
C HIS D 376 -30.01 -55.56 37.29
N GLY D 377 -29.74 -54.57 38.12
CA GLY D 377 -28.39 -54.36 38.63
C GLY D 377 -27.36 -54.09 37.55
N ILE D 378 -27.73 -53.34 36.52
CA ILE D 378 -26.90 -53.14 35.35
C ILE D 378 -26.75 -51.63 35.13
N PHE D 379 -25.50 -51.16 35.09
CA PHE D 379 -25.20 -49.74 34.93
C PHE D 379 -24.56 -49.53 33.56
N CYS D 380 -25.27 -48.85 32.67
CA CYS D 380 -24.73 -48.50 31.36
C CYS D 380 -25.26 -47.11 31.01
N SER D 381 -24.39 -46.25 30.49
CA SER D 381 -24.79 -44.91 30.14
C SER D 381 -25.80 -44.94 29.00
N ILE D 382 -26.78 -44.04 29.04
CA ILE D 382 -27.69 -43.83 27.91
C ILE D 382 -27.65 -42.39 27.51
N VAL D 383 -27.94 -42.14 26.22
CA VAL D 383 -27.97 -40.80 25.67
C VAL D 383 -29.42 -40.42 25.38
N ILE D 384 -29.72 -39.13 25.50
CA ILE D 384 -31.12 -38.69 25.53
C ILE D 384 -31.41 -37.63 24.47
N TYR D 385 -32.63 -37.09 24.50
CA TYR D 385 -33.10 -36.25 23.41
C TYR D 385 -32.33 -34.95 23.24
N PRO D 386 -31.80 -34.28 24.29
CA PRO D 386 -31.00 -33.07 24.02
C PRO D 386 -29.80 -33.36 23.13
N VAL D 387 -29.21 -34.55 23.26
CA VAL D 387 -28.00 -34.88 22.45
C VAL D 387 -28.43 -35.50 21.12
N ILE D 388 -28.85 -36.77 21.12
CA ILE D 388 -29.29 -37.44 19.91
C ILE D 388 -30.73 -37.06 19.60
N PRO D 389 -31.19 -37.19 18.35
CA PRO D 389 -32.54 -36.78 18.00
C PRO D 389 -33.59 -37.37 18.94
N LYS D 390 -34.65 -36.60 19.17
CA LYS D 390 -35.74 -37.07 20.01
C LYS D 390 -36.34 -38.34 19.43
N GLY D 391 -36.83 -39.21 20.32
CA GLY D 391 -37.34 -40.50 19.93
C GLY D 391 -36.31 -41.61 19.92
N GLU D 392 -35.03 -41.27 19.75
CA GLU D 392 -33.97 -42.27 19.76
C GLU D 392 -33.39 -42.41 21.17
N ILE D 393 -32.92 -43.62 21.49
CA ILE D 393 -32.25 -43.88 22.75
C ILE D 393 -31.19 -44.95 22.52
N ILE D 394 -29.95 -44.63 22.90
CA ILE D 394 -28.81 -45.52 22.72
C ILE D 394 -28.22 -45.83 24.10
N LEU D 395 -28.00 -47.11 24.37
CA LEU D 395 -27.27 -47.54 25.56
C LEU D 395 -25.82 -47.84 25.17
N ARG D 396 -24.88 -47.22 25.86
CA ARG D 396 -23.46 -47.39 25.57
C ARG D 396 -22.92 -48.54 26.41
N VAL D 397 -22.74 -49.70 25.77
CA VAL D 397 -22.18 -50.88 26.42
C VAL D 397 -20.71 -50.99 26.03
N ILE D 398 -19.83 -50.93 27.02
CA ILE D 398 -18.39 -50.95 26.78
C ILE D 398 -17.81 -52.23 27.36
N PRO D 399 -17.49 -53.21 26.52
CA PRO D 399 -16.94 -54.48 27.03
C PRO D 399 -15.50 -54.31 27.50
N THR D 400 -15.11 -55.09 28.50
CA THR D 400 -13.71 -55.08 28.97
C THR D 400 -13.21 -56.51 29.07
N ALA D 401 -11.89 -56.68 29.06
CA ALA D 401 -11.29 -57.99 29.19
C ALA D 401 -11.52 -58.60 30.58
N ALA D 402 -11.89 -57.78 31.56
CA ALA D 402 -12.22 -58.28 32.89
C ALA D 402 -13.63 -58.84 32.99
N HIS D 403 -14.47 -58.62 31.97
CA HIS D 403 -15.81 -59.17 31.94
C HIS D 403 -15.77 -60.67 31.73
N THR D 404 -16.81 -61.34 32.20
CA THR D 404 -17.07 -62.74 31.95
C THR D 404 -18.26 -62.85 30.99
N LEU D 405 -18.66 -64.08 30.71
CA LEU D 405 -19.82 -64.32 29.85
C LEU D 405 -21.08 -64.59 30.63
N ASP D 406 -20.97 -65.09 31.86
CA ASP D 406 -22.05 -64.89 32.82
C ASP D 406 -22.43 -63.42 32.86
N ASP D 407 -21.42 -62.53 32.80
CA ASP D 407 -21.70 -61.11 32.65
C ASP D 407 -22.41 -60.83 31.32
N VAL D 408 -21.87 -61.38 30.22
CA VAL D 408 -22.46 -61.12 28.90
C VAL D 408 -23.90 -61.63 28.87
N ASN D 409 -24.12 -62.87 29.33
CA ASN D 409 -25.43 -63.48 29.18
C ASN D 409 -26.46 -62.86 30.11
N TYR D 410 -26.11 -62.62 31.38
CA TYR D 410 -27.00 -61.92 32.30
C TYR D 410 -27.41 -60.56 31.75
N THR D 411 -26.53 -59.91 30.97
CA THR D 411 -26.83 -58.61 30.40
C THR D 411 -27.77 -58.71 29.20
N ILE D 412 -27.45 -59.61 28.26
CA ILE D 412 -28.33 -59.81 27.11
C ILE D 412 -29.74 -60.15 27.57
N ALA D 413 -29.85 -61.01 28.58
CA ALA D 413 -31.15 -61.41 29.10
C ALA D 413 -31.90 -60.22 29.67
N ALA D 414 -31.22 -59.40 30.49
CA ALA D 414 -31.84 -58.21 31.06
C ALA D 414 -32.28 -57.25 29.95
N PHE D 415 -31.40 -57.03 28.97
CA PHE D 415 -31.76 -56.17 27.83
C PHE D 415 -32.99 -56.70 27.12
N LYS D 416 -33.14 -58.03 27.06
CA LYS D 416 -34.28 -58.63 26.35
C LYS D 416 -35.58 -58.36 27.06
N SER D 417 -35.63 -58.66 28.37
CA SER D 417 -36.80 -58.32 29.18
C SER D 417 -37.16 -56.86 29.02
N VAL D 418 -36.16 -56.00 29.15
CA VAL D 418 -36.36 -54.56 29.19
C VAL D 418 -36.86 -54.04 27.85
N ARG D 419 -36.35 -54.61 26.76
CA ARG D 419 -36.77 -54.14 25.45
C ARG D 419 -38.25 -54.42 25.24
N ASP D 420 -38.70 -55.65 25.54
CA ASP D 420 -40.11 -56.02 25.41
C ASP D 420 -41.01 -54.97 26.08
N LYS D 421 -40.71 -54.64 27.34
CA LYS D 421 -41.40 -53.55 28.03
C LYS D 421 -41.47 -52.31 27.15
N LEU D 422 -40.31 -51.81 26.73
CA LEU D 422 -40.27 -50.61 25.85
C LEU D 422 -41.12 -50.89 24.60
N GLU D 423 -40.83 -51.96 23.86
CA GLU D 423 -41.60 -52.20 22.64
C GLU D 423 -43.08 -52.34 22.95
N GLY D 424 -43.43 -52.90 24.09
CA GLY D 424 -44.80 -53.15 24.47
C GLY D 424 -45.59 -51.96 24.95
N GLY D 425 -45.01 -50.76 24.91
CA GLY D 425 -45.69 -49.57 25.36
C GLY D 425 -45.58 -49.28 26.84
N ILE D 426 -45.04 -50.22 27.63
CA ILE D 426 -44.82 -49.96 29.05
C ILE D 426 -43.72 -48.91 29.22
N TYR D 427 -43.71 -48.27 30.39
CA TYR D 427 -42.90 -47.12 30.80
C TYR D 427 -43.57 -45.83 30.34
N ALA D 428 -44.70 -45.90 29.65
CA ALA D 428 -45.43 -44.72 29.24
C ALA D 428 -46.64 -44.44 30.13
N GLN D 429 -46.90 -45.30 31.12
CA GLN D 429 -48.03 -45.11 32.00
C GLN D 429 -47.81 -43.93 32.95
N VAL E 22 4.55 -26.17 -0.05
CA VAL E 22 5.57 -26.71 0.83
C VAL E 22 4.89 -27.64 1.83
N ASP E 23 5.28 -28.92 1.75
CA ASP E 23 4.68 -29.97 2.62
C ASP E 23 4.90 -29.57 4.08
N ILE E 24 3.98 -29.95 4.97
CA ILE E 24 4.10 -29.47 6.37
C ILE E 24 5.44 -29.95 6.93
N PHE E 25 5.75 -31.24 6.82
CA PHE E 25 6.99 -31.78 7.46
C PHE E 25 8.22 -31.10 6.90
N ALA E 26 8.25 -30.90 5.58
CA ALA E 26 9.40 -30.28 4.91
C ALA E 26 9.84 -29.00 5.62
N ARG E 27 8.88 -28.12 5.90
CA ARG E 27 9.20 -26.84 6.52
C ARG E 27 9.87 -27.02 7.88
N LEU E 28 9.39 -27.97 8.68
CA LEU E 28 9.95 -28.10 10.03
C LEU E 28 11.25 -28.90 10.06
N GLU E 29 11.44 -29.82 9.10
CA GLU E 29 12.50 -30.83 9.23
C GLU E 29 13.86 -30.18 9.45
N LYS E 30 14.33 -29.41 8.49
CA LYS E 30 15.61 -28.73 8.62
C LYS E 30 15.49 -27.22 8.57
N ASN E 31 14.49 -26.69 7.86
CA ASN E 31 14.34 -25.24 7.77
C ASN E 31 14.01 -24.64 9.13
N ALA E 32 13.30 -25.38 9.98
CA ALA E 32 13.01 -24.94 11.34
C ALA E 32 13.92 -25.62 12.37
N GLY E 33 14.61 -26.69 11.99
CA GLY E 33 15.41 -27.43 12.95
C GLY E 33 16.77 -26.85 13.26
N GLY E 34 17.31 -26.00 12.37
CA GLY E 34 18.66 -25.49 12.48
C GLY E 34 18.92 -24.63 13.70
N PRO E 35 18.25 -23.47 13.79
CA PRO E 35 18.41 -22.63 14.99
C PRO E 35 18.06 -23.35 16.28
N ILE E 36 16.95 -24.10 16.29
CA ILE E 36 16.59 -24.88 17.47
C ILE E 36 17.64 -25.95 17.72
N GLY E 37 18.01 -26.72 16.69
CA GLY E 37 19.01 -27.76 16.86
C GLY E 37 20.37 -27.24 17.32
N GLN E 38 20.70 -25.99 16.99
CA GLN E 38 21.91 -25.39 17.53
C GLN E 38 21.88 -25.40 19.05
N TYR E 39 20.75 -25.01 19.64
CA TYR E 39 20.59 -25.11 21.08
C TYR E 39 20.54 -26.57 21.53
N SER E 41 21.79 -29.32 20.29
CA SER E 41 23.00 -30.13 20.16
C SER E 41 23.86 -30.05 21.42
N TYR E 42 24.05 -28.86 21.97
CA TYR E 42 24.91 -28.69 23.12
C TYR E 42 24.18 -28.60 24.45
N ALA E 43 22.86 -28.39 24.44
CA ALA E 43 22.13 -28.14 25.68
C ALA E 43 21.45 -29.37 26.27
N HIS E 44 21.00 -30.31 25.43
CA HIS E 44 20.17 -31.40 25.92
C HIS E 44 20.89 -32.24 26.98
N GLY E 45 20.32 -32.27 28.18
CA GLY E 45 20.90 -32.96 29.31
C GLY E 45 21.58 -32.05 30.31
N TYR E 46 22.01 -30.86 29.89
CA TYR E 46 22.75 -29.94 30.76
C TYR E 46 22.01 -28.62 30.92
N PHE E 47 21.90 -27.81 29.87
CA PHE E 47 21.19 -26.54 29.97
C PHE E 47 19.68 -26.71 29.76
N ALA E 48 19.27 -27.72 29.00
CA ALA E 48 17.86 -27.99 28.77
C ALA E 48 17.61 -29.48 28.99
N PHE E 49 16.44 -29.80 29.55
CA PHE E 49 16.10 -31.15 29.96
C PHE E 49 17.17 -31.78 30.87
N PRO E 50 17.50 -31.13 31.99
CA PRO E 50 18.49 -31.73 32.89
C PRO E 50 17.87 -32.89 33.65
N LYS E 51 18.72 -33.86 33.99
CA LYS E 51 18.29 -35.08 34.67
C LYS E 51 18.70 -35.00 36.13
N LEU E 52 17.78 -34.53 36.98
CA LEU E 52 18.02 -34.44 38.41
C LEU E 52 17.66 -35.77 39.06
N GLU E 53 18.51 -36.24 39.97
CA GLU E 53 18.36 -37.54 40.61
C GLU E 53 18.28 -37.37 42.13
N GLY E 54 17.34 -38.07 42.76
CA GLY E 54 17.24 -38.13 44.20
C GLY E 54 15.85 -37.83 44.71
N GLU E 55 15.72 -37.80 46.03
CA GLU E 55 14.48 -37.45 46.71
C GLU E 55 14.32 -35.93 46.75
N ILE E 56 13.12 -35.44 46.46
CA ILE E 56 13.00 -34.03 46.07
C ILE E 56 13.38 -33.13 47.24
N GLY E 57 14.42 -32.33 47.03
CA GLY E 57 14.93 -31.41 48.04
C GLY E 57 15.97 -30.47 47.44
N PRO E 58 16.71 -29.78 48.30
CA PRO E 58 17.70 -28.82 47.80
C PRO E 58 19.01 -29.47 47.39
N HIS E 59 19.32 -30.64 47.93
CA HIS E 59 20.59 -31.32 47.70
C HIS E 59 20.33 -32.56 46.85
N VAL E 61 21.50 -34.84 42.87
CA VAL E 61 22.63 -35.36 42.12
C VAL E 61 22.44 -35.04 40.64
N PHE E 62 23.50 -34.53 40.02
CA PHE E 62 23.55 -34.25 38.59
C PHE E 62 24.86 -34.84 38.06
N ARG E 63 24.76 -35.76 37.11
CA ARG E 63 25.91 -36.36 36.44
C ARG E 63 26.93 -36.92 37.43
N GLY E 64 26.41 -37.65 38.42
CA GLY E 64 27.25 -38.34 39.38
C GLY E 64 27.73 -37.50 40.54
N LYS E 65 27.49 -36.20 40.55
CA LYS E 65 27.96 -35.31 41.60
C LYS E 65 26.78 -34.75 42.38
N LYS E 66 26.92 -34.75 43.72
CA LYS E 66 25.91 -34.13 44.58
C LYS E 66 25.90 -32.63 44.36
N LEU E 68 23.70 -28.49 44.95
CA LEU E 68 22.77 -27.57 45.60
C LEU E 68 21.90 -26.93 44.54
N ASN E 69 20.60 -27.17 44.61
CA ASN E 69 19.65 -26.71 43.60
C ASN E 69 18.87 -25.49 44.08
N TRP E 70 18.69 -24.53 43.17
CA TRP E 70 17.76 -23.43 43.34
C TRP E 70 16.78 -23.39 42.17
N SER E 71 16.45 -24.56 41.62
CA SER E 71 15.68 -24.67 40.40
C SER E 71 14.27 -25.21 40.59
N LEU E 72 14.04 -26.01 41.64
CA LEU E 72 12.71 -26.56 41.88
C LEU E 72 11.86 -25.53 42.63
N ASN E 73 10.56 -25.53 42.32
CA ASN E 73 9.62 -24.56 42.87
C ASN E 73 8.94 -25.03 44.15
N ASN E 74 9.57 -25.92 44.92
CA ASN E 74 8.98 -26.44 46.15
C ASN E 74 9.11 -25.42 47.29
N TYR E 75 8.48 -24.25 47.07
CA TYR E 75 8.64 -23.06 47.89
C TYR E 75 8.57 -23.35 49.37
N LEU E 76 7.67 -24.24 49.78
CA LEU E 76 7.46 -24.55 51.19
C LEU E 76 8.11 -25.85 51.62
N GLY E 77 8.83 -26.52 50.72
CA GLY E 77 9.50 -27.76 51.07
C GLY E 77 8.59 -28.93 51.28
N LEU E 78 7.34 -28.84 50.82
CA LEU E 78 6.35 -29.88 51.07
C LEU E 78 6.60 -31.14 50.23
N ALA E 79 7.55 -31.11 49.31
CA ALA E 79 7.66 -32.17 48.33
C ALA E 79 8.14 -33.47 48.96
N ASN E 80 9.23 -33.43 49.74
CA ASN E 80 9.71 -34.61 50.44
C ASN E 80 9.33 -34.60 51.91
N HIS E 81 8.34 -33.80 52.29
CA HIS E 81 7.80 -33.86 53.64
C HIS E 81 7.36 -35.28 53.95
N PRO E 82 7.83 -35.88 55.05
CA PRO E 82 7.43 -37.27 55.36
C PRO E 82 5.93 -37.48 55.43
N GLU E 83 5.18 -36.56 56.06
CA GLU E 83 3.73 -36.69 56.09
C GLU E 83 3.14 -36.61 54.68
N VAL E 84 3.69 -35.74 53.84
CA VAL E 84 3.28 -35.70 52.43
C VAL E 84 3.54 -37.05 51.79
N ARG E 85 4.75 -37.60 51.98
CA ARG E 85 5.10 -38.87 51.37
C ARG E 85 4.25 -40.01 51.91
N LYS E 86 3.82 -39.92 53.18
CA LYS E 86 2.98 -40.96 53.76
C LYS E 86 1.59 -40.96 53.14
N ALA E 87 0.90 -39.81 53.17
CA ALA E 87 -0.41 -39.71 52.53
C ALA E 87 -0.33 -39.97 51.05
N ASP E 88 0.83 -39.71 50.44
CA ASP E 88 1.04 -40.00 49.02
C ASP E 88 1.03 -41.50 48.77
N ALA E 89 1.87 -42.23 49.48
CA ALA E 89 1.90 -43.69 49.33
C ALA E 89 0.62 -44.33 49.85
N GLU E 90 -0.02 -43.72 50.86
CA GLU E 90 -1.28 -44.24 51.36
C GLU E 90 -2.38 -44.15 50.31
N GLY E 91 -2.53 -42.98 49.70
CA GLY E 91 -3.57 -42.79 48.70
C GLY E 91 -3.39 -43.68 47.49
N ALA E 92 -2.14 -43.84 47.03
CA ALA E 92 -1.88 -44.73 45.91
C ALA E 92 -2.18 -46.17 46.27
N ALA E 93 -1.96 -46.56 47.53
CA ALA E 93 -2.26 -47.92 47.94
C ALA E 93 -3.76 -48.17 47.99
N LYS E 94 -4.54 -47.19 48.45
CA LYS E 94 -5.97 -47.39 48.62
C LYS E 94 -6.69 -47.44 47.27
N PHE E 95 -6.42 -46.47 46.40
CA PHE E 95 -7.14 -46.35 45.13
C PHE E 95 -6.33 -46.77 43.92
N GLY E 96 -5.05 -46.37 43.88
CA GLY E 96 -4.23 -46.62 42.68
C GLY E 96 -4.27 -45.41 41.78
N ALA E 98 -5.38 -45.50 38.91
CA ALA E 98 -6.51 -45.76 37.99
C ALA E 98 -7.29 -44.45 37.87
N ALA E 99 -7.39 -43.69 38.98
CA ALA E 99 -8.07 -42.36 39.01
C ALA E 99 -9.59 -42.58 38.99
N PRO E 100 -10.46 -41.55 39.07
CA PRO E 100 -11.89 -41.80 38.88
C PRO E 100 -11.90 -42.26 37.42
N GLY E 102 -13.01 -42.49 33.91
CA GLY E 102 -13.92 -41.75 33.07
C GLY E 102 -13.72 -40.27 33.26
N ALA E 103 -14.59 -39.51 32.60
CA ALA E 103 -14.52 -38.06 32.60
C ALA E 103 -15.21 -37.49 33.84
N ARG E 104 -14.92 -36.20 34.04
CA ARG E 104 -15.37 -35.31 35.14
C ARG E 104 -16.84 -34.92 35.06
N SER E 107 -18.38 -39.00 35.88
CA SER E 107 -18.27 -39.24 37.30
C SER E 107 -17.35 -38.20 37.92
N GLN E 109 -17.34 -37.03 41.88
CA GLN E 109 -18.34 -36.69 42.88
C GLN E 109 -17.89 -37.26 44.18
N THR E 110 -16.62 -37.55 44.26
CA THR E 110 -16.01 -38.22 45.43
C THR E 110 -16.05 -37.20 46.56
N VAL E 111 -16.60 -37.60 47.71
CA VAL E 111 -16.68 -36.71 48.90
C VAL E 111 -15.27 -36.24 49.24
N TYR E 112 -14.25 -36.90 48.68
CA TYR E 112 -12.86 -36.50 48.92
C TYR E 112 -12.55 -35.38 47.93
N HIS E 113 -12.99 -35.52 46.67
CA HIS E 113 -12.95 -34.40 45.74
C HIS E 113 -13.68 -33.19 46.32
N GLU E 114 -14.83 -33.42 46.94
CA GLU E 114 -15.63 -32.32 47.48
C GLU E 114 -15.03 -31.75 48.76
N GLN E 115 -14.35 -32.58 49.55
CA GLN E 115 -13.74 -32.07 50.79
C GLN E 115 -12.58 -31.13 50.48
N LEU E 116 -11.75 -31.49 49.49
CA LEU E 116 -10.65 -30.62 49.09
C LEU E 116 -11.18 -29.26 48.63
N GLU E 117 -12.19 -29.27 47.77
CA GLU E 117 -12.73 -28.02 47.23
C GLU E 117 -13.24 -27.10 48.34
N ARG E 118 -13.95 -27.68 49.32
CA ARG E 118 -14.48 -26.87 50.42
C ARG E 118 -13.35 -26.29 51.27
N GLU E 119 -12.32 -27.09 51.55
CA GLU E 119 -11.20 -26.61 52.36
C GLU E 119 -10.36 -25.59 51.61
N LEU E 120 -10.22 -25.73 50.29
CA LEU E 120 -9.47 -24.76 49.51
C LEU E 120 -10.21 -23.42 49.45
N ALA E 121 -11.50 -23.45 49.11
CA ALA E 121 -12.28 -22.22 49.06
C ALA E 121 -12.35 -21.55 50.43
N GLU E 122 -12.37 -22.35 51.50
CA GLU E 122 -12.36 -21.80 52.85
C GLU E 122 -11.08 -21.04 53.13
N PHE E 123 -9.94 -21.60 52.74
CA PHE E 123 -8.65 -20.97 52.96
C PHE E 123 -8.60 -19.61 52.29
N VAL E 124 -8.62 -19.60 50.95
CA VAL E 124 -8.44 -18.38 50.18
C VAL E 124 -9.58 -17.39 50.36
N GLY E 125 -10.67 -17.77 51.01
CA GLY E 125 -11.73 -16.83 51.27
C GLY E 125 -12.63 -16.55 50.09
N LYS E 126 -13.05 -17.61 49.39
CA LYS E 126 -14.05 -17.50 48.36
C LYS E 126 -15.12 -18.56 48.60
N GLU E 127 -16.25 -18.37 47.91
CA GLU E 127 -17.42 -19.21 48.18
C GLU E 127 -17.16 -20.68 47.85
N ASP E 128 -16.47 -20.95 46.75
CA ASP E 128 -16.42 -22.32 46.24
C ASP E 128 -15.21 -22.45 45.32
N ALA E 129 -14.76 -23.69 45.12
CA ALA E 129 -13.62 -24.01 44.29
C ALA E 129 -13.90 -25.28 43.48
N PHE E 130 -13.33 -25.34 42.27
CA PHE E 130 -13.45 -26.50 41.39
C PHE E 130 -12.08 -27.11 41.18
N LEU E 131 -11.93 -28.37 41.59
CA LEU E 131 -10.69 -29.10 41.35
C LEU E 131 -10.51 -29.34 39.85
N LEU E 132 -9.35 -28.96 39.32
CA LEU E 132 -9.03 -29.20 37.92
C LEU E 132 -7.95 -30.25 37.79
N ASN E 133 -7.97 -30.96 36.67
CA ASN E 133 -7.00 -32.03 36.45
C ASN E 133 -5.60 -31.48 36.20
N PHE E 134 -5.50 -30.28 35.62
CA PHE E 134 -4.20 -29.67 35.36
C PHE E 134 -4.37 -28.18 35.16
N GLY E 135 -3.30 -27.43 35.45
CA GLY E 135 -3.40 -25.98 35.44
C GLY E 135 -3.52 -25.40 34.05
N TYR E 136 -2.61 -25.76 33.16
CA TYR E 136 -2.61 -25.20 31.79
C TYR E 136 -3.99 -25.39 31.17
N GLN E 137 -4.43 -26.64 31.01
CA GLN E 137 -5.72 -26.91 30.37
C GLN E 137 -6.85 -26.15 31.07
N GLY E 138 -6.79 -26.05 32.39
CA GLY E 138 -7.81 -25.34 33.15
C GLY E 138 -8.01 -23.91 32.69
N ILE E 140 -7.22 -22.46 30.02
CA ILE E 140 -7.71 -22.36 28.64
C ILE E 140 -9.23 -22.39 28.62
N SER E 141 -9.83 -23.31 29.36
CA SER E 141 -11.27 -23.45 29.34
C SER E 141 -12.00 -22.55 30.32
N ILE E 142 -11.28 -21.94 31.29
CA ILE E 142 -11.86 -20.84 32.05
C ILE E 142 -12.06 -19.63 31.14
N ILE E 143 -11.00 -19.20 30.46
CA ILE E 143 -11.12 -18.07 29.53
C ILE E 143 -12.09 -18.42 28.42
N ASP E 144 -12.15 -19.69 28.03
CA ASP E 144 -13.13 -20.10 27.04
C ASP E 144 -14.55 -19.91 27.56
N CYS E 145 -14.76 -20.16 28.85
CA CYS E 145 -16.10 -20.12 29.43
C CYS E 145 -16.56 -18.71 29.79
N LEU E 146 -15.63 -17.85 30.25
CA LEU E 146 -16.03 -16.52 30.70
C LEU E 146 -16.40 -15.62 29.52
N LEU E 147 -15.75 -15.82 28.38
CA LEU E 147 -15.76 -14.84 27.29
C LEU E 147 -16.80 -15.16 26.23
N THR E 148 -17.27 -14.10 25.58
CA THR E 148 -18.11 -14.03 24.40
C THR E 148 -17.40 -13.16 23.36
N PRO E 149 -17.64 -13.38 22.06
CA PRO E 149 -17.10 -12.46 21.05
C PRO E 149 -17.49 -11.00 21.29
N ARG E 150 -18.59 -10.77 22.02
CA ARG E 150 -19.02 -9.40 22.31
C ARG E 150 -18.11 -8.75 23.35
N ASP E 151 -17.52 -9.53 24.25
CA ASP E 151 -16.76 -9.00 25.35
C ASP E 151 -15.33 -8.66 24.90
N VAL E 152 -14.57 -8.03 25.79
CA VAL E 152 -13.25 -7.50 25.46
C VAL E 152 -12.30 -7.73 26.62
N VAL E 153 -11.07 -8.16 26.30
CA VAL E 153 -10.09 -8.57 27.29
C VAL E 153 -8.99 -7.52 27.37
N VAL E 154 -8.47 -7.31 28.58
CA VAL E 154 -7.31 -6.47 28.84
C VAL E 154 -6.36 -7.30 29.68
N TYR E 155 -5.20 -7.64 29.11
CA TYR E 155 -4.28 -8.56 29.77
C TYR E 155 -2.88 -7.99 29.86
N ASP E 156 -2.18 -8.37 30.94
CA ASP E 156 -0.79 -7.99 31.12
C ASP E 156 0.07 -8.58 30.02
N ALA E 157 1.05 -7.79 29.56
CA ALA E 157 1.91 -8.23 28.46
C ALA E 157 2.71 -9.47 28.83
N GLU E 158 3.09 -9.63 30.10
CA GLU E 158 3.87 -10.78 30.55
C GLU E 158 2.99 -11.92 31.04
N ALA E 159 1.81 -12.10 30.46
CA ALA E 159 0.93 -13.18 30.88
C ALA E 159 1.54 -14.54 30.57
N HIS E 160 1.11 -15.55 31.33
CA HIS E 160 1.59 -16.91 31.14
C HIS E 160 1.01 -17.52 29.87
N ALA E 161 1.86 -18.24 29.12
CA ALA E 161 1.47 -18.90 27.87
C ALA E 161 0.08 -19.51 27.92
N CYS E 162 -0.23 -20.24 28.99
CA CYS E 162 -1.56 -20.85 29.12
C CYS E 162 -2.66 -19.80 29.01
N ILE E 163 -2.42 -18.60 29.56
CA ILE E 163 -3.35 -17.49 29.35
C ILE E 163 -3.42 -17.14 27.87
N ILE E 164 -2.26 -16.85 27.26
CA ILE E 164 -2.24 -16.46 25.84
C ILE E 164 -2.95 -17.50 24.99
N ASP E 165 -2.70 -18.79 25.23
CA ASP E 165 -3.35 -19.84 24.46
C ASP E 165 -4.86 -19.79 24.66
N GLY E 166 -5.32 -19.57 25.90
CA GLY E 166 -6.75 -19.42 26.13
C GLY E 166 -7.32 -18.23 25.38
N LEU E 167 -6.57 -17.12 25.33
CA LEU E 167 -7.05 -15.94 24.62
C LEU E 167 -7.15 -16.18 23.12
N ARG E 168 -6.27 -17.01 22.56
CA ARG E 168 -6.31 -17.28 21.13
C ARG E 168 -7.57 -18.02 20.72
N LEU E 169 -8.24 -18.70 21.66
CA LEU E 169 -9.52 -19.32 21.39
C LEU E 169 -10.65 -18.30 21.38
N HIS E 170 -10.47 -17.16 22.03
CA HIS E 170 -11.47 -16.10 22.04
C HIS E 170 -11.47 -15.38 20.71
N LYS E 171 -12.61 -15.37 20.03
CA LYS E 171 -12.75 -14.71 18.74
C LYS E 171 -13.06 -13.22 18.87
N GLY E 172 -13.04 -12.67 20.08
CA GLY E 172 -13.31 -11.27 20.29
C GLY E 172 -12.05 -10.41 20.16
N LYS E 173 -12.19 -9.16 20.60
CA LYS E 173 -11.09 -8.20 20.57
C LYS E 173 -10.33 -8.24 21.89
N ARG E 174 -9.01 -8.22 21.81
CA ARG E 174 -8.15 -8.27 22.99
C ARG E 174 -7.19 -7.08 22.96
N PHE E 175 -7.00 -6.46 24.12
CA PHE E 175 -6.11 -5.32 24.28
C PHE E 175 -5.07 -5.67 25.33
N VAL E 176 -3.80 -5.42 25.03
CA VAL E 176 -2.69 -5.73 25.93
C VAL E 176 -2.19 -4.43 26.56
N TYR E 177 -2.10 -4.41 27.88
CA TYR E 177 -1.50 -3.28 28.58
C TYR E 177 -0.04 -3.60 28.90
N GLY E 178 0.79 -2.57 28.90
CA GLY E 178 2.20 -2.76 29.21
C GLY E 178 2.39 -3.17 30.67
N HIS E 179 3.35 -4.06 30.89
CA HIS E 179 3.57 -4.73 32.17
C HIS E 179 3.49 -3.77 33.35
N ASN E 180 2.55 -4.05 34.27
CA ASN E 180 2.41 -3.38 35.57
C ASN E 180 2.60 -1.87 35.48
N ASP E 181 2.10 -1.30 34.39
CA ASP E 181 2.06 0.18 34.25
C ASP E 181 0.58 0.51 34.30
N ASP E 183 -1.01 3.07 34.16
CA ASP E 183 -1.45 4.12 33.22
C ASP E 183 -1.79 3.47 31.86
N SER E 184 -0.95 2.55 31.39
CA SER E 184 -1.22 1.83 30.13
C SER E 184 -2.55 1.10 30.25
N LEU E 185 -2.85 0.62 31.45
CA LEU E 185 -4.14 -0.09 31.69
C LEU E 185 -5.27 0.92 31.52
N ARG E 186 -5.24 2.02 32.28
CA ARG E 186 -6.31 3.05 32.21
C ARG E 186 -6.59 3.32 30.74
N LEU E 187 -5.55 3.61 29.96
CA LEU E 187 -5.70 3.79 28.52
C LEU E 187 -6.52 2.64 27.93
N GLN E 188 -6.00 1.41 28.00
CA GLN E 188 -6.66 0.29 27.32
C GLN E 188 -8.01 -0.04 27.95
N LEU E 189 -8.23 0.29 29.23
CA LEU E 189 -9.56 0.19 29.80
C LEU E 189 -10.56 1.07 29.08
N GLN E 190 -10.12 2.26 28.67
CA GLN E 190 -11.02 3.20 27.99
C GLN E 190 -11.37 2.71 26.59
N HIS E 191 -10.42 2.12 25.88
CA HIS E 191 -10.73 1.47 24.61
C HIS E 191 -11.71 0.32 24.83
N ALA E 192 -11.43 -0.51 25.84
CA ALA E 192 -12.30 -1.64 26.16
C ALA E 192 -13.73 -1.18 26.42
N THR E 193 -13.90 -0.23 27.35
CA THR E 193 -15.23 0.25 27.68
C THR E 193 -15.92 0.89 26.48
N ASP E 194 -15.15 1.58 25.64
CA ASP E 194 -15.72 2.15 24.41
C ASP E 194 -16.19 1.03 23.48
N LEU E 195 -15.35 0.01 23.28
CA LEU E 195 -15.77 -1.15 22.50
C LEU E 195 -16.88 -1.93 23.19
N ALA E 196 -16.86 -1.99 24.52
CA ALA E 196 -17.85 -2.78 25.24
C ALA E 196 -19.25 -2.21 25.04
N GLU E 197 -19.39 -0.89 25.05
CA GLU E 197 -20.71 -0.28 24.87
C GLU E 197 -21.18 -0.42 23.43
N GLU E 198 -20.28 -0.28 22.46
CA GLU E 198 -20.67 -0.41 21.06
C GLU E 198 -21.05 -1.84 20.73
N GLN E 199 -20.33 -2.82 21.29
CA GLN E 199 -20.61 -4.22 21.03
C GLN E 199 -21.55 -4.85 22.04
N LYS E 200 -22.03 -4.08 23.01
CA LYS E 200 -22.93 -4.56 24.05
C LYS E 200 -22.35 -5.78 24.76
N GLY E 201 -21.16 -5.59 25.34
CA GLY E 201 -20.46 -6.67 26.01
C GLY E 201 -19.81 -6.19 27.30
N GLY E 202 -19.01 -7.08 27.89
CA GLY E 202 -18.34 -6.82 29.14
C GLY E 202 -16.83 -6.80 28.98
N VAL E 203 -16.15 -6.51 30.09
CA VAL E 203 -14.72 -6.32 30.11
C VAL E 203 -14.12 -7.26 31.15
N LEU E 204 -13.05 -7.97 30.76
CA LEU E 204 -12.30 -8.83 31.66
C LEU E 204 -10.83 -8.43 31.63
N VAL E 205 -10.23 -8.36 32.82
CA VAL E 205 -8.82 -8.04 32.98
C VAL E 205 -8.13 -9.24 33.59
N ILE E 206 -7.08 -9.72 32.92
CA ILE E 206 -6.30 -10.86 33.38
C ILE E 206 -4.91 -10.37 33.75
N THR E 207 -4.44 -10.80 34.92
CA THR E 207 -3.07 -10.57 35.35
C THR E 207 -2.68 -11.73 36.25
N GLU E 208 -1.44 -11.70 36.73
CA GLU E 208 -0.95 -12.72 37.63
C GLU E 208 -0.67 -12.12 39.00
N GLY E 209 -0.86 -12.93 40.04
CA GLY E 209 -0.51 -12.48 41.38
C GLY E 209 0.97 -12.24 41.52
N VAL E 210 1.78 -13.21 41.12
CA VAL E 210 3.23 -13.08 41.04
C VAL E 210 3.68 -13.51 39.65
N PHE E 211 4.51 -12.68 39.02
CA PHE E 211 5.06 -13.00 37.70
C PHE E 211 6.34 -13.79 37.88
N GLY E 212 6.42 -14.96 37.25
CA GLY E 212 7.57 -15.84 37.44
C GLY E 212 8.82 -15.38 36.73
N LYS E 214 10.26 -11.97 35.95
CA LYS E 214 11.05 -10.97 36.66
C LYS E 214 10.84 -11.00 38.17
N GLY E 215 9.81 -11.70 38.65
CA GLY E 215 9.60 -11.87 40.07
C GLY E 215 8.72 -10.83 40.72
N ASP E 216 8.38 -9.76 40.02
CA ASP E 216 7.50 -8.75 40.59
C ASP E 216 6.05 -9.16 40.81
N LEU E 217 5.42 -8.53 41.79
CA LEU E 217 4.00 -8.75 42.03
C LEU E 217 2.99 -7.90 41.29
N GLY E 218 1.88 -8.51 40.87
CA GLY E 218 0.85 -7.74 40.19
C GLY E 218 0.33 -6.81 41.27
N LYS E 219 0.18 -5.53 40.92
CA LYS E 219 -0.30 -4.52 41.85
C LYS E 219 -1.83 -4.62 41.94
N LEU E 220 -2.28 -5.63 42.67
CA LEU E 220 -3.71 -5.91 42.76
C LEU E 220 -4.47 -4.77 43.42
N ASP E 221 -3.85 -4.12 44.41
CA ASP E 221 -4.51 -3.01 45.09
C ASP E 221 -4.80 -1.88 44.12
N GLU E 222 -3.79 -1.49 43.32
CA GLU E 222 -4.02 -0.47 42.31
C GLU E 222 -5.03 -0.94 41.28
N ILE E 223 -5.00 -2.23 40.93
CA ILE E 223 -5.95 -2.78 39.96
C ILE E 223 -7.37 -2.55 40.43
N VAL E 224 -7.67 -2.98 41.65
CA VAL E 224 -9.04 -2.89 42.16
C VAL E 224 -9.41 -1.45 42.52
N ALA E 225 -8.41 -0.60 42.75
CA ALA E 225 -8.70 0.83 42.87
C ALA E 225 -9.32 1.36 41.58
N LEU E 226 -8.88 0.86 40.43
CA LEU E 226 -9.46 1.25 39.15
C LEU E 226 -10.85 0.67 38.93
N LYS E 227 -11.25 -0.33 39.71
CA LYS E 227 -12.63 -0.82 39.67
C LYS E 227 -13.63 0.24 40.10
N LYS E 228 -13.17 1.32 40.72
CA LYS E 228 -14.06 2.43 41.04
C LYS E 228 -14.42 3.24 39.78
N ASP E 229 -13.46 3.36 38.86
CA ASP E 229 -13.64 4.18 37.66
C ASP E 229 -14.09 3.38 36.45
N PHE E 230 -14.05 2.05 36.51
CA PHE E 230 -14.44 1.21 35.38
C PHE E 230 -15.36 0.04 35.73
N GLN E 231 -15.27 -0.55 36.93
CA GLN E 231 -16.17 -1.61 37.37
C GLN E 231 -16.13 -2.82 36.44
N PHE E 232 -14.91 -3.31 36.18
CA PHE E 232 -14.69 -4.44 35.30
C PHE E 232 -14.75 -5.74 36.08
N ARG E 233 -14.50 -6.85 35.39
CA ARG E 233 -14.28 -8.15 36.01
C ARG E 233 -12.80 -8.46 36.02
N LEU E 234 -12.37 -9.26 37.00
CA LEU E 234 -10.95 -9.50 37.23
C LEU E 234 -10.67 -10.99 37.40
N LEU E 235 -9.66 -11.47 36.69
CA LEU E 235 -9.14 -12.82 36.81
C LEU E 235 -7.66 -12.74 37.15
N VAL E 236 -7.23 -13.53 38.13
CA VAL E 236 -5.85 -13.52 38.60
C VAL E 236 -5.29 -14.94 38.65
N ASP E 237 -4.05 -15.08 38.19
CA ASP E 237 -3.31 -16.35 38.20
C ASP E 237 -2.29 -16.26 39.32
N ASP E 238 -2.60 -16.86 40.47
CA ASP E 238 -1.75 -16.84 41.65
C ASP E 238 -0.87 -18.08 41.73
N ALA E 239 -0.36 -18.55 40.58
CA ALA E 239 0.43 -19.77 40.55
C ALA E 239 1.65 -19.67 41.46
N HIS E 240 2.44 -18.62 41.31
CA HIS E 240 3.59 -18.39 42.16
C HIS E 240 3.23 -17.69 43.47
N GLY E 241 1.97 -17.32 43.65
CA GLY E 241 1.54 -16.61 44.83
C GLY E 241 1.04 -17.47 45.98
N PHE E 242 0.37 -18.58 45.65
CA PHE E 242 -0.21 -19.43 46.69
C PHE E 242 0.88 -20.04 47.56
N GLY E 243 0.53 -20.24 48.83
CA GLY E 243 1.44 -20.83 49.81
C GLY E 243 2.62 -19.98 50.19
N THR E 244 2.73 -18.77 49.66
CA THR E 244 3.95 -17.98 49.81
C THR E 244 3.69 -16.49 50.02
N GLY E 246 0.69 -13.28 51.33
CA GLY E 246 -0.46 -13.08 52.20
C GLY E 246 -0.26 -13.66 53.59
N GLU E 247 -1.34 -13.60 54.38
CA GLU E 247 -1.31 -14.16 55.72
C GLU E 247 -1.39 -15.68 55.64
N GLY E 248 -0.44 -16.35 56.29
CA GLY E 248 -0.42 -17.80 56.29
C GLY E 248 -0.34 -18.43 54.92
N GLY E 249 0.28 -17.76 53.96
CA GLY E 249 0.40 -18.30 52.61
C GLY E 249 -0.88 -18.28 51.81
N ARG E 250 -1.80 -17.37 52.12
CA ARG E 250 -3.09 -17.38 51.43
C ARG E 250 -2.95 -16.95 49.97
N GLY E 251 -2.11 -15.96 49.69
CA GLY E 251 -1.87 -15.56 48.32
C GLY E 251 -1.63 -14.09 48.11
N THR E 252 -1.41 -13.70 46.84
CA THR E 252 -1.15 -12.30 46.53
C THR E 252 -2.39 -11.44 46.79
N ALA E 253 -3.58 -11.96 46.48
CA ALA E 253 -4.81 -11.24 46.76
C ALA E 253 -4.96 -10.99 48.26
N SER E 254 -4.62 -11.98 49.08
CA SER E 254 -4.65 -11.80 50.53
C SER E 254 -3.56 -10.85 50.99
N HIS E 255 -2.40 -10.86 50.31
CA HIS E 255 -1.31 -9.97 50.68
C HIS E 255 -1.73 -8.50 50.58
N PHE E 256 -2.48 -8.17 49.53
CA PHE E 256 -2.96 -6.81 49.33
C PHE E 256 -4.29 -6.54 50.02
N GLY E 257 -4.90 -7.56 50.62
CA GLY E 257 -6.19 -7.41 51.25
C GLY E 257 -7.31 -7.16 50.27
N VAL E 258 -7.28 -7.83 49.11
CA VAL E 258 -8.25 -7.56 48.05
C VAL E 258 -8.86 -8.88 47.57
N THR E 259 -9.03 -9.84 48.47
CA THR E 259 -9.63 -11.11 48.10
C THR E 259 -11.03 -10.91 47.49
N ASP E 260 -11.78 -9.93 48.00
CA ASP E 260 -13.11 -9.67 47.47
C ASP E 260 -13.05 -9.02 46.10
N GLY E 261 -12.09 -8.12 45.88
CA GLY E 261 -11.95 -7.46 44.59
C GLY E 261 -11.62 -8.40 43.45
N VAL E 262 -10.98 -9.52 43.76
CA VAL E 262 -10.72 -10.57 42.77
C VAL E 262 -12.00 -11.37 42.54
N ASP E 263 -12.49 -11.35 41.30
CA ASP E 263 -13.74 -12.07 41.00
C ASP E 263 -13.50 -13.56 40.84
N VAL E 264 -12.55 -13.95 40.00
CA VAL E 264 -12.19 -15.35 39.79
C VAL E 264 -10.71 -15.52 40.08
N LEU E 265 -10.38 -16.55 40.85
CA LEU E 265 -9.03 -16.78 41.36
C LEU E 265 -8.55 -18.15 40.90
N PHE E 266 -7.51 -18.18 40.08
CA PHE E 266 -6.93 -19.42 39.58
C PHE E 266 -5.61 -19.69 40.29
N ASN E 267 -5.44 -20.92 40.76
CA ASN E 267 -4.18 -21.36 41.33
C ASN E 267 -3.88 -22.76 40.80
N THR E 268 -2.64 -23.19 40.99
CA THR E 268 -2.23 -24.53 40.61
C THR E 268 -1.48 -25.19 41.77
N PHE E 269 -1.40 -26.51 41.70
CA PHE E 269 -0.69 -27.31 42.70
C PHE E 269 0.79 -27.51 42.36
N ALA E 270 1.20 -27.03 41.18
CA ALA E 270 2.58 -27.30 40.71
C ALA E 270 3.61 -26.56 41.54
N LYS E 271 3.24 -25.45 42.16
CA LYS E 271 4.28 -24.66 42.87
C LYS E 271 4.40 -25.09 44.32
N SER E 272 3.89 -24.29 45.25
CA SER E 272 4.06 -24.59 46.69
C SER E 272 3.46 -25.95 47.04
N ALA E 274 3.53 -28.54 45.43
CA ALA E 274 4.40 -29.59 44.90
C ALA E 274 3.57 -30.75 44.36
N GLY E 275 2.53 -30.42 43.62
CA GLY E 275 1.64 -31.44 43.10
C GLY E 275 1.15 -31.13 41.70
N ILE E 276 0.02 -31.73 41.35
CA ILE E 276 -0.50 -31.72 39.99
C ILE E 276 -2.00 -31.48 40.04
N GLY E 277 -2.49 -30.74 39.08
CA GLY E 277 -3.84 -30.23 39.10
C GLY E 277 -3.87 -28.77 39.50
N ALA E 278 -5.08 -28.25 39.58
CA ALA E 278 -5.29 -26.84 39.86
C ALA E 278 -6.71 -26.67 40.40
N PHE E 279 -7.06 -25.44 40.76
CA PHE E 279 -8.39 -25.17 41.26
C PHE E 279 -8.77 -23.73 40.96
N VAL E 280 -10.06 -23.53 40.68
CA VAL E 280 -10.64 -22.22 40.42
C VAL E 280 -11.51 -21.84 41.60
N CYS E 281 -11.34 -20.61 42.09
CA CYS E 281 -12.18 -20.10 43.15
C CYS E 281 -13.06 -18.97 42.62
N GLY E 282 -14.23 -18.82 43.22
CA GLY E 282 -15.20 -17.85 42.78
C GLY E 282 -16.60 -18.18 43.28
N PRO E 283 -17.57 -17.34 42.92
CA PRO E 283 -18.94 -17.55 43.41
C PRO E 283 -19.49 -18.93 43.06
N ARG E 284 -20.33 -19.45 43.94
CA ARG E 284 -20.89 -20.79 43.76
C ARG E 284 -21.62 -20.93 42.43
N TRP E 285 -22.31 -19.88 41.99
CA TRP E 285 -23.00 -19.95 40.70
C TRP E 285 -22.01 -20.12 39.56
N LEU E 286 -20.84 -19.47 39.65
CA LEU E 286 -19.88 -19.49 38.55
C LEU E 286 -19.12 -20.80 38.49
N VAL E 287 -18.50 -21.20 39.60
CA VAL E 287 -17.80 -22.47 39.64
C VAL E 287 -18.71 -23.62 39.23
N ASN E 288 -19.99 -23.53 39.58
CA ASN E 288 -20.93 -24.55 39.13
C ASN E 288 -21.18 -24.44 37.64
N LEU E 289 -21.41 -23.22 37.15
CA LEU E 289 -21.36 -22.98 35.71
C LEU E 289 -20.07 -23.52 35.13
N LEU E 290 -18.96 -23.35 35.85
CA LEU E 290 -17.68 -23.86 35.40
C LEU E 290 -17.53 -25.36 35.62
N ARG E 291 -18.34 -25.96 36.50
CA ARG E 291 -18.30 -27.41 36.69
C ARG E 291 -18.72 -28.13 35.41
N TYR E 292 -19.68 -27.57 34.69
CA TYR E 292 -20.01 -27.98 33.33
C TYR E 292 -19.34 -27.02 32.34
N ASN E 293 -19.51 -27.30 31.06
CA ASN E 293 -19.06 -26.47 29.94
C ASN E 293 -17.55 -26.25 29.91
N ARG E 295 -14.44 -27.64 28.74
CA ARG E 295 -14.06 -28.71 27.82
C ARG E 295 -12.86 -29.50 28.34
N SER E 296 -11.89 -28.82 28.94
CA SER E 296 -10.75 -29.55 29.51
C SER E 296 -11.16 -30.40 30.70
N GLN E 297 -12.16 -29.96 31.46
CA GLN E 297 -12.64 -30.76 32.59
C GLN E 297 -13.66 -31.80 32.14
N LEU E 298 -14.47 -31.46 31.14
CA LEU E 298 -15.53 -32.37 30.71
C LEU E 298 -14.98 -33.55 29.93
N TYR E 299 -14.13 -33.28 28.94
CA TYR E 299 -13.66 -34.31 28.01
C TYR E 299 -12.25 -34.78 28.31
N ALA E 300 -11.94 -34.96 29.60
CA ALA E 300 -10.68 -35.53 30.03
C ALA E 300 -10.87 -36.11 31.43
N LYS E 301 -9.96 -36.99 31.81
CA LYS E 301 -10.08 -37.64 33.10
C LYS E 301 -9.89 -36.64 34.24
N SER E 302 -10.60 -36.90 35.34
CA SER E 302 -10.50 -36.06 36.52
C SER E 302 -9.15 -36.26 37.20
N LEU E 303 -8.89 -35.43 38.21
CA LEU E 303 -7.64 -35.52 38.95
C LEU E 303 -7.55 -36.84 39.70
N PRO E 304 -6.47 -37.62 39.51
CA PRO E 304 -6.34 -38.89 40.22
C PRO E 304 -6.45 -38.76 41.73
N PRO E 306 -5.02 -40.37 44.36
CA PRO E 306 -3.81 -40.22 45.19
C PRO E 306 -3.30 -38.79 45.26
N VAL E 308 -5.33 -36.11 45.03
CA VAL E 308 -6.31 -35.51 45.93
C VAL E 308 -5.93 -35.75 47.37
N GLY E 310 -3.21 -36.70 48.71
CA GLY E 310 -2.02 -35.95 49.02
C GLY E 310 -2.31 -34.47 49.22
N ALA E 311 -3.15 -33.89 48.35
CA ALA E 311 -3.46 -32.47 48.45
C ALA E 311 -4.15 -32.13 49.76
N LEU E 312 -4.98 -33.03 50.30
CA LEU E 312 -5.58 -32.80 51.60
C LEU E 312 -4.52 -32.65 52.67
N LYS E 313 -3.56 -33.59 52.70
CA LYS E 313 -2.48 -33.54 53.68
C LYS E 313 -1.68 -32.25 53.54
N ARG E 314 -1.24 -31.93 52.32
CA ARG E 314 -0.41 -30.75 52.09
C ARG E 314 -1.12 -29.47 52.53
N LEU E 315 -2.40 -29.32 52.19
CA LEU E 315 -3.16 -28.17 52.66
C LEU E 315 -3.21 -28.14 54.18
N GLU E 316 -3.44 -29.29 54.80
CA GLU E 316 -3.47 -29.36 56.26
C GLU E 316 -2.16 -28.86 56.86
N LEU E 317 -1.03 -29.21 56.23
CA LEU E 317 0.26 -28.80 56.76
C LEU E 317 0.44 -27.29 56.68
N ILE E 318 -0.02 -26.66 55.60
CA ILE E 318 0.18 -25.22 55.47
C ILE E 318 -0.77 -24.46 56.40
N ARG E 319 -1.91 -25.05 56.75
CA ARG E 319 -2.75 -24.45 57.77
C ARG E 319 -2.09 -24.58 59.14
N ASN E 320 -1.71 -25.81 59.52
CA ASN E 320 -1.18 -26.07 60.84
C ASN E 320 0.25 -25.57 61.02
N HIS E 321 1.00 -25.37 59.94
CA HIS E 321 2.40 -24.96 60.02
C HIS E 321 2.63 -23.68 59.23
N PRO E 322 2.21 -22.53 59.76
CA PRO E 322 2.63 -21.25 59.14
C PRO E 322 4.12 -20.98 59.26
N GLU E 323 4.87 -21.86 59.94
CA GLU E 323 6.32 -21.70 60.04
C GLU E 323 6.99 -21.93 58.68
N TYR E 324 6.41 -22.78 57.84
CA TYR E 324 7.01 -23.07 56.55
C TYR E 324 7.12 -21.81 55.70
N GLN E 325 6.11 -20.94 55.74
CA GLN E 325 6.19 -19.68 55.02
C GLN E 325 7.22 -18.75 55.64
N GLN E 326 7.26 -18.68 56.98
CA GLN E 326 8.22 -17.82 57.66
C GLN E 326 9.65 -18.25 57.38
N LYS E 327 9.90 -19.56 57.34
CA LYS E 327 11.25 -20.06 57.05
C LYS E 327 11.66 -19.82 55.61
N LEU E 328 10.70 -19.87 54.68
CA LEU E 328 11.01 -19.56 53.30
C LEU E 328 11.47 -18.11 53.14
N TRP E 329 10.65 -17.17 53.64
CA TRP E 329 11.01 -15.76 53.54
C TRP E 329 12.25 -15.42 54.36
N GLU E 330 12.63 -16.28 55.30
CA GLU E 330 13.93 -16.15 55.93
C GLU E 330 15.05 -16.27 54.89
N ILE E 331 14.94 -17.28 54.03
CA ILE E 331 15.96 -17.49 52.99
C ILE E 331 15.84 -16.41 51.92
N VAL E 332 14.63 -15.91 51.67
CA VAL E 332 14.43 -14.88 50.65
C VAL E 332 15.12 -13.59 51.06
N ARG E 333 14.85 -13.10 52.28
CA ARG E 333 15.41 -11.83 52.71
C ARG E 333 16.92 -11.91 52.85
N ALA E 334 17.44 -13.04 53.33
CA ALA E 334 18.89 -13.20 53.43
C ALA E 334 19.54 -13.24 52.06
N LEU E 335 18.99 -14.06 51.15
CA LEU E 335 19.58 -14.19 49.81
C LEU E 335 19.42 -12.91 49.00
N GLN E 336 18.23 -12.30 49.04
CA GLN E 336 18.00 -11.10 48.25
C GLN E 336 18.86 -9.93 48.74
N ASN E 337 18.90 -9.72 50.06
CA ASN E 337 19.70 -8.63 50.60
C ASN E 337 21.20 -8.93 50.46
N GLY E 338 21.60 -10.18 50.70
CA GLY E 338 23.00 -10.53 50.57
C GLY E 338 23.51 -10.37 49.14
N LEU E 339 22.70 -10.75 48.16
CA LEU E 339 23.09 -10.56 46.77
C LEU E 339 23.15 -9.09 46.40
N LYS E 340 22.14 -8.30 46.81
CA LYS E 340 22.12 -6.88 46.48
C LYS E 340 23.28 -6.13 47.10
N GLU E 341 23.74 -6.55 48.27
CA GLU E 341 24.87 -5.88 48.93
C GLU E 341 26.16 -6.10 48.15
N ASN E 342 26.42 -7.35 47.74
CA ASN E 342 27.66 -7.69 47.05
C ASN E 342 27.54 -7.52 45.53
N GLY E 343 27.08 -6.34 45.12
CA GLY E 343 27.19 -5.92 43.73
C GLY E 343 26.42 -6.73 42.72
N PHE E 344 25.40 -7.47 43.14
CA PHE E 344 24.53 -8.17 42.22
C PHE E 344 23.27 -7.35 41.97
N GLU E 345 22.72 -7.47 40.77
CA GLU E 345 21.48 -6.78 40.42
C GLU E 345 20.35 -7.79 40.37
N ILE E 346 19.65 -7.93 41.50
CA ILE E 346 18.38 -8.63 41.52
C ILE E 346 17.33 -7.78 40.81
N GLY E 347 16.41 -8.43 40.12
CA GLY E 347 15.34 -7.73 39.45
C GLY E 347 14.43 -6.95 40.38
N VAL E 348 13.31 -6.44 39.83
CA VAL E 348 12.38 -5.66 40.62
C VAL E 348 11.37 -6.60 41.29
N THR E 349 11.88 -7.53 42.09
CA THR E 349 11.06 -8.59 42.65
C THR E 349 10.58 -8.24 44.06
N ASN E 350 9.28 -8.45 44.31
CA ASN E 350 8.72 -8.40 45.65
C ASN E 350 8.34 -9.79 46.14
N SER E 351 8.95 -10.83 45.54
CA SER E 351 8.57 -12.21 45.80
C SER E 351 9.82 -13.06 45.92
N PRO E 352 9.71 -14.32 46.36
CA PRO E 352 10.90 -15.18 46.46
C PRO E 352 11.67 -15.35 45.16
N VAL E 353 11.06 -15.14 43.99
CA VAL E 353 11.81 -15.26 42.75
C VAL E 353 12.97 -14.28 42.79
N THR E 354 14.20 -14.80 42.70
CA THR E 354 15.42 -13.99 42.75
C THR E 354 16.17 -14.15 41.44
N PRO E 355 15.86 -13.35 40.42
CA PRO E 355 16.64 -13.41 39.18
C PRO E 355 17.84 -12.49 39.21
N VAL E 356 19.03 -13.03 38.92
CA VAL E 356 20.28 -12.29 38.97
C VAL E 356 20.65 -11.86 37.56
N PHE E 357 20.57 -10.56 37.29
CA PHE E 357 20.85 -10.03 35.97
C PHE E 357 22.35 -9.78 35.80
N LYS E 359 25.71 -9.82 32.40
CA LYS E 359 25.98 -9.53 30.99
C LYS E 359 27.00 -10.50 30.43
N GLY E 360 26.83 -10.88 29.18
CA GLY E 360 27.76 -11.76 28.50
C GLY E 360 27.09 -12.54 27.38
N GLY E 361 27.91 -13.22 26.59
CA GLY E 361 27.46 -13.99 25.45
C GLY E 361 27.25 -15.46 25.79
N ILE E 362 26.95 -16.23 24.74
CA ILE E 362 26.51 -17.62 24.93
C ILE E 362 27.69 -18.46 25.37
N PRO E 363 28.83 -18.49 24.64
CA PRO E 363 30.03 -19.15 25.19
C PRO E 363 30.35 -18.74 26.63
N GLU E 364 30.20 -17.47 26.97
CA GLU E 364 30.49 -17.04 28.34
C GLU E 364 29.49 -17.61 29.32
N ALA E 365 28.21 -17.59 28.96
CA ALA E 365 27.17 -18.06 29.89
C ALA E 365 27.28 -19.56 30.14
N THR E 366 27.56 -20.34 29.10
CA THR E 366 27.61 -21.79 29.29
C THR E 366 28.81 -22.18 30.16
N ASN E 367 29.98 -21.61 29.89
CA ASN E 367 31.15 -21.92 30.71
C ASN E 367 30.99 -21.43 32.14
N LEU E 368 30.25 -20.34 32.34
CA LEU E 368 29.99 -19.88 33.70
C LEU E 368 29.19 -20.91 34.48
N ILE E 369 28.23 -21.57 33.82
CA ILE E 369 27.42 -22.58 34.49
C ILE E 369 28.26 -23.81 34.83
N VAL E 370 29.10 -24.25 33.89
CA VAL E 370 29.98 -25.39 34.17
C VAL E 370 30.91 -25.06 35.33
N ASP E 371 31.28 -23.79 35.48
CA ASP E 371 32.09 -23.38 36.63
C ASP E 371 31.30 -23.54 37.92
N LEU E 372 30.05 -23.08 37.92
CA LEU E 372 29.23 -23.24 39.12
C LEU E 372 28.99 -24.71 39.41
N ARG E 373 28.93 -25.54 38.36
CA ARG E 373 28.57 -26.95 38.52
C ARG E 373 29.78 -27.80 38.86
N GLU E 374 30.78 -27.84 37.97
CA GLU E 374 31.89 -28.76 38.15
C GLU E 374 32.82 -28.31 39.26
N ASN E 375 32.93 -27.01 39.51
CA ASN E 375 33.87 -26.48 40.49
C ASN E 375 33.24 -26.22 41.85
N HIS E 376 32.12 -25.50 41.88
CA HIS E 376 31.49 -25.11 43.13
C HIS E 376 30.20 -25.87 43.43
N GLY E 377 29.76 -26.73 42.53
CA GLY E 377 28.54 -27.50 42.75
C GLY E 377 27.32 -26.65 43.03
N ILE E 378 26.96 -25.77 42.11
CA ILE E 378 25.73 -24.96 42.20
C ILE E 378 24.96 -25.12 40.90
N PHE E 379 23.68 -25.49 41.01
CA PHE E 379 22.82 -25.75 39.86
C PHE E 379 21.76 -24.68 39.79
N CYS E 380 21.78 -23.92 38.69
CA CYS E 380 20.71 -23.00 38.36
C CYS E 380 20.46 -23.11 36.86
N SER E 381 19.29 -22.65 36.44
CA SER E 381 19.03 -22.47 35.03
C SER E 381 19.48 -21.07 34.60
N ILE E 382 19.86 -20.94 33.33
CA ILE E 382 20.36 -19.69 32.79
C ILE E 382 19.49 -19.31 31.60
N VAL E 383 18.97 -18.08 31.62
CA VAL E 383 18.11 -17.58 30.56
C VAL E 383 19.00 -16.89 29.53
N ILE E 384 19.17 -17.52 28.37
CA ILE E 384 20.10 -17.05 27.35
C ILE E 384 19.35 -16.45 26.17
N TYR E 385 20.07 -16.24 25.05
CA TYR E 385 19.61 -15.44 23.92
C TYR E 385 18.20 -15.80 23.41
N PRO E 386 17.91 -17.07 23.03
CA PRO E 386 16.66 -17.35 22.32
C PRO E 386 15.40 -16.70 22.91
N VAL E 387 15.43 -16.43 24.22
CA VAL E 387 14.32 -15.77 24.88
C VAL E 387 14.65 -14.34 25.30
N ILE E 388 15.91 -14.03 25.60
CA ILE E 388 16.32 -12.73 26.10
C ILE E 388 17.40 -12.16 25.17
N PRO E 389 17.33 -10.89 24.77
CA PRO E 389 18.28 -10.36 23.78
C PRO E 389 19.73 -10.73 24.09
N LYS E 390 20.53 -10.87 23.03
CA LYS E 390 21.90 -11.37 23.19
C LYS E 390 22.73 -10.37 23.98
N GLY E 391 23.52 -10.88 24.93
CA GLY E 391 24.31 -10.06 25.82
C GLY E 391 23.84 -10.05 27.26
N GLU E 392 22.61 -10.48 27.53
CA GLU E 392 22.15 -10.56 28.90
C GLU E 392 22.18 -12.01 29.36
N ILE E 393 22.45 -12.20 30.66
CA ILE E 393 22.45 -13.50 31.30
C ILE E 393 21.64 -13.37 32.59
N ILE E 394 20.55 -14.12 32.68
CA ILE E 394 19.72 -14.16 33.88
C ILE E 394 19.94 -15.51 34.56
N LEU E 395 20.40 -15.48 35.80
CA LEU E 395 20.52 -16.68 36.61
C LEU E 395 19.25 -16.84 37.43
N ARG E 396 18.57 -17.98 37.26
CA ARG E 396 17.30 -18.23 37.94
C ARG E 396 17.58 -18.90 39.28
N VAL E 397 17.39 -18.15 40.36
CA VAL E 397 17.59 -18.65 41.72
C VAL E 397 16.24 -18.66 42.42
N ILE E 398 15.79 -19.85 42.80
CA ILE E 398 14.49 -20.01 43.44
C ILE E 398 14.70 -20.54 44.85
N PRO E 399 14.48 -19.72 45.88
CA PRO E 399 14.71 -20.16 47.25
C PRO E 399 13.53 -20.97 47.78
N THR E 400 13.85 -21.94 48.63
CA THR E 400 12.86 -22.82 49.22
C THR E 400 13.00 -22.80 50.74
N ALA E 401 11.90 -23.15 51.42
CA ALA E 401 11.92 -23.28 52.86
C ALA E 401 12.74 -24.47 53.35
N ALA E 402 13.17 -25.35 52.44
CA ALA E 402 14.06 -26.44 52.79
C ALA E 402 15.53 -26.04 52.72
N HIS E 403 15.83 -24.85 52.20
CA HIS E 403 17.21 -24.38 52.11
C HIS E 403 17.69 -23.86 53.46
N THR E 404 18.97 -24.09 53.73
CA THR E 404 19.61 -23.64 54.96
C THR E 404 20.29 -22.29 54.73
N LEU E 405 20.74 -21.68 55.83
CA LEU E 405 21.55 -20.47 55.72
C LEU E 405 22.92 -20.78 55.14
N ASP E 406 23.49 -21.94 55.50
CA ASP E 406 24.71 -22.40 54.86
C ASP E 406 24.54 -22.50 53.35
N ASP E 407 23.35 -22.92 52.90
CA ASP E 407 23.07 -22.99 51.47
C ASP E 407 23.11 -21.60 50.84
N VAL E 408 22.63 -20.59 51.56
CA VAL E 408 22.64 -19.22 51.04
C VAL E 408 24.08 -18.73 50.88
N ASN E 409 24.90 -18.91 51.93
CA ASN E 409 26.24 -18.33 51.94
C ASN E 409 27.14 -18.98 50.90
N TYR E 410 27.12 -20.32 50.82
CA TYR E 410 27.85 -21.02 49.77
C TYR E 410 27.51 -20.46 48.39
N THR E 411 26.22 -20.18 48.15
CA THR E 411 25.78 -19.77 46.82
C THR E 411 26.29 -18.39 46.46
N ILE E 412 26.11 -17.40 47.36
CA ILE E 412 26.56 -16.05 47.05
C ILE E 412 28.07 -15.99 46.93
N ALA E 413 28.78 -16.85 47.67
CA ALA E 413 30.23 -16.92 47.55
C ALA E 413 30.64 -17.46 46.18
N ALA E 414 30.05 -18.58 45.77
CA ALA E 414 30.35 -19.14 44.46
C ALA E 414 29.97 -18.17 43.34
N PHE E 415 28.84 -17.48 43.48
CA PHE E 415 28.44 -16.50 42.49
C PHE E 415 29.42 -15.33 42.45
N LYS E 416 30.02 -14.98 43.59
CA LYS E 416 31.00 -13.90 43.62
C LYS E 416 32.25 -14.28 42.84
N SER E 417 32.70 -15.53 42.97
CA SER E 417 33.88 -15.97 42.23
C SER E 417 33.61 -16.04 40.74
N VAL E 418 32.45 -16.57 40.35
CA VAL E 418 32.14 -16.74 38.94
C VAL E 418 32.04 -15.39 38.24
N ARG E 419 31.47 -14.39 38.92
CA ARG E 419 31.32 -13.06 38.33
C ARG E 419 32.67 -12.40 38.09
N ASP E 420 33.63 -12.58 39.00
CA ASP E 420 34.99 -12.12 38.76
C ASP E 420 35.51 -12.68 37.44
N LYS E 421 35.34 -13.98 37.24
CA LYS E 421 35.77 -14.62 36.00
C LYS E 421 35.06 -14.04 34.78
N LEU E 422 33.75 -13.79 34.92
CA LEU E 422 32.98 -13.25 33.81
C LEU E 422 33.42 -11.83 33.47
N GLU E 423 33.55 -10.97 34.48
CA GLU E 423 33.99 -9.59 34.25
C GLU E 423 35.42 -9.51 33.75
N GLY E 424 36.24 -10.52 34.03
CA GLY E 424 37.64 -10.52 33.59
C GLY E 424 37.86 -11.25 32.28
N GLY E 425 36.78 -11.50 31.54
CA GLY E 425 36.87 -12.07 30.22
C GLY E 425 37.40 -13.49 30.16
N ILE E 426 37.50 -14.17 31.31
CA ILE E 426 38.10 -15.49 31.31
C ILE E 426 37.20 -16.50 30.61
N TYR E 427 35.88 -16.31 30.68
CA TYR E 427 34.97 -17.24 30.02
C TYR E 427 34.90 -17.02 28.51
N ALA E 428 35.13 -15.78 28.05
CA ALA E 428 35.09 -15.51 26.61
C ALA E 428 36.19 -16.25 25.85
N GLN E 429 37.27 -16.64 26.54
CA GLN E 429 38.29 -17.49 25.94
C GLN E 429 37.70 -18.83 25.52
N PRO E 431 35.33 -22.04 24.52
CA PRO E 431 34.17 -22.20 23.65
C PRO E 431 33.01 -22.86 24.38
N ILE E 432 31.88 -22.93 23.70
CA ILE E 432 30.70 -23.62 24.24
C ILE E 432 31.08 -25.08 24.49
N PRO E 433 31.11 -25.53 25.74
CA PRO E 433 31.47 -26.93 26.01
C PRO E 433 30.43 -27.87 25.45
N VAL E 434 30.86 -29.11 25.21
CA VAL E 434 29.99 -30.11 24.62
C VAL E 434 28.81 -30.37 25.55
N ARG E 435 29.07 -31.02 26.69
CA ARG E 435 28.10 -31.15 27.79
C ARG E 435 26.74 -31.66 27.31
N ALA E 436 26.74 -32.43 26.24
CA ALA E 436 25.51 -33.01 25.71
C ALA E 436 25.34 -34.43 26.23
N ASP E 437 24.14 -34.96 26.04
CA ASP E 437 23.86 -36.35 26.39
C ASP E 437 24.31 -37.23 25.23
N GLU E 438 25.37 -38.02 25.46
CA GLU E 438 25.85 -38.94 24.44
C GLU E 438 24.74 -39.90 24.06
N GLY E 439 24.45 -39.98 22.76
CA GLY E 439 23.39 -40.81 22.23
C GLY E 439 22.21 -40.03 21.69
N PHE E 440 21.94 -38.85 22.24
CA PHE E 440 20.88 -38.01 21.70
C PHE E 440 21.17 -37.65 20.26
N LYS E 441 20.14 -37.70 19.42
CA LYS E 441 20.26 -37.34 18.02
C LYS E 441 19.27 -36.23 17.69
N VAL E 442 19.71 -35.28 16.87
CA VAL E 442 18.81 -34.24 16.39
C VAL E 442 17.90 -34.77 15.29
N ARG E 443 18.31 -35.83 14.59
CA ARG E 443 17.51 -36.39 13.51
C ARG E 443 17.26 -37.87 13.73
N VAL F 22 -2.04 -26.24 -76.24
CA VAL F 22 -3.06 -25.20 -76.35
C VAL F 22 -2.36 -23.92 -76.81
N ASP F 23 -2.69 -23.47 -78.01
CA ASP F 23 -2.06 -22.28 -78.58
C ASP F 23 -2.42 -21.05 -77.74
N ILE F 24 -1.49 -20.10 -77.62
CA ILE F 24 -1.71 -18.92 -76.77
C ILE F 24 -3.05 -18.30 -77.12
N PHE F 25 -3.17 -17.80 -78.35
CA PHE F 25 -4.42 -17.20 -78.83
C PHE F 25 -5.62 -18.07 -78.47
N ALA F 26 -5.48 -19.39 -78.59
CA ALA F 26 -6.63 -20.28 -78.33
C ALA F 26 -7.04 -20.23 -76.86
N ARG F 27 -6.06 -20.26 -75.96
CA ARG F 27 -6.36 -20.27 -74.53
C ARG F 27 -7.06 -18.95 -74.24
N LEU F 28 -6.56 -17.86 -74.82
CA LEU F 28 -7.17 -16.54 -74.59
C LEU F 28 -8.55 -16.15 -75.29
N GLU F 29 -8.64 -16.71 -76.50
CA GLU F 29 -9.81 -16.47 -77.35
C GLU F 29 -11.23 -16.50 -76.79
N LYS F 30 -11.68 -17.66 -76.32
CA LYS F 30 -12.99 -17.78 -75.71
C LYS F 30 -12.95 -18.28 -74.27
N ASN F 31 -11.97 -19.09 -73.90
CA ASN F 31 -11.93 -19.63 -72.54
C ASN F 31 -11.68 -18.53 -71.53
N ALA F 32 -10.79 -17.59 -71.85
CA ALA F 32 -10.61 -16.40 -71.03
C ALA F 32 -11.48 -15.23 -71.49
N GLY F 33 -12.17 -15.38 -72.62
CA GLY F 33 -13.01 -14.31 -73.12
C GLY F 33 -14.46 -14.37 -72.71
N GLY F 34 -14.85 -15.36 -71.90
CA GLY F 34 -16.23 -15.56 -71.51
C GLY F 34 -16.64 -14.75 -70.28
N PRO F 35 -16.23 -15.23 -69.09
CA PRO F 35 -16.47 -14.45 -67.88
C PRO F 35 -16.09 -12.97 -67.99
N ILE F 36 -14.90 -12.68 -68.50
CA ILE F 36 -14.50 -11.28 -68.66
C ILE F 36 -15.40 -10.59 -69.70
N GLY F 37 -15.65 -11.26 -70.82
CA GLY F 37 -16.49 -10.68 -71.85
C GLY F 37 -17.93 -10.45 -71.44
N GLN F 38 -18.43 -11.26 -70.50
CA GLN F 38 -19.78 -11.06 -70.00
C GLN F 38 -19.91 -9.70 -69.33
N TYR F 39 -18.93 -9.36 -68.46
CA TYR F 39 -18.92 -8.04 -67.85
C TYR F 39 -18.80 -6.95 -68.91
N SER F 41 -19.81 -6.95 -72.01
CA SER F 41 -20.91 -6.80 -72.94
C SER F 41 -21.93 -5.80 -72.44
N TYR F 42 -22.12 -5.71 -71.12
CA TYR F 42 -23.09 -4.78 -70.56
C TYR F 42 -22.46 -3.58 -69.87
N ALA F 43 -21.14 -3.54 -69.71
CA ALA F 43 -20.51 -2.48 -68.93
C ALA F 43 -19.83 -1.41 -69.77
N HIS F 44 -19.25 -1.77 -70.92
CA HIS F 44 -18.40 -0.85 -71.67
C HIS F 44 -19.13 0.44 -72.01
N GLY F 45 -18.62 1.55 -71.49
CA GLY F 45 -19.21 2.86 -71.67
C GLY F 45 -20.00 3.36 -70.47
N TYR F 46 -20.44 2.47 -69.58
CA TYR F 46 -21.23 2.87 -68.42
C TYR F 46 -20.52 2.49 -67.13
N PHE F 47 -20.35 1.21 -66.83
CA PHE F 47 -19.68 0.78 -65.62
C PHE F 47 -18.18 0.61 -65.82
N ALA F 48 -17.77 0.31 -67.05
CA ALA F 48 -16.36 0.25 -67.42
C ALA F 48 -16.11 1.17 -68.59
N PHE F 49 -15.01 1.92 -68.52
CA PHE F 49 -14.60 2.90 -69.53
C PHE F 49 -15.67 3.94 -69.81
N PRO F 50 -16.14 4.69 -68.80
CA PRO F 50 -17.11 5.75 -69.08
C PRO F 50 -16.43 6.91 -69.79
N LYS F 51 -17.22 7.63 -70.57
CA LYS F 51 -16.73 8.77 -71.36
C LYS F 51 -17.28 10.05 -70.73
N LEU F 52 -16.53 10.60 -69.78
CA LEU F 52 -16.89 11.84 -69.14
C LEU F 52 -16.40 13.01 -69.99
N GLU F 53 -17.28 13.99 -70.23
CA GLU F 53 -17.03 15.06 -71.19
C GLU F 53 -17.04 16.41 -70.51
N GLY F 54 -16.19 17.32 -71.00
CA GLY F 54 -16.14 18.70 -70.56
C GLY F 54 -14.81 19.05 -69.93
N GLU F 55 -14.78 20.23 -69.33
CA GLU F 55 -13.63 20.64 -68.51
C GLU F 55 -13.60 19.83 -67.23
N ILE F 56 -12.39 19.59 -66.71
CA ILE F 56 -12.25 18.70 -65.56
C ILE F 56 -12.77 19.41 -64.31
N GLY F 57 -13.73 18.78 -63.63
CA GLY F 57 -14.31 19.33 -62.43
C GLY F 57 -15.43 18.46 -61.90
N PRO F 58 -15.94 18.80 -60.71
CA PRO F 58 -17.09 18.08 -60.16
C PRO F 58 -18.29 18.00 -61.10
N HIS F 59 -18.53 19.02 -61.92
CA HIS F 59 -19.75 19.10 -62.73
C HIS F 59 -19.38 18.88 -64.19
N VAL F 61 -20.32 16.23 -67.97
CA VAL F 61 -21.44 15.62 -68.71
C VAL F 61 -21.14 14.14 -68.96
N PHE F 62 -22.15 13.31 -68.74
CA PHE F 62 -22.08 11.89 -69.07
C PHE F 62 -23.32 11.51 -69.87
N ARG F 63 -23.10 11.05 -71.12
CA ARG F 63 -24.16 10.56 -71.99
C ARG F 63 -25.30 11.55 -72.12
N GLY F 64 -24.94 12.81 -72.38
CA GLY F 64 -25.90 13.86 -72.68
C GLY F 64 -26.43 14.63 -71.49
N LYS F 65 -26.14 14.20 -70.27
CA LYS F 65 -26.68 14.81 -69.06
C LYS F 65 -25.53 15.36 -68.23
N LYS F 66 -25.65 16.61 -67.78
CA LYS F 66 -24.69 17.19 -66.85
C LYS F 66 -24.83 16.52 -65.49
N LEU F 68 -22.92 15.27 -61.41
CA LEU F 68 -22.05 15.56 -60.28
C LEU F 68 -21.12 14.37 -60.10
N ASN F 69 -19.82 14.61 -60.32
CA ASN F 69 -18.82 13.54 -60.24
C ASN F 69 -18.22 13.48 -58.84
N TRP F 70 -17.97 12.26 -58.40
CA TRP F 70 -17.13 11.97 -57.24
C TRP F 70 -16.11 10.91 -57.62
N SER F 71 -15.67 10.96 -58.88
CA SER F 71 -14.82 9.92 -59.45
C SER F 71 -13.41 10.38 -59.76
N LEU F 72 -13.14 11.69 -59.74
CA LEU F 72 -11.84 12.20 -60.16
C LEU F 72 -10.81 12.04 -59.05
N ASN F 73 -9.60 11.60 -59.43
CA ASN F 73 -8.51 11.48 -58.47
C ASN F 73 -7.96 12.82 -58.03
N ASN F 74 -8.40 13.92 -58.65
CA ASN F 74 -7.97 15.24 -58.24
C ASN F 74 -8.56 15.55 -56.87
N TYR F 75 -7.71 15.97 -55.94
CA TYR F 75 -8.14 16.32 -54.60
C TYR F 75 -8.13 17.82 -54.34
N LEU F 76 -7.22 18.57 -54.97
CA LEU F 76 -7.01 19.97 -54.67
C LEU F 76 -7.60 20.89 -55.72
N GLY F 77 -8.30 20.34 -56.72
CA GLY F 77 -8.94 21.14 -57.74
C GLY F 77 -8.01 21.77 -58.75
N LEU F 78 -6.77 21.30 -58.84
CA LEU F 78 -5.76 22.01 -59.64
C LEU F 78 -5.93 21.80 -61.14
N ALA F 79 -6.74 20.81 -61.55
CA ALA F 79 -6.74 20.43 -62.96
C ALA F 79 -7.26 21.55 -63.84
N ASN F 80 -8.40 22.14 -63.49
CA ASN F 80 -8.96 23.25 -64.25
C ASN F 80 -8.68 24.61 -63.60
N HIS F 81 -7.72 24.68 -62.70
CA HIS F 81 -7.28 25.95 -62.16
C HIS F 81 -6.78 26.84 -63.29
N PRO F 82 -7.29 28.06 -63.43
CA PRO F 82 -6.83 28.93 -64.54
C PRO F 82 -5.32 29.12 -64.61
N GLU F 83 -4.65 29.29 -63.47
CA GLU F 83 -3.19 29.42 -63.49
C GLU F 83 -2.53 28.15 -63.99
N VAL F 84 -3.10 26.99 -63.64
CA VAL F 84 -2.60 25.72 -64.16
C VAL F 84 -2.79 25.66 -65.67
N ARG F 85 -3.99 25.97 -66.14
CA ARG F 85 -4.27 25.92 -67.57
C ARG F 85 -3.40 26.89 -68.35
N LYS F 86 -3.04 28.03 -67.75
CA LYS F 86 -2.19 29.00 -68.43
C LYS F 86 -0.78 28.44 -68.60
N ALA F 87 -0.14 28.03 -67.50
CA ALA F 87 1.19 27.42 -67.59
C ALA F 87 1.18 26.16 -68.44
N ASP F 88 0.03 25.49 -68.51
CA ASP F 88 -0.14 24.29 -69.33
C ASP F 88 -0.09 24.65 -70.82
N ALA F 89 -0.89 25.64 -71.23
CA ALA F 89 -0.87 26.10 -72.61
C ALA F 89 0.40 26.86 -72.93
N GLU F 90 0.99 27.54 -71.95
CA GLU F 90 2.25 28.23 -72.17
C GLU F 90 3.36 27.25 -72.51
N GLY F 91 3.51 26.21 -71.68
CA GLY F 91 4.60 25.26 -71.88
C GLY F 91 4.50 24.52 -73.20
N ALA F 92 3.28 24.12 -73.59
CA ALA F 92 3.09 23.46 -74.87
C ALA F 92 3.39 24.39 -76.03
N ALA F 93 3.09 25.69 -75.87
CA ALA F 93 3.42 26.64 -76.93
C ALA F 93 4.92 26.80 -77.08
N LYS F 94 5.65 26.85 -75.96
CA LYS F 94 7.08 27.15 -76.05
C LYS F 94 7.86 25.95 -76.57
N PHE F 95 7.62 24.77 -76.01
CA PHE F 95 8.37 23.57 -76.39
C PHE F 95 7.58 22.57 -77.22
N GLY F 96 6.29 22.40 -76.95
CA GLY F 96 5.51 21.37 -77.59
C GLY F 96 5.62 20.03 -76.89
N ALA F 98 6.76 17.52 -78.19
CA ALA F 98 7.97 16.83 -78.70
C ALA F 98 8.75 16.30 -77.49
N ALA F 99 8.69 17.01 -76.36
CA ALA F 99 9.32 16.56 -75.08
C ALA F 99 10.84 16.71 -75.20
N PRO F 100 11.67 16.37 -74.18
CA PRO F 100 13.11 16.35 -74.40
C PRO F 100 13.20 15.24 -75.44
N GLY F 102 14.40 12.34 -76.60
CA GLY F 102 15.30 11.28 -76.22
C GLY F 102 15.07 10.88 -74.77
N ALA F 103 15.98 10.06 -74.28
CA ALA F 103 15.94 9.57 -72.91
C ALA F 103 16.65 10.52 -71.97
N ARG F 104 16.38 10.35 -70.67
CA ARG F 104 17.03 11.17 -69.66
C ARG F 104 18.56 11.06 -69.75
N SER F 107 19.95 13.25 -73.60
CA SER F 107 19.78 14.68 -73.38
C SER F 107 18.44 15.09 -72.78
N GLY F 108 17.81 14.19 -72.04
CA GLY F 108 16.55 14.51 -71.37
C GLY F 108 16.69 15.42 -70.17
N GLN F 109 17.91 15.81 -69.81
CA GLN F 109 18.15 16.67 -68.66
C GLN F 109 18.14 18.14 -69.09
N THR F 110 17.39 18.96 -68.36
CA THR F 110 17.35 20.40 -68.60
C THR F 110 17.41 21.12 -67.25
N VAL F 111 17.48 22.45 -67.31
CA VAL F 111 17.51 23.25 -66.09
C VAL F 111 16.13 23.29 -65.44
N TYR F 112 15.06 23.20 -66.24
CA TYR F 112 13.71 23.24 -65.69
C TYR F 112 13.35 21.91 -65.03
N HIS F 113 13.75 20.78 -65.62
CA HIS F 113 13.69 19.50 -64.92
C HIS F 113 14.41 19.58 -63.58
N GLU F 114 15.50 20.35 -63.54
CA GLU F 114 16.35 20.45 -62.37
C GLU F 114 15.73 21.35 -61.30
N GLN F 115 15.06 22.42 -61.71
CA GLN F 115 14.38 23.28 -60.75
C GLN F 115 13.22 22.55 -60.08
N LEU F 116 12.43 21.81 -60.86
CA LEU F 116 11.31 21.05 -60.29
C LEU F 116 11.78 20.11 -59.21
N GLU F 117 12.88 19.38 -59.45
CA GLU F 117 13.34 18.40 -58.49
C GLU F 117 13.80 19.06 -57.19
N ARG F 118 14.48 20.20 -57.29
CA ARG F 118 14.95 20.89 -56.08
C ARG F 118 13.77 21.39 -55.24
N GLU F 119 12.74 21.93 -55.89
CA GLU F 119 11.58 22.42 -55.16
C GLU F 119 10.77 21.26 -54.58
N LEU F 120 10.68 20.15 -55.29
CA LEU F 120 9.94 18.99 -54.79
C LEU F 120 10.65 18.38 -53.59
N ALA F 121 11.97 18.17 -53.69
CA ALA F 121 12.72 17.61 -52.57
C ALA F 121 12.68 18.52 -51.36
N GLU F 122 12.80 19.83 -51.58
CA GLU F 122 12.74 20.78 -50.47
C GLU F 122 11.38 20.74 -49.78
N PHE F 123 10.32 20.62 -50.56
CA PHE F 123 8.97 20.56 -50.00
C PHE F 123 8.82 19.38 -49.05
N VAL F 124 8.90 18.16 -49.59
CA VAL F 124 8.70 16.96 -48.78
C VAL F 124 9.79 16.76 -47.74
N GLY F 125 10.88 17.54 -47.80
CA GLY F 125 11.90 17.46 -46.78
C GLY F 125 12.85 16.29 -46.92
N LYS F 126 13.40 16.12 -48.12
CA LYS F 126 14.45 15.14 -48.34
C LYS F 126 15.54 15.79 -49.19
N GLU F 127 16.68 15.12 -49.27
CA GLU F 127 17.84 15.70 -49.94
C GLU F 127 17.57 15.98 -51.40
N ASP F 128 17.05 14.99 -52.13
CA ASP F 128 17.01 15.04 -53.58
C ASP F 128 15.74 14.38 -54.09
N ALA F 129 15.43 14.66 -55.36
CA ALA F 129 14.30 14.04 -56.03
C ALA F 129 14.65 13.83 -57.50
N PHE F 130 14.15 12.74 -58.06
CA PHE F 130 14.35 12.41 -59.47
C PHE F 130 13.00 12.40 -60.17
N LEU F 131 12.86 13.22 -61.19
CA LEU F 131 11.63 13.22 -61.99
C LEU F 131 11.54 11.93 -62.79
N LEU F 132 10.35 11.32 -62.77
CA LEU F 132 10.11 10.09 -63.52
C LEU F 132 9.05 10.33 -64.59
N ASN F 133 9.18 9.59 -65.69
CA ASN F 133 8.25 9.78 -66.79
C ASN F 133 6.85 9.28 -66.44
N PHE F 134 6.75 8.28 -65.56
CA PHE F 134 5.46 7.75 -65.16
C PHE F 134 5.59 6.97 -63.86
N GLY F 135 4.52 6.98 -63.07
CA GLY F 135 4.57 6.35 -61.76
C GLY F 135 4.73 4.85 -61.82
N TYR F 136 3.92 4.17 -62.65
CA TYR F 136 3.97 2.71 -62.71
C TYR F 136 5.36 2.22 -63.13
N GLN F 137 5.88 2.68 -64.27
CA GLN F 137 7.25 2.27 -64.70
C GLN F 137 8.26 2.51 -63.58
N GLY F 138 8.19 3.67 -62.91
CA GLY F 138 9.06 4.02 -61.82
C GLY F 138 9.15 2.90 -60.82
N ILE F 140 8.43 -0.04 -60.63
CA ILE F 140 9.05 -1.29 -61.12
C ILE F 140 10.56 -1.16 -61.01
N SER F 141 11.13 -0.06 -61.52
CA SER F 141 12.57 0.10 -61.58
C SER F 141 13.20 0.64 -60.30
N ILE F 142 12.43 1.30 -59.43
CA ILE F 142 12.95 1.49 -58.08
C ILE F 142 13.17 0.13 -57.44
N ILE F 143 12.09 -0.60 -57.14
CA ILE F 143 12.17 -1.96 -56.56
C ILE F 143 13.25 -2.79 -57.24
N ASP F 144 13.39 -2.64 -58.55
CA ASP F 144 14.44 -3.36 -59.27
C ASP F 144 15.83 -2.93 -58.80
N CYS F 145 16.04 -1.62 -58.66
CA CYS F 145 17.37 -1.09 -58.34
C CYS F 145 17.77 -1.30 -56.89
N LEU F 146 16.80 -1.29 -55.96
CA LEU F 146 17.14 -1.44 -54.54
C LEU F 146 17.56 -2.85 -54.19
N LEU F 147 16.91 -3.84 -54.78
CA LEU F 147 16.95 -5.19 -54.25
C LEU F 147 18.03 -6.04 -54.92
N THR F 148 18.48 -7.04 -54.19
CA THR F 148 19.39 -8.08 -54.60
C THR F 148 18.77 -9.42 -54.21
N PRO F 149 19.04 -10.50 -54.96
CA PRO F 149 18.51 -11.81 -54.56
C PRO F 149 18.81 -12.20 -53.12
N ARG F 150 19.85 -11.61 -52.52
CA ARG F 150 20.18 -11.90 -51.14
C ARG F 150 19.28 -11.16 -50.16
N ASP F 151 18.70 -10.04 -50.56
CA ASP F 151 17.86 -9.25 -49.67
C ASP F 151 16.45 -9.86 -49.58
N VAL F 152 15.65 -9.32 -48.65
CA VAL F 152 14.32 -9.83 -48.38
C VAL F 152 13.35 -8.66 -48.24
N VAL F 153 12.12 -8.85 -48.73
CA VAL F 153 11.10 -7.81 -48.75
C VAL F 153 9.96 -8.20 -47.82
N VAL F 154 9.37 -7.19 -47.17
CA VAL F 154 8.17 -7.35 -46.36
C VAL F 154 7.18 -6.29 -46.83
N TYR F 155 6.09 -6.72 -47.45
CA TYR F 155 5.17 -5.77 -48.09
C TYR F 155 3.74 -5.96 -47.61
N ASP F 156 3.03 -4.84 -47.55
CA ASP F 156 1.61 -4.84 -47.18
C ASP F 156 0.79 -5.59 -48.23
N ALA F 157 -0.16 -6.39 -47.76
CA ALA F 157 -0.94 -7.22 -48.66
C ALA F 157 -1.75 -6.40 -49.65
N GLU F 158 -2.16 -5.19 -49.27
CA GLU F 158 -2.95 -4.31 -50.13
C GLU F 158 -2.08 -3.42 -51.00
N ALA F 159 -0.90 -3.87 -51.37
CA ALA F 159 0.02 -3.03 -52.12
C ALA F 159 -0.52 -2.74 -53.52
N HIS F 160 -0.11 -1.60 -54.08
CA HIS F 160 -0.48 -1.22 -55.43
C HIS F 160 0.14 -2.19 -56.43
N ALA F 161 -0.63 -2.56 -57.46
CA ALA F 161 -0.19 -3.52 -58.47
C ALA F 161 1.22 -3.23 -58.97
N CYS F 162 1.53 -1.94 -59.20
CA CYS F 162 2.87 -1.57 -59.65
C CYS F 162 3.95 -2.06 -58.69
N ILE F 163 3.65 -2.05 -57.39
CA ILE F 163 4.56 -2.62 -56.41
C ILE F 163 4.67 -4.12 -56.60
N ILE F 164 3.53 -4.81 -56.78
CA ILE F 164 3.57 -6.25 -57.00
C ILE F 164 4.34 -6.56 -58.28
N ASP F 165 4.08 -5.81 -59.35
CA ASP F 165 4.79 -6.05 -60.61
C ASP F 165 6.28 -5.83 -60.44
N GLY F 166 6.67 -4.81 -59.67
CA GLY F 166 8.08 -4.62 -59.38
C GLY F 166 8.65 -5.75 -58.54
N LEU F 167 7.86 -6.27 -57.60
CA LEU F 167 8.33 -7.35 -56.75
C LEU F 167 8.49 -8.66 -57.50
N ARG F 168 7.76 -8.84 -58.61
CA ARG F 168 7.92 -10.04 -59.43
C ARG F 168 9.26 -10.08 -60.13
N LEU F 169 9.89 -8.92 -60.34
CA LEU F 169 11.24 -8.90 -60.91
C LEU F 169 12.28 -9.38 -59.91
N HIS F 170 12.06 -9.14 -58.62
CA HIS F 170 13.02 -9.52 -57.59
C HIS F 170 13.08 -11.04 -57.49
N LYS F 171 14.26 -11.60 -57.79
CA LYS F 171 14.48 -13.03 -57.73
C LYS F 171 14.69 -13.54 -56.30
N GLY F 172 14.53 -12.68 -55.29
CA GLY F 172 14.73 -13.08 -53.91
C GLY F 172 13.45 -13.59 -53.26
N LYS F 173 13.51 -13.72 -51.93
CA LYS F 173 12.37 -14.15 -51.14
C LYS F 173 11.57 -12.94 -50.66
N ARG F 174 10.24 -13.06 -50.72
CA ARG F 174 9.34 -11.98 -50.33
C ARG F 174 8.34 -12.50 -49.31
N PHE F 175 8.00 -11.64 -48.34
CA PHE F 175 7.09 -11.99 -47.26
C PHE F 175 5.99 -10.94 -47.15
N VAL F 176 4.75 -11.37 -47.21
CA VAL F 176 3.59 -10.48 -47.16
C VAL F 176 3.06 -10.45 -45.73
N TYR F 177 2.88 -9.24 -45.19
CA TYR F 177 2.26 -9.07 -43.89
C TYR F 177 0.83 -8.57 -44.08
N GLY F 178 -0.08 -9.06 -43.24
CA GLY F 178 -1.48 -8.71 -43.39
C GLY F 178 -1.72 -7.22 -43.20
N HIS F 179 -2.70 -6.71 -43.96
CA HIS F 179 -2.90 -5.27 -44.08
C HIS F 179 -2.92 -4.56 -42.74
N ASN F 180 -2.04 -3.57 -42.59
CA ASN F 180 -1.95 -2.71 -41.41
C ASN F 180 -2.09 -3.51 -40.13
N ASP F 181 -1.44 -4.68 -40.09
CA ASP F 181 -1.48 -5.52 -38.87
C ASP F 181 -0.06 -5.68 -38.33
N ASP F 183 1.32 -6.96 -35.98
CA ASP F 183 1.75 -8.24 -35.38
C ASP F 183 2.22 -9.20 -36.47
N SER F 184 1.42 -9.41 -37.53
CA SER F 184 1.92 -10.21 -38.65
C SER F 184 3.13 -9.56 -39.28
N LEU F 185 3.23 -8.23 -39.19
CA LEU F 185 4.46 -7.53 -39.55
C LEU F 185 5.58 -8.09 -38.68
N ARG F 186 5.44 -7.91 -37.36
CA ARG F 186 6.50 -8.30 -36.44
C ARG F 186 6.96 -9.73 -36.66
N LEU F 187 6.00 -10.63 -36.89
CA LEU F 187 6.36 -12.02 -37.18
C LEU F 187 7.20 -12.11 -38.45
N GLN F 188 6.88 -11.28 -39.46
CA GLN F 188 7.54 -11.46 -40.75
C GLN F 188 8.87 -10.71 -40.87
N LEU F 189 9.07 -9.72 -40.01
CA LEU F 189 10.40 -9.06 -39.97
C LEU F 189 11.33 -10.07 -39.31
N GLN F 190 10.87 -10.76 -38.26
CA GLN F 190 11.62 -11.80 -37.60
C GLN F 190 11.96 -12.93 -38.56
N HIS F 191 10.98 -13.39 -39.34
CA HIS F 191 11.33 -14.26 -40.45
C HIS F 191 12.42 -13.62 -41.30
N ALA F 192 12.13 -12.44 -41.87
CA ALA F 192 13.05 -11.81 -42.82
C ALA F 192 14.44 -11.61 -42.24
N THR F 193 14.55 -11.09 -41.02
CA THR F 193 15.88 -10.89 -40.42
C THR F 193 16.61 -12.22 -40.25
N ASP F 194 15.87 -13.30 -40.01
CA ASP F 194 16.49 -14.63 -39.95
C ASP F 194 17.11 -15.00 -41.29
N LEU F 195 16.36 -14.83 -42.39
CA LEU F 195 16.95 -15.11 -43.70
C LEU F 195 17.97 -14.07 -44.10
N ALA F 196 17.84 -12.83 -43.60
CA ALA F 196 18.80 -11.79 -43.94
C ALA F 196 20.19 -12.12 -43.44
N GLU F 197 20.28 -12.70 -42.23
CA GLU F 197 21.59 -13.05 -41.68
C GLU F 197 22.17 -14.28 -42.37
N GLU F 198 21.33 -15.26 -42.68
CA GLU F 198 21.82 -16.46 -43.36
C GLU F 198 22.24 -16.16 -44.79
N GLN F 199 21.49 -15.31 -45.48
CA GLN F 199 21.77 -14.98 -46.88
C GLN F 199 22.69 -13.77 -47.03
N LYS F 200 23.11 -13.16 -45.92
CA LYS F 200 23.93 -11.94 -45.92
C LYS F 200 23.27 -10.85 -46.78
N GLY F 201 22.07 -10.46 -46.36
CA GLY F 201 21.30 -9.46 -47.08
C GLY F 201 20.66 -8.47 -46.14
N GLY F 202 19.93 -7.53 -46.73
CA GLY F 202 19.15 -6.56 -45.99
C GLY F 202 17.67 -6.81 -46.17
N VAL F 203 16.88 -5.96 -45.50
CA VAL F 203 15.43 -6.10 -45.48
C VAL F 203 14.81 -4.78 -45.90
N LEU F 204 13.82 -4.85 -46.77
CA LEU F 204 13.08 -3.69 -47.22
C LEU F 204 11.59 -3.90 -46.92
N VAL F 205 10.96 -2.87 -46.36
CA VAL F 205 9.53 -2.87 -46.09
C VAL F 205 8.87 -1.87 -47.04
N ILE F 206 7.81 -2.30 -47.71
CA ILE F 206 7.06 -1.46 -48.62
C ILE F 206 5.63 -1.35 -48.11
N THR F 207 5.13 -0.12 -48.01
CA THR F 207 3.73 0.11 -47.70
C THR F 207 3.31 1.40 -48.41
N GLU F 208 2.04 1.76 -48.26
CA GLU F 208 1.50 2.98 -48.84
C GLU F 208 1.15 3.96 -47.74
N GLY F 209 1.35 5.25 -48.01
CA GLY F 209 0.90 6.26 -47.07
C GLY F 209 -0.61 6.25 -46.92
N VAL F 210 -1.32 6.25 -48.04
CA VAL F 210 -2.78 6.15 -48.06
C VAL F 210 -3.15 5.05 -49.05
N PHE F 211 -3.89 4.04 -48.56
CA PHE F 211 -4.36 2.96 -49.41
C PHE F 211 -5.67 3.40 -50.07
N GLY F 212 -5.69 3.37 -51.42
CA GLY F 212 -6.84 3.90 -52.15
C GLY F 212 -8.06 3.01 -52.11
N LYS F 214 -9.54 0.87 -49.41
CA LYS F 214 -10.38 1.06 -48.24
C LYS F 214 -10.25 2.44 -47.62
N GLY F 215 -9.46 3.32 -48.21
CA GLY F 215 -9.17 4.59 -47.58
C GLY F 215 -8.27 4.51 -46.38
N ASP F 216 -7.71 3.34 -46.09
CA ASP F 216 -6.84 3.18 -44.94
C ASP F 216 -5.61 4.06 -45.07
N LEU F 217 -5.07 4.47 -43.93
CA LEU F 217 -3.86 5.26 -43.86
C LEU F 217 -2.77 4.41 -43.24
N GLY F 218 -1.65 4.27 -43.93
CA GLY F 218 -0.53 3.49 -43.42
C GLY F 218 -0.10 3.95 -42.04
N LYS F 219 0.02 3.00 -41.12
CA LYS F 219 0.36 3.30 -39.72
C LYS F 219 1.85 3.62 -39.58
N LEU F 220 2.27 4.66 -40.30
CA LEU F 220 3.69 4.94 -40.50
C LEU F 220 4.45 5.07 -39.17
N ASP F 221 3.84 5.72 -38.17
CA ASP F 221 4.53 5.89 -36.89
C ASP F 221 4.83 4.53 -36.26
N GLU F 222 3.84 3.64 -36.26
CA GLU F 222 4.04 2.32 -35.70
C GLU F 222 5.12 1.54 -36.46
N ILE F 223 5.14 1.67 -37.79
CA ILE F 223 6.14 0.96 -38.59
C ILE F 223 7.54 1.47 -38.27
N VAL F 224 7.70 2.80 -38.25
CA VAL F 224 9.03 3.36 -37.95
C VAL F 224 9.39 3.06 -36.50
N ALA F 225 8.40 2.87 -35.63
CA ALA F 225 8.68 2.49 -34.26
C ALA F 225 9.30 1.08 -34.20
N LEU F 226 8.86 0.18 -35.09
CA LEU F 226 9.46 -1.15 -35.15
C LEU F 226 10.90 -1.10 -35.68
N LYS F 227 11.31 0.02 -36.29
CA LYS F 227 12.70 0.19 -36.67
C LYS F 227 13.62 0.43 -35.49
N LYS F 228 13.09 0.44 -34.27
CA LYS F 228 13.95 0.47 -33.09
C LYS F 228 14.52 -0.91 -32.78
N ASP F 229 13.75 -1.97 -33.04
CA ASP F 229 14.22 -3.34 -32.84
C ASP F 229 14.93 -3.88 -34.09
N PHE F 230 14.24 -3.87 -35.23
CA PHE F 230 14.75 -4.47 -36.45
C PHE F 230 15.55 -3.48 -37.31
N GLN F 231 15.05 -2.24 -37.45
CA GLN F 231 15.77 -1.16 -38.11
C GLN F 231 16.00 -1.42 -39.60
N PHE F 232 14.96 -1.93 -40.28
CA PHE F 232 15.04 -2.17 -41.71
C PHE F 232 14.73 -0.90 -42.49
N ARG F 233 15.17 -0.88 -43.75
CA ARG F 233 14.90 0.27 -44.62
C ARG F 233 13.45 0.24 -45.08
N LEU F 234 12.88 1.43 -45.31
CA LEU F 234 11.46 1.58 -45.57
C LEU F 234 11.21 2.31 -46.89
N LEU F 235 10.19 1.85 -47.62
CA LEU F 235 9.72 2.45 -48.86
C LEU F 235 8.23 2.73 -48.73
N VAL F 236 7.81 3.92 -49.13
CA VAL F 236 6.43 4.36 -48.99
C VAL F 236 5.93 4.92 -50.32
N ASP F 237 4.71 4.53 -50.70
CA ASP F 237 4.03 5.05 -51.88
C ASP F 237 2.97 6.03 -51.38
N ASP F 238 3.26 7.32 -51.51
CA ASP F 238 2.39 8.39 -51.04
C ASP F 238 1.54 8.96 -52.17
N ALA F 239 1.09 8.10 -53.09
CA ALA F 239 0.35 8.58 -54.26
C ALA F 239 -0.94 9.28 -53.86
N HIS F 240 -1.66 8.75 -52.87
CA HIS F 240 -2.93 9.32 -52.45
C HIS F 240 -2.81 10.32 -51.32
N GLY F 241 -1.63 10.46 -50.72
CA GLY F 241 -1.49 11.35 -49.58
C GLY F 241 -0.82 12.67 -49.90
N PHE F 242 -0.03 12.73 -50.98
CA PHE F 242 0.62 13.98 -51.35
C PHE F 242 -0.43 15.01 -51.75
N GLY F 243 -0.16 16.26 -51.37
CA GLY F 243 -1.13 17.33 -51.54
C GLY F 243 -2.31 17.28 -50.60
N THR F 244 -2.46 16.21 -49.84
CA THR F 244 -3.62 15.96 -48.99
C THR F 244 -3.27 15.75 -47.52
N GLY F 246 -0.57 15.85 -44.02
CA GLY F 246 0.53 16.57 -43.41
C GLY F 246 0.36 18.08 -43.44
N GLU F 247 1.37 18.74 -42.86
CA GLU F 247 1.39 20.20 -42.81
C GLU F 247 1.47 20.78 -44.21
N GLY F 248 0.39 21.41 -44.67
CA GLY F 248 0.39 22.00 -46.00
C GLY F 248 0.41 20.98 -47.12
N GLY F 249 -0.06 19.77 -46.86
CA GLY F 249 -0.17 18.76 -47.91
C GLY F 249 1.12 18.08 -48.29
N ARG F 250 2.12 18.06 -47.40
CA ARG F 250 3.40 17.43 -47.74
C ARG F 250 3.23 15.93 -47.97
N GLY F 251 2.40 15.29 -47.17
CA GLY F 251 2.14 13.87 -47.35
C GLY F 251 1.90 13.19 -46.02
N THR F 252 1.68 11.88 -46.11
CA THR F 252 1.42 11.07 -44.92
C THR F 252 2.63 11.06 -44.00
N ALA F 253 3.85 11.07 -44.56
CA ALA F 253 5.05 11.10 -43.73
C ALA F 253 5.10 12.35 -42.85
N SER F 254 4.74 13.52 -43.41
CA SER F 254 4.68 14.73 -42.61
C SER F 254 3.53 14.68 -41.60
N HIS F 255 2.39 14.10 -42.00
CA HIS F 255 1.26 13.95 -41.10
C HIS F 255 1.68 13.26 -39.81
N PHE F 256 2.54 12.25 -39.91
CA PHE F 256 3.01 11.50 -38.76
C PHE F 256 4.31 12.05 -38.19
N GLY F 257 4.93 13.03 -38.85
CA GLY F 257 6.17 13.59 -38.37
C GLY F 257 7.33 12.61 -38.43
N VAL F 258 7.33 11.71 -39.40
CA VAL F 258 8.38 10.70 -39.52
C VAL F 258 9.00 10.77 -40.91
N THR F 259 9.14 11.98 -41.44
CA THR F 259 9.77 12.16 -42.75
C THR F 259 11.19 11.57 -42.77
N ASP F 260 11.90 11.68 -41.65
CA ASP F 260 13.25 11.12 -41.57
C ASP F 260 13.23 9.60 -41.47
N GLY F 261 12.18 9.02 -40.88
CA GLY F 261 12.08 7.57 -40.79
C GLY F 261 11.80 6.88 -42.11
N VAL F 262 11.27 7.61 -43.08
CA VAL F 262 11.05 7.08 -44.42
C VAL F 262 12.32 7.32 -45.23
N ASP F 263 12.93 6.24 -45.72
CA ASP F 263 14.18 6.36 -46.46
C ASP F 263 13.95 6.72 -47.92
N VAL F 264 13.00 6.06 -48.57
CA VAL F 264 12.68 6.30 -49.98
C VAL F 264 11.20 6.68 -50.06
N LEU F 265 10.93 7.84 -50.66
CA LEU F 265 9.58 8.37 -50.74
C LEU F 265 9.17 8.46 -52.20
N PHE F 266 8.16 7.67 -52.58
CA PHE F 266 7.61 7.66 -53.93
C PHE F 266 6.33 8.48 -53.95
N ASN F 267 6.22 9.38 -54.93
CA ASN F 267 4.97 10.08 -55.20
C ASN F 267 4.77 10.18 -56.70
N THR F 268 3.54 10.50 -57.10
CA THR F 268 3.20 10.64 -58.51
C THR F 268 2.41 11.93 -58.72
N PHE F 269 2.36 12.36 -59.99
CA PHE F 269 1.60 13.53 -60.40
C PHE F 269 0.16 13.20 -60.78
N ALA F 270 -0.26 11.96 -60.58
CA ALA F 270 -1.61 11.54 -61.05
C ALA F 270 -2.73 11.88 -60.07
N LYS F 271 -2.41 12.30 -58.84
CA LYS F 271 -3.48 12.53 -57.85
C LYS F 271 -3.84 14.01 -57.78
N SER F 272 -3.45 14.68 -56.69
CA SER F 272 -3.79 16.12 -56.50
C SER F 272 -3.14 16.95 -57.61
N ALA F 274 -2.70 16.28 -60.52
CA ALA F 274 -3.56 16.14 -61.72
C ALA F 274 -2.73 16.28 -63.01
N GLY F 275 -1.79 15.35 -63.22
CA GLY F 275 -0.97 15.33 -64.45
C GLY F 275 -0.39 13.95 -64.71
N ILE F 276 0.79 13.90 -65.33
CA ILE F 276 1.45 12.64 -65.65
C ILE F 276 2.88 12.75 -65.14
N GLY F 277 3.48 11.62 -64.84
CA GLY F 277 4.81 11.59 -64.27
C GLY F 277 4.79 11.31 -62.78
N ALA F 278 6.00 11.24 -62.22
CA ALA F 278 6.18 10.90 -60.81
C ALA F 278 7.58 11.34 -60.39
N PHE F 279 7.88 11.17 -59.11
CA PHE F 279 9.19 11.56 -58.60
C PHE F 279 9.51 10.79 -57.34
N VAL F 280 10.76 10.32 -57.24
CA VAL F 280 11.27 9.64 -56.05
C VAL F 280 12.13 10.60 -55.26
N CYS F 281 11.94 10.63 -53.94
CA CYS F 281 12.78 11.40 -53.05
C CYS F 281 13.57 10.47 -52.14
N GLY F 282 14.68 10.98 -51.62
CA GLY F 282 15.53 10.22 -50.74
C GLY F 282 16.88 10.87 -50.61
N PRO F 283 17.82 10.19 -49.95
CA PRO F 283 19.16 10.74 -49.86
C PRO F 283 19.80 10.90 -51.22
N ARG F 284 20.63 11.92 -51.32
CA ARG F 284 20.99 12.44 -52.62
C ARG F 284 22.02 11.53 -53.35
N TRP F 285 22.85 10.83 -52.57
CA TRP F 285 23.62 9.71 -53.09
C TRP F 285 22.82 8.58 -53.76
N LEU F 286 21.63 8.28 -53.22
CA LEU F 286 20.80 7.22 -53.77
C LEU F 286 20.08 7.66 -55.04
N VAL F 287 19.53 8.87 -55.04
CA VAL F 287 18.83 9.38 -56.22
C VAL F 287 19.74 9.32 -57.44
N ASN F 288 21.02 9.62 -57.27
CA ASN F 288 21.94 9.58 -58.39
C ASN F 288 22.22 8.15 -58.85
N LEU F 289 22.17 7.19 -57.93
CA LEU F 289 22.19 5.78 -58.33
C LEU F 289 20.96 5.44 -59.15
N LEU F 290 19.80 5.91 -58.71
CA LEU F 290 18.58 5.69 -59.47
C LEU F 290 18.63 6.41 -60.81
N ARG F 291 19.26 7.59 -60.84
CA ARG F 291 19.35 8.39 -62.06
C ARG F 291 20.02 7.62 -63.20
N TYR F 292 20.98 6.77 -62.86
CA TYR F 292 21.83 6.13 -63.87
C TYR F 292 21.65 4.62 -63.92
N ASN F 293 20.64 4.08 -63.25
CA ASN F 293 20.40 2.64 -63.26
C ASN F 293 18.95 2.24 -63.47
N ARG F 295 16.00 1.21 -65.17
CA ARG F 295 15.84 0.77 -66.56
C ARG F 295 14.67 1.47 -67.24
N SER F 296 13.55 1.64 -66.53
CA SER F 296 12.40 2.28 -67.14
C SER F 296 12.65 3.74 -67.47
N GLN F 297 13.50 4.42 -66.70
CA GLN F 297 13.87 5.79 -67.03
C GLN F 297 14.96 5.85 -68.08
N LEU F 298 15.85 4.85 -68.09
CA LEU F 298 17.00 4.88 -68.99
C LEU F 298 16.57 4.68 -70.44
N TYR F 299 15.76 3.66 -70.70
CA TYR F 299 15.41 3.25 -72.05
C TYR F 299 13.99 3.67 -72.42
N ALA F 300 13.60 4.88 -72.02
CA ALA F 300 12.33 5.46 -72.41
C ALA F 300 12.45 6.97 -72.35
N LYS F 301 11.54 7.65 -73.03
CA LYS F 301 11.61 9.10 -73.11
C LYS F 301 11.35 9.74 -71.75
N SER F 302 11.93 10.91 -71.56
CA SER F 302 11.77 11.65 -70.32
C SER F 302 10.38 12.25 -70.22
N LEU F 303 10.10 12.89 -69.09
CA LEU F 303 8.83 13.59 -68.92
C LEU F 303 8.78 14.80 -69.84
N PRO F 304 7.75 14.94 -70.67
CA PRO F 304 7.64 16.13 -71.52
C PRO F 304 7.82 17.44 -70.77
N PRO F 306 6.17 20.43 -71.28
CA PRO F 306 4.92 21.08 -70.84
C PRO F 306 4.38 20.51 -69.54
N VAL F 308 6.43 19.25 -67.13
CA VAL F 308 7.34 19.87 -66.16
C VAL F 308 6.91 21.29 -65.85
N GLY F 310 4.03 22.84 -66.29
CA GLY F 310 2.81 22.82 -65.52
C GLY F 310 3.01 22.37 -64.09
N ALA F 311 3.95 21.43 -63.88
CA ALA F 311 4.18 20.91 -62.53
C ALA F 311 4.80 21.98 -61.63
N LEU F 312 5.68 22.82 -62.16
CA LEU F 312 6.22 23.93 -61.37
C LEU F 312 5.09 24.84 -60.90
N LYS F 313 4.19 25.22 -61.81
CA LYS F 313 3.08 26.09 -61.43
C LYS F 313 2.19 25.44 -60.40
N ARG F 314 1.86 24.15 -60.60
CA ARG F 314 1.01 23.43 -59.65
C ARG F 314 1.66 23.38 -58.27
N LEU F 315 2.97 23.17 -58.21
CA LEU F 315 3.65 23.11 -56.92
C LEU F 315 3.68 24.47 -56.25
N GLU F 316 3.95 25.53 -57.02
CA GLU F 316 3.86 26.89 -56.53
C GLU F 316 2.49 27.15 -55.91
N LEU F 317 1.43 26.72 -56.60
CA LEU F 317 0.07 27.00 -56.16
C LEU F 317 -0.21 26.38 -54.80
N ILE F 318 0.15 25.11 -54.63
CA ILE F 318 -0.16 24.43 -53.37
C ILE F 318 0.71 24.96 -52.24
N ARG F 319 1.94 25.41 -52.54
CA ARG F 319 2.78 25.98 -51.50
C ARG F 319 2.25 27.34 -51.06
N ASN F 320 1.94 28.20 -52.05
CA ASN F 320 1.47 29.55 -51.76
C ASN F 320 0.08 29.57 -51.17
N HIS F 321 -0.72 28.53 -51.38
CA HIS F 321 -2.11 28.51 -50.92
C HIS F 321 -2.39 27.21 -50.17
N PRO F 322 -2.19 27.18 -48.87
CA PRO F 322 -2.57 25.98 -48.13
C PRO F 322 -4.07 25.85 -47.94
N GLU F 323 -4.83 26.70 -48.64
CA GLU F 323 -6.28 26.73 -48.43
C GLU F 323 -6.99 25.57 -49.15
N TYR F 324 -6.46 25.12 -50.30
CA TYR F 324 -7.14 24.04 -51.00
C TYR F 324 -7.17 22.77 -50.16
N GLN F 325 -6.08 22.49 -49.42
CA GLN F 325 -6.07 21.29 -48.58
C GLN F 325 -7.13 21.38 -47.48
N GLN F 326 -7.24 22.54 -46.83
CA GLN F 326 -8.25 22.72 -45.80
C GLN F 326 -9.66 22.69 -46.40
N LYS F 327 -9.83 23.32 -47.56
CA LYS F 327 -11.09 23.24 -48.31
C LYS F 327 -11.50 21.80 -48.54
N LEU F 328 -10.60 20.99 -49.11
CA LEU F 328 -10.88 19.58 -49.35
C LEU F 328 -11.23 18.87 -48.05
N TRP F 329 -10.49 19.14 -46.97
CA TRP F 329 -10.83 18.49 -45.72
C TRP F 329 -12.07 19.07 -45.07
N GLU F 330 -12.65 20.13 -45.62
CA GLU F 330 -13.97 20.54 -45.16
C GLU F 330 -15.07 19.67 -45.77
N ILE F 331 -14.91 19.29 -47.04
CA ILE F 331 -15.89 18.43 -47.69
C ILE F 331 -15.85 17.04 -47.07
N VAL F 332 -14.66 16.45 -46.97
CA VAL F 332 -14.56 15.05 -46.56
C VAL F 332 -15.18 14.83 -45.18
N ARG F 333 -15.00 15.78 -44.26
CA ARG F 333 -15.70 15.67 -42.98
C ARG F 333 -17.20 15.88 -43.17
N ALA F 334 -17.59 17.00 -43.79
CA ALA F 334 -18.99 17.27 -44.06
C ALA F 334 -19.66 16.06 -44.71
N LEU F 335 -18.99 15.47 -45.71
CA LEU F 335 -19.45 14.23 -46.32
C LEU F 335 -19.43 13.09 -45.30
N GLN F 336 -18.24 12.71 -44.83
CA GLN F 336 -18.09 11.50 -44.01
C GLN F 336 -19.02 11.52 -42.79
N ASN F 337 -19.05 12.65 -42.06
CA ASN F 337 -19.99 12.73 -40.94
C ASN F 337 -21.42 12.65 -41.41
N GLY F 338 -21.72 13.23 -42.57
CA GLY F 338 -23.08 13.18 -43.10
C GLY F 338 -23.55 11.76 -43.35
N LEU F 339 -22.72 10.96 -44.04
CA LEU F 339 -23.06 9.56 -44.24
C LEU F 339 -23.01 8.79 -42.92
N LYS F 340 -22.11 9.18 -42.02
CA LYS F 340 -22.02 8.52 -40.73
C LYS F 340 -23.21 8.87 -39.83
N GLU F 341 -23.59 10.16 -39.80
CA GLU F 341 -24.77 10.56 -39.04
C GLU F 341 -26.00 9.81 -39.47
N ASN F 342 -26.02 9.42 -40.73
CA ASN F 342 -27.21 8.92 -41.36
C ASN F 342 -27.18 7.43 -41.51
N GLY F 343 -26.11 6.77 -41.06
CA GLY F 343 -26.09 5.33 -40.96
C GLY F 343 -25.39 4.61 -42.09
N PHE F 344 -24.81 5.34 -43.03
CA PHE F 344 -23.93 4.74 -44.02
C PHE F 344 -22.60 4.40 -43.36
N GLU F 345 -21.93 3.40 -43.91
CA GLU F 345 -20.71 2.86 -43.30
C GLU F 345 -19.49 3.44 -44.00
N ILE F 346 -18.78 4.32 -43.30
CA ILE F 346 -17.46 4.80 -43.73
C ILE F 346 -16.55 4.89 -42.51
N GLY F 347 -16.35 3.76 -41.83
CA GLY F 347 -15.67 3.76 -40.55
C GLY F 347 -14.21 3.37 -40.56
N VAL F 348 -13.63 3.08 -41.72
CA VAL F 348 -12.26 2.57 -41.79
C VAL F 348 -11.29 3.58 -42.37
N THR F 349 -11.77 4.74 -42.82
CA THR F 349 -10.96 5.70 -43.56
C THR F 349 -10.59 6.89 -42.70
N ASN F 350 -9.30 7.21 -42.67
CA ASN F 350 -8.80 8.47 -42.13
C ASN F 350 -8.31 9.39 -43.23
N SER F 351 -8.72 9.14 -44.47
CA SER F 351 -8.29 9.87 -45.65
C SER F 351 -9.52 10.34 -46.41
N PRO F 352 -9.35 11.24 -47.38
CA PRO F 352 -10.51 11.69 -48.18
C PRO F 352 -11.21 10.56 -48.91
N VAL F 353 -10.58 9.40 -49.08
CA VAL F 353 -11.27 8.26 -49.68
C VAL F 353 -12.48 7.91 -48.84
N THR F 354 -13.69 8.15 -49.36
CA THR F 354 -14.93 7.78 -48.70
C THR F 354 -15.60 6.65 -49.47
N PRO F 355 -15.24 5.40 -49.23
CA PRO F 355 -16.00 4.29 -49.81
C PRO F 355 -17.17 3.88 -48.92
N VAL F 356 -18.35 3.78 -49.49
CA VAL F 356 -19.53 3.34 -48.76
C VAL F 356 -19.64 1.83 -48.89
N PHE F 357 -20.16 1.18 -47.85
CA PHE F 357 -20.21 -0.27 -47.79
C PHE F 357 -21.66 -0.72 -47.68
N LYS F 359 -24.86 -3.88 -49.30
CA LYS F 359 -25.12 -5.27 -49.64
C LYS F 359 -26.11 -5.35 -50.79
N GLY F 360 -25.88 -6.29 -51.70
CA GLY F 360 -26.79 -6.49 -52.82
C GLY F 360 -26.13 -7.26 -53.92
N GLY F 361 -26.95 -7.70 -54.88
CA GLY F 361 -26.46 -8.45 -56.01
C GLY F 361 -26.04 -7.58 -57.18
N ILE F 362 -25.45 -8.23 -58.18
CA ILE F 362 -25.04 -7.51 -59.39
C ILE F 362 -26.25 -6.85 -60.08
N PRO F 363 -27.38 -7.54 -60.30
CA PRO F 363 -28.54 -6.85 -60.87
C PRO F 363 -29.03 -5.68 -60.02
N GLU F 364 -28.91 -5.78 -58.70
CA GLU F 364 -29.29 -4.65 -57.84
C GLU F 364 -28.29 -3.50 -57.98
N ALA F 365 -26.99 -3.81 -58.01
CA ALA F 365 -25.98 -2.77 -58.07
C ALA F 365 -26.03 -2.00 -59.38
N THR F 366 -26.26 -2.70 -60.50
CA THR F 366 -26.30 -2.01 -61.78
C THR F 366 -27.54 -1.12 -61.90
N ASN F 367 -28.68 -1.58 -61.36
CA ASN F 367 -29.88 -0.76 -61.40
C ASN F 367 -29.83 0.36 -60.38
N LEU F 368 -29.10 0.16 -59.29
CA LEU F 368 -28.81 1.24 -58.36
C LEU F 368 -28.12 2.39 -59.09
N ILE F 369 -27.13 2.07 -59.93
CA ILE F 369 -26.30 3.10 -60.54
C ILE F 369 -27.07 3.88 -61.60
N VAL F 370 -27.88 3.18 -62.41
CA VAL F 370 -28.72 3.91 -63.36
C VAL F 370 -29.74 4.78 -62.65
N ASP F 371 -30.09 4.45 -61.41
CA ASP F 371 -30.96 5.34 -60.64
C ASP F 371 -30.19 6.59 -60.20
N LEU F 372 -28.91 6.44 -59.87
CA LEU F 372 -28.10 7.59 -59.50
C LEU F 372 -27.92 8.54 -60.68
N ARG F 373 -27.65 7.99 -61.87
CA ARG F 373 -27.25 8.81 -63.01
C ARG F 373 -28.46 9.39 -63.73
N GLU F 374 -29.38 8.54 -64.18
CA GLU F 374 -30.49 9.01 -64.99
C GLU F 374 -31.47 9.85 -64.18
N ASN F 375 -31.71 9.47 -62.93
CA ASN F 375 -32.74 10.10 -62.11
C ASN F 375 -32.20 11.20 -61.20
N HIS F 376 -31.15 10.90 -60.43
CA HIS F 376 -30.59 11.86 -59.49
C HIS F 376 -29.35 12.57 -60.01
N GLY F 377 -28.79 12.13 -61.13
CA GLY F 377 -27.63 12.78 -61.70
C GLY F 377 -26.39 12.73 -60.84
N ILE F 378 -26.04 11.54 -60.37
CA ILE F 378 -24.88 11.32 -59.51
C ILE F 378 -23.99 10.27 -60.16
N PHE F 379 -22.74 10.63 -60.42
CA PHE F 379 -21.79 9.75 -61.10
C PHE F 379 -20.78 9.21 -60.10
N CYS F 380 -20.75 7.89 -59.94
CA CYS F 380 -19.75 7.22 -59.13
C CYS F 380 -19.41 5.90 -59.79
N SER F 381 -18.21 5.40 -59.50
CA SER F 381 -17.83 4.05 -59.89
C SER F 381 -18.28 3.07 -58.82
N ILE F 382 -18.61 1.86 -59.24
CA ILE F 382 -19.06 0.83 -58.32
C ILE F 382 -18.08 -0.34 -58.37
N VAL F 383 -17.92 -1.00 -57.22
CA VAL F 383 -16.95 -2.09 -57.06
C VAL F 383 -17.76 -3.36 -56.84
N ILE F 384 -17.90 -4.17 -57.90
CA ILE F 384 -18.80 -5.30 -57.90
C ILE F 384 -18.04 -6.61 -57.86
N TYR F 385 -18.73 -7.71 -58.14
CA TYR F 385 -18.26 -9.06 -57.81
C TYR F 385 -16.85 -9.38 -58.29
N PRO F 386 -16.45 -9.14 -59.56
CA PRO F 386 -15.14 -9.65 -60.02
C PRO F 386 -13.96 -9.33 -59.12
N VAL F 387 -14.09 -8.30 -58.29
CA VAL F 387 -13.02 -7.89 -57.38
C VAL F 387 -13.41 -8.00 -55.92
N ILE F 388 -14.69 -8.11 -55.60
CA ILE F 388 -15.19 -8.09 -54.21
C ILE F 388 -16.27 -9.14 -54.07
N PRO F 389 -16.38 -9.76 -52.88
CA PRO F 389 -17.31 -10.89 -52.73
C PRO F 389 -18.71 -10.59 -53.24
N LYS F 390 -19.28 -11.56 -53.96
CA LYS F 390 -20.63 -11.42 -54.47
C LYS F 390 -21.58 -11.16 -53.31
N GLY F 391 -22.35 -10.07 -53.43
CA GLY F 391 -23.17 -9.58 -52.35
C GLY F 391 -22.73 -8.24 -51.80
N GLU F 392 -21.47 -7.88 -51.99
CA GLU F 392 -20.95 -6.61 -51.53
C GLU F 392 -21.03 -5.57 -52.64
N ILE F 393 -21.47 -4.37 -52.29
CA ILE F 393 -21.48 -3.22 -53.18
C ILE F 393 -20.66 -2.12 -52.54
N ILE F 394 -19.58 -1.72 -53.20
CA ILE F 394 -18.68 -0.68 -52.70
C ILE F 394 -18.82 0.53 -53.60
N LEU F 395 -19.34 1.62 -53.04
CA LEU F 395 -19.45 2.88 -53.76
C LEU F 395 -18.18 3.69 -53.54
N ARG F 396 -17.59 4.17 -54.64
CA ARG F 396 -16.38 4.98 -54.59
C ARG F 396 -16.78 6.44 -54.69
N VAL F 397 -16.70 7.16 -53.59
CA VAL F 397 -16.99 8.59 -53.53
C VAL F 397 -15.69 9.32 -53.21
N ILE F 398 -15.21 10.12 -54.14
CA ILE F 398 -13.93 10.80 -53.99
C ILE F 398 -14.16 12.31 -53.95
N PRO F 399 -14.04 12.93 -52.78
CA PRO F 399 -14.28 14.38 -52.67
C PRO F 399 -13.10 15.18 -53.17
N THR F 400 -13.40 16.36 -53.69
CA THR F 400 -12.37 17.27 -54.18
C THR F 400 -12.61 18.66 -53.59
N ALA F 401 -11.54 19.46 -53.58
CA ALA F 401 -11.62 20.83 -53.08
C ALA F 401 -12.40 21.75 -54.02
N ALA F 402 -12.86 21.25 -55.17
CA ALA F 402 -13.74 21.99 -56.04
C ALA F 402 -15.22 21.69 -55.79
N HIS F 403 -15.52 20.70 -54.96
CA HIS F 403 -16.90 20.39 -54.60
C HIS F 403 -17.44 21.43 -53.64
N THR F 404 -18.72 21.77 -53.80
CA THR F 404 -19.41 22.67 -52.89
C THR F 404 -20.10 21.88 -51.79
N LEU F 405 -20.60 22.60 -50.79
CA LEU F 405 -21.41 21.95 -49.76
C LEU F 405 -22.77 21.54 -50.31
N ASP F 406 -23.29 22.31 -51.26
CA ASP F 406 -24.49 21.89 -51.98
C ASP F 406 -24.27 20.57 -52.69
N ASP F 407 -23.06 20.38 -53.23
CA ASP F 407 -22.72 19.11 -53.86
C ASP F 407 -22.78 17.96 -52.87
N VAL F 408 -22.36 18.21 -51.62
CA VAL F 408 -22.44 17.19 -50.58
C VAL F 408 -23.89 16.83 -50.30
N ASN F 409 -24.73 17.84 -50.05
CA ASN F 409 -26.09 17.60 -49.58
C ASN F 409 -26.92 16.88 -50.64
N TYR F 410 -26.86 17.35 -51.89
CA TYR F 410 -27.49 16.65 -53.00
C TYR F 410 -27.10 15.17 -52.99
N THR F 411 -25.80 14.89 -52.79
CA THR F 411 -25.31 13.52 -52.93
C THR F 411 -25.86 12.61 -51.82
N ILE F 412 -25.73 13.03 -50.56
CA ILE F 412 -26.23 12.19 -49.47
C ILE F 412 -27.74 12.05 -49.54
N ALA F 413 -28.43 13.06 -50.06
CA ALA F 413 -29.87 12.94 -50.26
C ALA F 413 -30.21 11.91 -51.33
N ALA F 414 -29.53 12.01 -52.48
CA ALA F 414 -29.74 11.02 -53.54
C ALA F 414 -29.34 9.62 -53.07
N PHE F 415 -28.22 9.51 -52.35
CA PHE F 415 -27.82 8.24 -51.77
C PHE F 415 -28.90 7.69 -50.83
N LYS F 416 -29.60 8.58 -50.14
CA LYS F 416 -30.64 8.12 -49.17
C LYS F 416 -31.78 7.46 -49.94
N SER F 417 -32.39 8.17 -50.89
CA SER F 417 -33.53 7.61 -51.60
C SER F 417 -33.20 6.24 -52.17
N VAL F 418 -31.98 6.08 -52.67
CA VAL F 418 -31.60 4.86 -53.36
C VAL F 418 -31.33 3.72 -52.38
N ARG F 419 -30.81 4.02 -51.19
CA ARG F 419 -30.63 2.98 -50.17
C ARG F 419 -31.97 2.39 -49.75
N ASP F 420 -33.01 3.23 -49.69
CA ASP F 420 -34.35 2.72 -49.40
C ASP F 420 -34.79 1.72 -50.46
N LYS F 421 -34.52 2.02 -51.74
CA LYS F 421 -34.91 1.12 -52.81
C LYS F 421 -34.10 -0.18 -52.75
N LEU F 422 -32.81 -0.08 -52.44
CA LEU F 422 -31.98 -1.28 -52.32
C LEU F 422 -32.44 -2.16 -51.16
N GLU F 423 -32.64 -1.55 -49.99
CA GLU F 423 -33.08 -2.31 -48.83
C GLU F 423 -34.49 -2.86 -49.01
N GLY F 424 -35.32 -2.17 -49.78
CA GLY F 424 -36.69 -2.60 -50.00
C GLY F 424 -36.85 -3.59 -51.14
N GLY F 425 -35.76 -4.22 -51.55
CA GLY F 425 -35.80 -5.24 -52.58
C GLY F 425 -36.29 -4.76 -53.92
N ILE F 426 -36.53 -3.45 -54.06
CA ILE F 426 -36.98 -2.92 -55.35
C ILE F 426 -35.96 -3.19 -56.43
N TYR F 427 -34.67 -3.17 -56.08
CA TYR F 427 -33.62 -3.31 -57.10
C TYR F 427 -33.41 -4.73 -57.57
N ALA F 428 -33.81 -5.74 -56.79
CA ALA F 428 -33.75 -7.11 -57.28
C ALA F 428 -34.84 -7.42 -58.31
N GLN F 429 -35.84 -6.57 -58.44
CA GLN F 429 -36.93 -6.83 -59.37
C GLN F 429 -36.50 -6.67 -60.82
N PRO F 431 -34.06 -6.38 -64.25
CA PRO F 431 -32.88 -7.07 -64.78
C PRO F 431 -31.75 -6.08 -65.06
N ILE F 432 -30.58 -6.64 -65.36
CA ILE F 432 -29.39 -5.82 -65.61
C ILE F 432 -29.66 -4.91 -66.81
N PRO F 433 -29.53 -3.59 -66.66
CA PRO F 433 -29.69 -2.70 -67.81
C PRO F 433 -28.57 -2.89 -68.81
N VAL F 434 -28.89 -2.71 -70.08
CA VAL F 434 -27.90 -2.91 -71.14
C VAL F 434 -26.76 -1.91 -70.97
N ARG F 435 -27.09 -0.62 -70.93
CA ARG F 435 -26.15 0.46 -70.59
C ARG F 435 -24.79 0.25 -71.26
N ALA F 436 -24.82 -0.07 -72.55
CA ALA F 436 -23.60 -0.35 -73.30
C ALA F 436 -23.52 0.58 -74.50
N ASP F 437 -22.30 1.02 -74.80
CA ASP F 437 -22.07 1.85 -75.99
C ASP F 437 -22.41 1.04 -77.23
N GLU F 438 -23.34 1.58 -78.01
CA GLU F 438 -23.73 0.96 -79.28
C GLU F 438 -22.53 0.91 -80.22
N GLY F 439 -22.41 -0.20 -80.95
CA GLY F 439 -21.29 -0.39 -81.84
C GLY F 439 -20.06 -1.02 -81.21
N PHE F 440 -20.02 -1.05 -79.87
CA PHE F 440 -18.92 -1.78 -79.20
C PHE F 440 -19.10 -3.26 -79.50
N LYS F 441 -18.36 -3.78 -80.47
CA LYS F 441 -18.43 -5.18 -80.83
C LYS F 441 -17.37 -5.93 -80.02
N VAL F 442 -17.82 -6.66 -79.01
CA VAL F 442 -16.93 -7.60 -78.30
C VAL F 442 -16.25 -8.52 -79.29
N ARG F 443 -17.00 -9.02 -80.27
CA ARG F 443 -16.64 -10.19 -81.04
C ARG F 443 -16.66 -9.92 -82.54
#